data_4XG1
#
_entry.id   4XG1
#
_cell.length_a   89.960
_cell.length_b   103.130
_cell.length_c   93.590
_cell.angle_alpha   90.00
_cell.angle_beta   94.77
_cell.angle_gamma   90.00
#
_symmetry.space_group_name_H-M   'P 1 21 1'
#
loop_
_entity.id
_entity.type
_entity.pdbx_description
1 polymer 'Diaminopimelate decarboxylase'
2 non-polymer 'THIOCYANATE ION'
3 non-polymer 'POTASSIUM ION'
4 non-polymer PROPANE
5 non-polymer '(2S)-2-amino-6-[[3-hydroxy-2-methyl-5-(phosphonooxymethyl)pyridin-4-yl]methylideneamino]hexanoic acid'
6 water water
#
_entity_poly.entity_id   1
_entity_poly.type   'polypeptide(L)'
_entity_poly.pdbx_seq_one_letter_code
;MDHFNYQNDGRLFVEGLPVEQVVKKTGTPAYIYSRATIERHWQAFDSAAGKHPHLICYAVKANSNLAVLNLMARMGSGFD
IVSVGELMRVIQAGGDPKKIVFSGVGKTEIEISAALQANIMCFNVESISELYRINSVAKALNVKAPISIRINPNIDAGTH
PYISTGLKENKFGIEIEQALDVYKIASDLEFLEIKGVDCHIGSQLTEIAPFIEALDKLLILIDLLAEKGITISHLDLGGG
LGVPYDDETPPEPAEYMTAIINRMAGRSLKLIFEPGRAIMANAGVLVTKVEFLKLNDYKNFAIVDAAMNDLIRPALYSAW
QNIIPLNTDYQDGQDRPVRSYDIVGPICETGDFLGKERQLALAEGDYLVIRSTGAYGSTMSSNYNSRCRAAEILVDGEKA
FIVREREELKDLWRGEHILPIHHHHHH
;
_entity_poly.pdbx_strand_id   A,B,C,D
#
loop_
_chem_comp.id
_chem_comp.type
_chem_comp.name
_chem_comp.formula
K non-polymer 'POTASSIUM ION' 'K 1'
SCN non-polymer 'THIOCYANATE ION' 'C N S -1'
TME non-polymer PROPANE 'C3 H8'
#
# COMPACT_ATOMS: atom_id res chain seq x y z
N ASP A 2 8.94 5.94 34.66
CA ASP A 2 9.12 4.51 34.44
C ASP A 2 8.13 3.54 35.14
N HIS A 3 7.27 2.92 34.37
CA HIS A 3 6.44 1.83 34.85
C HIS A 3 6.96 0.49 34.32
N PHE A 4 8.25 0.46 33.96
CA PHE A 4 8.92 -0.79 33.63
C PHE A 4 9.63 -1.19 34.90
N ASN A 5 9.14 -2.26 35.54
CA ASN A 5 9.52 -2.60 36.93
C ASN A 5 9.55 -4.10 37.19
N TYR A 6 10.64 -4.56 37.78
CA TYR A 6 10.74 -5.99 38.14
C TYR A 6 9.76 -6.23 39.32
N GLN A 7 9.13 -7.41 39.36
CA GLN A 7 7.97 -7.65 40.25
C GLN A 7 7.59 -9.16 40.30
N ASN A 8 8.51 -9.95 40.86
CA ASN A 8 8.26 -11.31 41.36
C ASN A 8 9.35 -11.62 42.34
N ARG A 11 10.04 -11.43 37.40
CA ARG A 11 9.55 -11.14 36.06
C ARG A 11 9.37 -9.59 35.85
N LEU A 12 9.78 -9.11 34.67
CA LEU A 12 9.69 -7.67 34.31
C LEU A 12 8.28 -7.33 33.87
N PHE A 13 7.78 -6.22 34.37
CA PHE A 13 6.41 -5.82 34.10
C PHE A 13 6.43 -4.47 33.45
N VAL A 14 5.40 -4.25 32.65
CA VAL A 14 5.17 -2.94 32.09
C VAL A 14 3.77 -2.59 32.58
N GLU A 15 3.70 -1.57 33.43
CA GLU A 15 2.46 -1.26 34.12
C GLU A 15 1.94 -2.59 34.68
N GLY A 16 0.70 -2.94 34.39
CA GLY A 16 0.12 -4.15 34.97
C GLY A 16 0.46 -5.45 34.29
N LEU A 17 1.24 -5.42 33.21
CA LEU A 17 1.43 -6.63 32.42
C LEU A 17 2.87 -7.13 32.43
N PRO A 18 3.02 -8.45 32.47
CA PRO A 18 4.34 -9.00 32.24
C PRO A 18 4.73 -8.75 30.80
N VAL A 19 5.98 -8.37 30.60
CA VAL A 19 6.49 -8.11 29.26
C VAL A 19 6.46 -9.40 28.46
N GLU A 20 6.79 -10.53 29.08
CA GLU A 20 6.79 -11.80 28.35
C GLU A 20 5.42 -12.09 27.72
N GLN A 21 4.37 -11.59 28.36
CA GLN A 21 3.01 -11.86 27.91
C GLN A 21 2.70 -11.14 26.61
N VAL A 22 3.11 -9.88 26.52
CA VAL A 22 2.87 -9.14 25.28
C VAL A 22 3.71 -9.70 24.11
N VAL A 23 5.00 -9.86 24.30
CA VAL A 23 5.80 -10.33 23.19
C VAL A 23 5.45 -11.76 22.74
N LYS A 24 4.70 -12.48 23.57
CA LYS A 24 4.28 -13.85 23.23
C LYS A 24 3.26 -13.75 22.11
N LYS A 25 2.35 -12.77 22.21
CA LYS A 25 1.34 -12.59 21.16
C LYS A 25 1.96 -12.02 19.89
N THR A 26 2.72 -10.94 20.04
CA THR A 26 3.27 -10.20 18.91
C THR A 26 4.58 -10.76 18.30
N GLY A 27 5.37 -11.48 19.09
CA GLY A 27 6.71 -11.88 18.66
C GLY A 27 7.72 -10.75 18.78
N THR A 28 8.98 -11.08 18.58
CA THR A 28 10.04 -10.09 18.56
C THR A 28 10.61 -9.93 17.17
N PRO A 29 11.23 -8.78 16.86
CA PRO A 29 11.39 -7.66 17.77
C PRO A 29 10.11 -6.86 17.93
N ALA A 30 10.02 -6.15 19.06
CA ALA A 30 8.85 -5.37 19.36
C ALA A 30 9.18 -4.18 20.23
N TYR A 31 8.67 -3.02 19.87
CA TYR A 31 8.76 -1.86 20.73
C TYR A 31 7.55 -1.88 21.64
N ILE A 32 7.77 -1.54 22.90
CA ILE A 32 6.69 -1.53 23.89
C ILE A 32 6.68 -0.26 24.64
N TYR A 33 5.53 0.40 24.65
CA TYR A 33 5.41 1.71 25.27
C TYR A 33 4.44 1.70 26.46
N SER A 34 4.78 2.47 27.51
CA SER A 34 3.94 2.70 28.68
C SER A 34 3.09 3.93 28.48
N ARG A 35 1.78 3.74 28.43
CA ARG A 35 0.90 4.92 28.43
C ARG A 35 1.10 5.86 29.63
N ALA A 36 1.19 5.26 30.81
CA ALA A 36 1.28 6.03 32.06
C ALA A 36 2.53 6.85 32.05
N THR A 37 3.62 6.23 31.63
CA THR A 37 4.90 6.94 31.62
C THR A 37 4.85 8.12 30.68
N ILE A 38 4.19 7.96 29.55
CA ILE A 38 4.10 9.06 28.58
C ILE A 38 3.33 10.24 29.19
N GLU A 39 2.20 9.91 29.81
CA GLU A 39 1.31 10.92 30.39
C GLU A 39 1.97 11.60 31.57
N ARG A 40 2.55 10.81 32.45
CA ARG A 40 3.26 11.40 33.57
C ARG A 40 4.31 12.37 33.10
N HIS A 41 5.08 11.96 32.09
CA HIS A 41 6.20 12.79 31.64
C HIS A 41 5.72 14.10 30.98
N TRP A 42 4.59 14.07 30.26
CA TRP A 42 4.05 15.28 29.62
C TRP A 42 3.54 16.22 30.70
N GLN A 43 2.85 15.66 31.70
CA GLN A 43 2.35 16.44 32.84
C GLN A 43 3.44 17.05 33.72
N ALA A 44 4.44 16.27 34.05
CA ALA A 44 5.58 16.82 34.76
C ALA A 44 6.02 18.17 34.16
N PHE A 45 6.07 18.25 32.83
CA PHE A 45 6.44 19.50 32.15
C PHE A 45 5.34 20.57 32.27
N ASP A 46 4.09 20.16 32.05
CA ASP A 46 3.00 21.09 31.97
C ASP A 46 2.77 21.78 33.32
N SER A 47 2.71 20.98 34.38
CA SER A 47 2.62 21.47 35.73
C SER A 47 3.91 22.21 36.06
N LYS A 51 0.48 27.77 35.16
CA LYS A 51 0.00 29.16 35.24
C LYS A 51 0.68 30.03 34.20
N HIS A 52 1.96 30.34 34.39
CA HIS A 52 2.65 31.23 33.46
C HIS A 52 2.16 30.80 32.08
N PRO A 53 1.70 31.75 31.25
CA PRO A 53 1.16 31.41 29.92
C PRO A 53 2.17 30.54 29.14
N HIS A 54 1.79 29.30 28.87
CA HIS A 54 2.67 28.35 28.20
C HIS A 54 1.95 27.41 27.25
N LEU A 55 2.73 26.87 26.31
CA LEU A 55 2.28 25.70 25.55
C LEU A 55 3.38 24.66 25.46
N ILE A 56 2.99 23.40 25.63
CA ILE A 56 3.90 22.29 25.41
C ILE A 56 3.66 21.61 24.06
N CYS A 57 4.62 21.86 23.18
CA CYS A 57 4.58 21.37 21.81
C CYS A 57 5.45 20.14 21.65
N TYR A 58 4.90 18.98 21.93
CA TYR A 58 5.64 17.75 21.82
C TYR A 58 6.34 17.63 20.49
N ALA A 59 7.60 17.19 20.53
CA ALA A 59 8.42 17.10 19.34
C ALA A 59 8.17 15.75 18.66
N VAL A 60 7.38 15.80 17.59
CA VAL A 60 6.83 14.60 16.95
C VAL A 60 7.91 13.63 16.48
N LYS A 61 9.00 14.19 16.03
CA LYS A 61 10.14 13.46 15.53
C LYS A 61 10.66 12.38 16.46
N ALA A 62 10.43 12.54 17.77
CA ALA A 62 10.97 11.61 18.77
C ALA A 62 10.28 10.31 18.69
N ASN A 63 9.01 10.40 18.37
CA ASN A 63 8.15 9.25 18.23
C ASN A 63 6.85 9.72 17.67
N SER A 64 6.53 9.31 16.46
CA SER A 64 5.44 9.91 15.67
C SER A 64 4.26 8.97 15.54
N ASN A 65 4.28 7.89 16.28
CA ASN A 65 3.22 6.94 16.21
C ASN A 65 1.87 7.58 16.55
N LEU A 66 0.84 7.19 15.81
CA LEU A 66 -0.48 7.81 15.92
C LEU A 66 -1.11 7.72 17.31
N ALA A 67 -0.98 6.58 17.95
CA ALA A 67 -1.51 6.41 19.31
C ALA A 67 -0.79 7.29 20.27
N VAL A 68 0.51 7.42 20.09
CA VAL A 68 1.30 8.26 20.96
C VAL A 68 0.88 9.71 20.80
N LEU A 69 0.75 10.13 19.56
CA LEU A 69 0.40 11.53 19.31
C LEU A 69 -0.98 11.79 19.88
N ASN A 70 -1.84 10.80 19.75
CA ASN A 70 -3.16 10.92 20.24
C ASN A 70 -3.20 11.11 21.76
N LEU A 71 -2.35 10.41 22.49
CA LEU A 71 -2.31 10.59 23.94
C LEU A 71 -2.05 12.05 24.25
N MET A 72 -1.08 12.64 23.55
CA MET A 72 -0.78 14.03 23.78
C MET A 72 -2.00 14.90 23.45
N ALA A 73 -2.63 14.59 22.33
CA ALA A 73 -3.75 15.38 21.84
C ALA A 73 -4.88 15.42 22.87
N ARG A 74 -5.13 14.29 23.53
CA ARG A 74 -6.17 14.21 24.56
C ARG A 74 -5.87 15.06 25.78
N MET A 75 -4.61 15.16 26.14
CA MET A 75 -4.23 16.02 27.23
C MET A 75 -4.14 17.47 26.83
N GLY A 76 -4.48 17.78 25.58
CA GLY A 76 -4.52 19.17 25.11
C GLY A 76 -3.19 19.72 24.65
N SER A 77 -2.23 18.82 24.42
CA SER A 77 -0.87 19.19 24.00
C SER A 77 -0.83 19.87 22.65
N GLY A 78 0.19 20.69 22.49
CA GLY A 78 0.58 21.18 21.20
C GLY A 78 1.63 20.24 20.63
N PHE A 79 2.09 20.55 19.42
CA PHE A 79 3.03 19.69 18.71
C PHE A 79 4.03 20.54 17.97
N ASP A 80 5.27 20.11 18.01
CA ASP A 80 6.32 20.68 17.17
C ASP A 80 6.60 19.68 16.03
N ILE A 81 6.52 20.15 14.79
CA ILE A 81 6.62 19.29 13.62
C ILE A 81 7.74 19.80 12.77
N VAL A 82 8.26 18.94 11.91
CA VAL A 82 9.30 19.32 10.96
C VAL A 82 9.03 18.97 9.51
N SER A 83 7.83 18.50 9.19
CA SER A 83 7.50 18.13 7.83
C SER A 83 6.01 18.08 7.67
N VAL A 84 5.57 18.07 6.41
CA VAL A 84 4.16 17.86 6.13
C VAL A 84 3.73 16.46 6.52
N GLY A 85 4.63 15.50 6.48
CA GLY A 85 4.34 14.18 6.94
C GLY A 85 3.94 14.23 8.42
N GLU A 86 4.69 14.99 9.22
CA GLU A 86 4.36 15.15 10.63
C GLU A 86 3.08 15.94 10.83
N LEU A 87 2.87 16.98 10.02
CA LEU A 87 1.62 17.71 10.08
C LEU A 87 0.44 16.76 9.93
N MET A 88 0.50 15.90 8.91
CA MET A 88 -0.62 14.99 8.61
C MET A 88 -0.77 13.92 9.69
N ARG A 89 0.32 13.49 10.26
CA ARG A 89 0.26 12.54 11.36
C ARG A 89 -0.51 13.17 12.50
N VAL A 90 -0.16 14.40 12.81
CA VAL A 90 -0.78 15.04 13.97
C VAL A 90 -2.27 15.22 13.77
N ILE A 91 -2.65 15.62 12.56
CA ILE A 91 -4.05 15.76 12.27
C ILE A 91 -4.74 14.41 12.33
N GLN A 92 -4.11 13.42 11.72
CA GLN A 92 -4.66 12.06 11.73
C GLN A 92 -4.92 11.56 13.16
N ALA A 93 -4.02 11.88 14.08
CA ALA A 93 -4.18 11.50 15.48
C ALA A 93 -5.15 12.39 16.29
N GLY A 94 -5.74 13.40 15.65
CA GLY A 94 -6.74 14.26 16.30
C GLY A 94 -6.11 15.39 17.04
N GLY A 95 -4.90 15.75 16.68
CA GLY A 95 -4.21 16.88 17.30
C GLY A 95 -4.75 18.19 16.76
N ASP A 96 -4.67 19.23 17.58
CA ASP A 96 -5.15 20.55 17.24
C ASP A 96 -4.11 21.32 16.42
N PRO A 97 -4.40 21.55 15.13
CA PRO A 97 -3.43 22.27 14.31
C PRO A 97 -3.15 23.69 14.74
N LYS A 98 -4.01 24.26 15.57
CA LYS A 98 -3.76 25.60 16.10
C LYS A 98 -2.66 25.58 17.13
N LYS A 99 -2.35 24.41 17.66
CA LYS A 99 -1.29 24.27 18.65
C LYS A 99 -0.04 23.66 18.08
N ILE A 100 0.18 23.86 16.78
CA ILE A 100 1.31 23.27 16.09
C ILE A 100 2.27 24.32 15.71
N VAL A 101 3.52 24.15 16.09
CA VAL A 101 4.57 24.98 15.51
C VAL A 101 5.45 24.12 14.62
N PHE A 102 5.97 24.74 13.56
CA PHE A 102 6.67 24.04 12.49
C PHE A 102 8.10 24.51 12.34
N SER A 103 9.02 23.69 12.84
CA SER A 103 10.44 23.92 12.74
C SER A 103 11.01 23.31 11.48
N GLY A 104 12.24 23.64 11.13
CA GLY A 104 12.91 22.97 10.03
C GLY A 104 13.62 23.93 9.10
N VAL A 105 14.85 23.61 8.73
CA VAL A 105 15.60 24.45 7.81
C VAL A 105 15.20 24.32 6.37
N GLY A 106 14.43 23.30 6.02
CA GLY A 106 14.26 22.94 4.58
C GLY A 106 12.82 22.87 4.12
N LYS A 107 11.96 23.66 4.75
CA LYS A 107 10.55 23.64 4.46
C LYS A 107 10.28 23.96 3.00
N THR A 108 9.54 23.08 2.31
CA THR A 108 9.10 23.33 0.92
C THR A 108 7.82 24.16 0.83
N GLU A 109 7.58 24.76 -0.34
CA GLU A 109 6.39 25.58 -0.55
C GLU A 109 5.16 24.73 -0.29
N ILE A 110 5.23 23.49 -0.74
CA ILE A 110 4.11 22.57 -0.53
C ILE A 110 3.80 22.38 0.95
N GLU A 111 4.84 22.21 1.75
CA GLU A 111 4.69 22.02 3.18
C GLU A 111 4.17 23.30 3.81
N ILE A 112 4.67 24.43 3.35
CA ILE A 112 4.25 25.71 3.93
C ILE A 112 2.77 26.00 3.62
N SER A 113 2.39 25.77 2.37
CA SER A 113 1.02 25.82 1.97
C SER A 113 0.12 24.92 2.82
N ALA A 114 0.52 23.68 3.01
CA ALA A 114 -0.36 22.76 3.71
C ALA A 114 -0.54 23.23 5.16
N ALA A 115 0.53 23.78 5.72
CA ALA A 115 0.54 24.21 7.12
C ALA A 115 -0.28 25.49 7.30
N LEU A 116 -0.13 26.38 6.33
CA LEU A 116 -0.98 27.56 6.29
C LEU A 116 -2.44 27.13 6.20
N GLN A 117 -2.77 26.22 5.29
CA GLN A 117 -4.15 25.86 5.10
C GLN A 117 -4.71 25.14 6.28
N ALA A 118 -3.84 24.56 7.09
CA ALA A 118 -4.29 23.92 8.31
C ALA A 118 -4.30 24.92 9.45
N ASN A 119 -3.80 26.12 9.20
CA ASN A 119 -3.91 27.22 10.14
C ASN A 119 -3.11 27.02 11.45
N ILE A 120 -1.82 26.72 11.31
CA ILE A 120 -0.98 26.41 12.46
C ILE A 120 -0.61 27.64 13.18
N MET A 121 -0.17 27.45 14.43
CA MET A 121 0.25 28.53 15.28
C MET A 121 1.41 29.35 14.77
N CYS A 122 2.47 28.70 14.31
CA CYS A 122 3.72 29.46 14.06
C CYS A 122 4.73 28.68 13.23
N PHE A 123 5.47 29.39 12.39
CA PHE A 123 6.57 28.84 11.66
C PHE A 123 7.85 29.33 12.33
N ASN A 124 8.66 28.41 12.81
CA ASN A 124 9.97 28.77 13.34
C ASN A 124 10.99 28.84 12.22
N VAL A 125 11.31 30.05 11.77
CA VAL A 125 12.11 30.29 10.56
C VAL A 125 13.59 30.24 10.82
N GLU A 126 14.32 29.67 9.86
CA GLU A 126 15.74 29.38 10.01
C GLU A 126 16.62 30.04 8.99
N SER A 127 16.03 30.68 8.00
CA SER A 127 16.84 31.40 7.06
C SER A 127 16.07 32.58 6.49
N ILE A 128 16.81 33.46 5.84
CA ILE A 128 16.26 34.63 5.24
C ILE A 128 15.51 34.14 4.02
N SER A 129 16.17 33.35 3.18
CA SER A 129 15.51 32.80 2.01
C SER A 129 14.13 32.25 2.37
N GLU A 130 14.00 31.68 3.55
CA GLU A 130 12.80 30.99 3.96
C GLU A 130 11.69 32.00 4.22
N LEU A 131 12.03 33.13 4.85
CA LEU A 131 11.08 34.24 5.02
C LEU A 131 10.44 34.63 3.71
N TYR A 132 11.24 34.81 2.67
CA TYR A 132 10.69 35.18 1.39
C TYR A 132 9.77 34.11 0.85
N ARG A 133 10.15 32.85 1.04
CA ARG A 133 9.36 31.77 0.54
C ARG A 133 7.99 31.74 1.25
N ILE A 134 8.00 31.91 2.55
CA ILE A 134 6.80 31.80 3.30
C ILE A 134 5.89 32.92 2.88
N ASN A 135 6.44 34.14 2.92
CA ASN A 135 5.69 35.33 2.52
C ASN A 135 5.11 35.18 1.13
N SER A 136 5.90 34.64 0.23
CA SER A 136 5.48 34.41 -1.12
C SER A 136 4.30 33.43 -1.23
N VAL A 137 4.31 32.36 -0.44
CA VAL A 137 3.21 31.38 -0.43
C VAL A 137 1.99 31.91 0.30
N ALA A 138 2.22 32.59 1.42
CA ALA A 138 1.14 33.26 2.15
C ALA A 138 0.38 34.27 1.26
N LYS A 139 1.17 35.01 0.51
CA LYS A 139 0.67 35.99 -0.41
C LYS A 139 -0.24 35.26 -1.38
N ALA A 140 0.26 34.22 -2.02
CA ALA A 140 -0.54 33.49 -3.00
C ALA A 140 -1.83 32.93 -2.43
N LEU A 141 -1.87 32.63 -1.14
CA LEU A 141 -3.09 32.13 -0.50
C LEU A 141 -3.88 33.24 0.17
N ASN A 142 -3.35 34.45 0.12
CA ASN A 142 -3.95 35.54 0.84
C ASN A 142 -4.22 35.35 2.32
N VAL A 143 -3.25 34.80 3.03
CA VAL A 143 -3.31 34.73 4.48
C VAL A 143 -2.09 35.38 5.05
N LYS A 144 -2.06 35.50 6.37
CA LYS A 144 -0.90 36.05 7.05
C LYS A 144 -0.23 34.95 7.87
N ALA A 145 1.02 34.66 7.50
CA ALA A 145 1.77 33.56 8.12
C ALA A 145 2.37 33.98 9.46
N PRO A 146 2.00 33.31 10.55
CA PRO A 146 2.64 33.61 11.84
C PRO A 146 4.04 33.05 11.95
N ILE A 147 4.96 33.82 12.52
CA ILE A 147 6.34 33.49 12.46
C ILE A 147 7.18 33.85 13.66
N SER A 148 8.10 32.96 14.05
CA SER A 148 9.27 33.32 14.86
C SER A 148 10.52 33.13 14.04
N ILE A 149 11.62 33.65 14.57
CA ILE A 149 12.90 33.38 14.00
C ILE A 149 13.61 32.49 14.99
N ARG A 150 14.23 31.43 14.48
CA ARG A 150 15.12 30.62 15.28
C ARG A 150 16.48 31.32 15.39
N ILE A 151 16.81 31.63 16.63
CA ILE A 151 17.98 32.42 16.93
C ILE A 151 19.00 31.53 17.58
N ASN A 152 20.24 31.70 17.17
CA ASN A 152 21.39 31.04 17.80
C ASN A 152 22.08 32.03 18.73
N PRO A 153 21.79 31.91 20.05
CA PRO A 153 22.58 32.70 21.00
C PRO A 153 24.02 32.20 21.19
N ASN A 170 26.55 24.82 13.06
CA ASN A 170 25.21 24.29 12.74
C ASN A 170 24.60 24.94 11.50
N LYS A 171 23.98 24.15 10.63
CA LYS A 171 23.03 24.65 9.65
C LYS A 171 21.84 25.42 10.24
N PHE A 172 21.62 25.34 11.54
CA PHE A 172 20.44 25.91 12.15
C PHE A 172 20.52 27.36 12.56
N GLY A 173 19.41 28.07 12.37
CA GLY A 173 19.18 29.31 13.04
C GLY A 173 19.85 30.50 12.41
N ILE A 174 19.49 31.66 12.95
CA ILE A 174 20.10 32.92 12.57
C ILE A 174 20.95 33.33 13.76
N GLU A 175 22.16 33.73 13.46
CA GLU A 175 23.04 34.24 14.47
C GLU A 175 22.49 35.50 15.09
N ILE A 176 22.54 35.58 16.41
CA ILE A 176 21.99 36.71 17.15
C ILE A 176 22.51 38.09 16.67
N GLU A 177 23.76 38.14 16.22
CA GLU A 177 24.35 39.33 15.63
C GLU A 177 23.51 39.90 14.49
N GLN A 178 22.72 39.06 13.82
CA GLN A 178 21.88 39.53 12.72
C GLN A 178 20.40 39.45 13.03
N ALA A 179 20.04 39.22 14.29
CA ALA A 179 18.65 39.02 14.64
C ALA A 179 17.79 40.18 14.19
N LEU A 180 18.12 41.38 14.68
CA LEU A 180 17.33 42.57 14.43
C LEU A 180 17.20 42.80 12.92
N ASP A 181 18.29 42.59 12.19
CA ASP A 181 18.25 42.83 10.77
C ASP A 181 17.21 41.96 10.09
N VAL A 182 17.10 40.70 10.49
CA VAL A 182 16.15 39.80 9.82
C VAL A 182 14.76 39.98 10.40
N TYR A 183 14.69 40.23 11.71
CA TYR A 183 13.40 40.54 12.31
C TYR A 183 12.79 41.79 11.64
N LYS A 184 13.67 42.69 11.21
CA LYS A 184 13.26 43.86 10.49
C LYS A 184 12.64 43.47 9.16
N ILE A 185 13.40 42.72 8.36
CA ILE A 185 12.94 42.24 7.06
C ILE A 185 11.55 41.57 7.19
N ALA A 186 11.36 40.81 8.25
CA ALA A 186 10.10 40.14 8.49
C ALA A 186 9.00 41.15 8.69
N SER A 187 9.27 42.16 9.53
CA SER A 187 8.30 43.26 9.77
C SER A 187 7.90 43.92 8.45
N ASP A 188 8.90 44.23 7.61
CA ASP A 188 8.67 44.81 6.30
C ASP A 188 7.86 43.90 5.37
N LEU A 189 7.74 42.61 5.69
CA LEU A 189 6.97 41.72 4.82
C LEU A 189 5.53 41.66 5.28
N GLU A 190 4.65 41.79 4.29
CA GLU A 190 3.24 42.07 4.54
C GLU A 190 2.46 40.82 4.87
N PHE A 191 2.81 39.71 4.24
CA PHE A 191 2.05 38.48 4.47
C PHE A 191 2.65 37.60 5.56
N LEU A 192 3.61 38.16 6.29
CA LEU A 192 4.11 37.56 7.52
C LEU A 192 3.66 38.35 8.71
N GLU A 193 3.57 37.69 9.84
CA GLU A 193 3.18 38.35 11.03
C GLU A 193 4.04 37.81 12.19
N ILE A 194 4.95 38.67 12.68
CA ILE A 194 5.86 38.32 13.75
C ILE A 194 5.09 38.00 15.03
N LYS A 195 5.20 36.76 15.48
CA LYS A 195 4.56 36.37 16.72
C LYS A 195 5.55 36.07 17.84
N GLY A 196 6.79 35.70 17.51
CA GLY A 196 7.62 35.10 18.52
C GLY A 196 9.09 35.09 18.26
N VAL A 197 9.80 34.59 19.27
CA VAL A 197 11.22 34.29 19.17
C VAL A 197 11.44 32.82 19.53
N ASP A 198 12.31 32.17 18.77
CA ASP A 198 12.51 30.72 18.93
C ASP A 198 13.99 30.37 19.04
N CYS A 199 14.27 29.32 19.79
CA CYS A 199 15.59 28.69 19.68
C CYS A 199 15.57 27.23 20.05
N HIS A 200 16.62 26.52 19.61
CA HIS A 200 16.84 25.14 20.06
C HIS A 200 18.34 24.91 20.11
N ILE A 201 18.88 24.61 21.28
CA ILE A 201 20.34 24.74 21.48
C ILE A 201 21.11 23.44 21.36
N GLY A 202 20.39 22.31 21.50
CA GLY A 202 20.97 21.00 21.29
C GLY A 202 20.09 19.96 21.91
N SER A 203 20.61 18.74 22.01
CA SER A 203 19.81 17.62 22.51
C SER A 203 20.61 16.82 23.50
N GLN A 204 19.91 16.06 24.34
CA GLN A 204 20.54 15.32 25.42
C GLN A 204 21.50 16.24 26.21
N LEU A 205 21.00 17.42 26.60
CA LEU A 205 21.78 18.30 27.47
C LEU A 205 21.48 17.93 28.92
N THR A 206 22.54 17.84 29.74
CA THR A 206 22.44 17.29 31.12
N ILE A 208 21.86 22.54 32.79
CA ILE A 208 20.91 23.69 32.84
C ILE A 208 21.50 25.04 32.40
N ALA A 209 22.76 25.28 32.76
CA ALA A 209 23.43 26.55 32.52
C ALA A 209 23.30 27.05 31.07
N PRO A 210 23.55 26.16 30.07
CA PRO A 210 23.43 26.61 28.68
C PRO A 210 22.01 27.13 28.31
N PHE A 211 20.95 26.58 28.92
CA PHE A 211 19.59 27.04 28.68
C PHE A 211 19.46 28.51 29.06
N ILE A 212 19.84 28.71 30.31
CA ILE A 212 19.61 29.95 30.96
C ILE A 212 20.42 30.96 30.21
N GLU A 213 21.68 30.65 29.99
CA GLU A 213 22.53 31.51 29.21
C GLU A 213 21.83 31.83 27.91
N LEU A 215 18.26 31.71 27.20
CA LEU A 215 17.19 32.59 27.57
C LEU A 215 17.62 34.09 27.76
N ASP A 216 18.58 34.31 28.68
CA ASP A 216 19.08 35.61 29.00
C ASP A 216 19.32 36.40 27.74
N LYS A 217 20.07 35.84 26.81
CA LYS A 217 20.43 36.59 25.58
C LYS A 217 19.22 36.82 24.69
N LEU A 218 18.21 35.96 24.79
CA LEU A 218 16.98 36.13 24.00
C LEU A 218 16.08 37.21 24.60
N LEU A 219 16.04 37.30 25.93
CA LEU A 219 15.24 38.35 26.60
C LEU A 219 15.83 39.71 26.24
N ILE A 220 17.14 39.83 26.37
CA ILE A 220 17.86 41.01 25.92
C ILE A 220 17.44 41.36 24.48
N LEU A 221 17.44 40.36 23.60
CA LEU A 221 17.02 40.57 22.21
C LEU A 221 15.54 40.98 22.09
N ILE A 222 14.67 40.40 22.92
CA ILE A 222 13.27 40.76 22.86
C ILE A 222 13.12 42.25 23.14
N ASP A 223 13.75 42.69 24.23
CA ASP A 223 13.73 44.06 24.67
C ASP A 223 14.24 44.97 23.57
N LEU A 224 15.39 44.64 22.98
CA LEU A 224 15.89 45.42 21.85
C LEU A 224 14.84 45.50 20.72
N LEU A 225 14.02 44.46 20.58
CA LEU A 225 12.94 44.45 19.57
C LEU A 225 11.74 45.31 20.00
N ALA A 226 11.38 45.28 21.28
CA ALA A 226 10.37 46.21 21.80
C ALA A 226 10.74 47.64 21.43
N GLU A 227 11.90 48.11 21.91
CA GLU A 227 12.42 49.42 21.58
C GLU A 227 12.30 49.71 20.08
N LYS A 228 12.60 48.73 19.22
CA LYS A 228 12.43 48.92 17.77
C LYS A 228 10.97 48.77 17.28
N GLY A 229 10.02 48.67 18.21
CA GLY A 229 8.60 48.60 17.84
C GLY A 229 8.20 47.36 17.08
CA ILE A 230 8.36 44.95 17.34
C ILE A 230 7.98 44.26 18.63
N THR A 231 6.75 43.80 18.68
CA THR A 231 6.22 43.11 19.82
C THR A 231 6.30 41.60 19.65
N ILE A 232 6.64 40.92 20.73
CA ILE A 232 6.82 39.47 20.71
C ILE A 232 5.82 38.84 21.64
N SER A 233 4.96 37.99 21.09
CA SER A 233 3.85 37.42 21.85
C SER A 233 4.28 36.15 22.59
N HIS A 234 5.26 35.43 22.05
CA HIS A 234 5.77 34.19 22.66
C HIS A 234 7.26 33.97 22.44
N LEU A 235 7.83 33.20 23.36
CA LEU A 235 9.24 32.77 23.28
C LEU A 235 9.28 31.26 23.33
N ASP A 236 9.84 30.67 22.27
CA ASP A 236 9.94 29.19 22.11
C ASP A 236 11.37 28.76 22.44
N LEU A 237 11.52 27.97 23.48
CA LEU A 237 12.84 27.58 23.95
C LEU A 237 13.32 26.19 23.47
N GLY A 238 12.62 25.62 22.50
CA GLY A 238 12.99 24.35 21.95
C GLY A 238 12.90 23.22 22.95
N GLY A 239 13.58 22.13 22.64
CA GLY A 239 13.70 20.98 23.51
C GLY A 239 15.14 20.90 23.98
N GLY A 240 15.63 19.66 24.17
CA GLY A 240 17.04 19.41 24.41
C GLY A 240 17.32 18.86 25.77
N LEU A 241 16.31 18.79 26.61
CA LEU A 241 16.54 18.35 27.95
C LEU A 241 16.82 16.87 27.92
N GLY A 242 17.93 16.49 28.55
CA GLY A 242 18.41 15.15 28.44
C GLY A 242 17.71 14.19 29.38
N VAL A 243 18.04 12.91 29.27
CA VAL A 243 17.47 11.89 30.14
C VAL A 243 18.59 10.98 30.61
N PRO A 244 18.30 10.16 31.65
CA PRO A 244 19.23 9.12 32.07
C PRO A 244 19.19 7.86 31.17
N TYR A 245 20.27 7.62 30.45
CA TYR A 245 20.47 6.42 29.67
C TYR A 245 21.30 5.41 30.43
N ASP A 246 22.44 5.88 30.94
CA ASP A 246 23.38 5.10 31.74
C ASP A 246 23.36 5.66 33.19
N ASP A 247 24.23 6.63 33.47
CA ASP A 247 24.48 7.15 34.81
C ASP A 247 24.17 8.66 34.94
N GLU A 248 23.61 9.27 33.89
CA GLU A 248 23.46 10.75 33.81
C GLU A 248 22.39 11.27 34.79
N PRO A 250 20.77 15.45 33.21
CA PRO A 250 20.72 15.82 34.64
C PRO A 250 19.30 16.25 35.07
N PRO A 251 18.95 17.53 34.82
CA PRO A 251 17.76 18.11 35.47
C PRO A 251 16.47 17.42 35.08
N GLU A 252 15.62 17.11 36.04
CA GLU A 252 14.28 16.63 35.70
C GLU A 252 13.44 17.80 35.21
N PRO A 253 12.38 17.51 34.45
CA PRO A 253 11.60 18.56 33.80
C PRO A 253 11.15 19.71 34.71
N ALA A 254 10.63 19.35 35.89
CA ALA A 254 10.20 20.33 36.90
C ALA A 254 11.30 21.37 37.16
N GLU A 255 12.49 20.89 37.51
CA GLU A 255 13.63 21.77 37.85
C GLU A 255 14.11 22.64 36.68
N TYR A 256 14.18 22.05 35.50
CA TYR A 256 14.49 22.75 34.27
C TYR A 256 13.51 23.90 34.03
N MET A 257 12.22 23.62 34.19
CA MET A 257 11.20 24.63 34.00
C MET A 257 11.32 25.75 35.03
N THR A 258 11.35 25.39 36.30
CA THR A 258 11.47 26.36 37.38
C THR A 258 12.56 27.38 37.08
N ALA A 259 13.78 26.89 36.86
CA ALA A 259 14.92 27.75 36.55
C ALA A 259 14.57 28.75 35.46
N ILE A 260 13.82 28.29 34.46
CA ILE A 260 13.43 29.13 33.35
C ILE A 260 12.34 30.14 33.78
N ILE A 261 11.40 29.70 34.59
CA ILE A 261 10.33 30.58 35.07
C ILE A 261 10.89 31.63 36.01
N ASN A 262 11.60 31.17 37.03
CA ASN A 262 12.22 32.04 38.00
C ASN A 262 12.98 33.12 37.24
N ARG A 263 13.83 32.72 36.30
CA ARG A 263 14.62 33.71 35.55
C ARG A 263 13.78 34.69 34.71
N MET A 264 12.49 34.42 34.55
CA MET A 264 11.62 35.42 33.94
C MET A 264 11.57 36.64 34.85
N ARG A 267 7.31 38.31 34.02
CA ARG A 267 6.89 38.69 32.65
C ARG A 267 5.60 37.98 32.22
N LEU A 269 5.60 37.31 29.06
CA LEU A 269 5.70 36.50 27.83
C LEU A 269 4.89 35.19 27.97
N LYS A 270 4.67 34.57 26.82
CA LYS A 270 4.13 33.21 26.74
C LYS A 270 5.25 32.28 26.27
N LEU A 271 5.51 31.24 27.06
CA LEU A 271 6.63 30.33 26.83
C LEU A 271 6.18 29.04 26.12
N ILE A 272 6.81 28.77 24.99
CA ILE A 272 6.61 27.50 24.29
C ILE A 272 7.84 26.59 24.46
N PHE A 273 7.55 25.33 24.80
CA PHE A 273 8.56 24.29 24.93
C PHE A 273 8.31 23.14 23.95
N GLU A 274 9.41 22.58 23.45
CA GLU A 274 9.34 21.56 22.43
C GLU A 274 10.05 20.25 22.86
N PRO A 275 9.71 19.70 24.02
CA PRO A 275 10.50 18.54 24.42
C PRO A 275 10.12 17.28 23.61
N GLY A 276 11.11 16.42 23.35
CA GLY A 276 10.83 15.13 22.75
C GLY A 276 11.32 14.01 23.61
N ARG A 277 12.64 13.90 23.65
CA ARG A 277 13.33 12.83 24.40
C ARG A 277 12.87 12.74 25.85
N ALA A 278 12.74 13.89 26.53
CA ALA A 278 12.43 13.91 27.97
C ALA A 278 11.07 13.35 28.22
N ILE A 279 10.21 13.44 27.23
CA ILE A 279 8.92 12.79 27.34
C ILE A 279 8.94 11.30 27.00
N MET A 280 9.61 10.92 25.90
CA MET A 280 9.40 9.56 25.38
C MET A 280 10.50 8.55 25.64
N ALA A 281 11.71 9.01 25.85
CA ALA A 281 12.84 8.08 25.86
C ALA A 281 12.57 6.86 26.73
N ASN A 282 12.29 7.10 27.99
CA ASN A 282 12.11 6.00 28.93
C ASN A 282 10.69 5.56 29.07
N ALA A 283 9.83 6.09 28.23
CA ALA A 283 8.49 5.56 28.10
C ALA A 283 8.38 4.34 27.20
N GLY A 284 9.49 3.87 26.64
CA GLY A 284 9.48 2.69 25.76
C GLY A 284 10.69 1.83 25.83
N VAL A 285 10.50 0.57 25.54
CA VAL A 285 11.61 -0.35 25.40
C VAL A 285 11.52 -1.10 24.09
N LEU A 286 12.61 -1.77 23.75
CA LEU A 286 12.61 -2.68 22.59
C LEU A 286 12.99 -4.08 23.08
N VAL A 287 12.15 -5.04 22.77
CA VAL A 287 12.34 -6.39 23.20
C VAL A 287 12.85 -7.20 22.06
N THR A 288 13.79 -8.10 22.32
CA THR A 288 14.38 -8.91 21.30
C THR A 288 14.75 -10.28 21.85
N LYS A 289 14.87 -11.25 20.96
CA LYS A 289 15.12 -12.62 21.32
C LYS A 289 16.56 -12.98 20.95
N VAL A 290 17.25 -13.67 21.85
CA VAL A 290 18.56 -14.21 21.60
C VAL A 290 18.43 -15.41 20.68
N GLU A 291 19.08 -15.37 19.54
CA GLU A 291 19.04 -16.47 18.63
C GLU A 291 20.22 -17.38 18.95
N PHE A 292 21.44 -16.85 18.88
CA PHE A 292 22.64 -17.63 19.08
C PHE A 292 23.61 -16.98 20.04
N LEU A 293 24.46 -17.80 20.63
CA LEU A 293 25.62 -17.36 21.39
C LEU A 293 26.84 -17.89 20.66
N LYS A 294 27.77 -17.00 20.37
CA LYS A 294 29.01 -17.38 19.80
C LYS A 294 30.07 -17.09 20.84
N LEU A 295 30.76 -18.15 21.27
CA LEU A 295 31.75 -18.08 22.34
C LEU A 295 33.13 -18.24 21.77
N ASN A 296 34.04 -17.38 22.23
CA ASN A 296 35.43 -17.36 21.84
C ASN A 296 36.22 -16.99 23.11
N ASP A 297 37.46 -17.47 23.24
CA ASP A 297 38.34 -16.98 24.33
C ASP A 297 38.43 -15.42 24.26
N TYR A 298 38.52 -14.88 23.04
CA TYR A 298 38.72 -13.45 22.80
C TYR A 298 37.50 -12.47 22.91
N LYS A 299 36.34 -12.90 22.46
CA LYS A 299 35.13 -12.07 22.53
C LYS A 299 33.87 -12.95 22.40
N ASN A 300 32.81 -12.60 23.12
CA ASN A 300 31.53 -13.29 23.01
C ASN A 300 30.42 -12.47 22.38
N PHE A 301 29.55 -13.14 21.60
CA PHE A 301 28.44 -12.47 20.97
C PHE A 301 27.13 -13.09 21.30
N ALA A 302 26.20 -12.27 21.78
CA ALA A 302 24.80 -12.62 21.73
C ALA A 302 24.22 -12.05 20.45
N ILE A 303 23.78 -12.94 19.59
CA ILE A 303 23.12 -12.57 18.37
C ILE A 303 21.61 -12.56 18.61
N VAL A 304 20.99 -11.38 18.51
CA VAL A 304 19.59 -11.19 18.75
C VAL A 304 18.83 -10.88 17.48
N ASP A 305 17.51 -10.85 17.54
CA ASP A 305 16.72 -10.67 16.34
C ASP A 305 16.37 -9.21 16.06
N ALA A 306 16.82 -8.30 16.90
CA ALA A 306 16.74 -6.88 16.59
C ALA A 306 18.08 -6.39 16.06
N ALA A 307 18.06 -5.35 15.24
CA ALA A 307 19.26 -4.83 14.62
C ALA A 307 19.22 -3.29 14.41
N MET A 308 20.25 -2.76 13.78
CA MET A 308 20.37 -1.32 13.58
C MET A 308 19.24 -0.73 12.73
N ASN A 309 18.57 -1.56 11.91
CA ASN A 309 17.37 -1.07 11.26
C ASN A 309 16.18 -0.90 12.20
N ASP A 310 16.18 -1.59 13.34
CA ASP A 310 15.16 -1.40 14.37
C ASP A 310 15.54 -0.28 15.31
N LEU A 311 16.82 -0.21 15.65
CA LEU A 311 17.34 0.83 16.57
C LEU A 311 18.72 1.23 16.14
N ILE A 312 18.85 2.44 15.63
CA ILE A 312 20.12 2.87 15.05
C ILE A 312 21.03 3.69 15.99
N ARG A 313 20.54 4.04 17.18
CA ARG A 313 21.25 5.00 18.05
C ARG A 313 22.62 4.49 18.45
N PRO A 314 22.75 3.21 18.81
CA PRO A 314 24.12 2.73 19.08
C PRO A 314 25.06 2.81 17.89
N ALA A 315 24.63 2.33 16.74
CA ALA A 315 25.50 2.38 15.54
C ALA A 315 25.79 3.79 15.08
N LEU A 316 24.79 4.69 15.15
CA LEU A 316 24.97 6.01 14.59
C LEU A 316 25.68 6.99 15.53
N TYR A 317 25.44 6.86 16.84
CA TYR A 317 25.96 7.80 17.80
C TYR A 317 26.84 7.16 18.86
N SER A 318 27.11 5.86 18.79
CA SER A 318 27.64 5.12 19.94
C SER A 318 26.82 5.37 21.21
N ALA A 319 25.51 5.45 21.08
CA ALA A 319 24.70 5.63 22.27
C ALA A 319 24.78 4.38 23.11
N TRP A 320 24.76 4.58 24.42
CA TRP A 320 24.71 3.50 25.37
C TRP A 320 23.25 3.34 25.73
N GLN A 321 22.70 2.17 25.49
CA GLN A 321 21.35 1.85 25.91
C GLN A 321 21.46 0.64 26.84
N ASN A 322 20.87 0.74 28.02
CA ASN A 322 20.91 -0.36 28.98
C ASN A 322 20.15 -1.56 28.43
N ILE A 323 20.72 -2.76 28.63
CA ILE A 323 20.16 -4.00 28.13
C ILE A 323 20.03 -4.96 29.30
N ILE A 324 18.80 -5.38 29.59
CA ILE A 324 18.48 -6.13 30.79
C ILE A 324 17.65 -7.36 30.44
N PRO A 325 17.74 -8.40 31.28
CA PRO A 325 16.99 -9.64 31.03
C PRO A 325 15.50 -9.48 31.34
N LEU A 326 14.70 -10.32 30.72
CA LEU A 326 13.29 -10.32 30.95
C LEU A 326 12.90 -10.89 32.34
N ASN A 327 13.77 -11.74 32.88
CA ASN A 327 13.58 -12.32 34.19
C ASN A 327 14.90 -12.36 35.00
N THR A 328 14.83 -11.91 36.24
CA THR A 328 15.97 -11.99 37.14
C THR A 328 16.12 -13.38 37.78
N ASP A 329 15.02 -14.11 37.91
CA ASP A 329 15.05 -15.41 38.55
C ASP A 329 14.41 -16.48 37.67
N TYR A 330 15.18 -16.97 36.72
CA TYR A 330 14.71 -17.98 35.79
C TYR A 330 14.55 -19.31 36.50
N GLN A 331 13.41 -19.94 36.29
CA GLN A 331 13.09 -21.18 36.93
C GLN A 331 12.71 -22.20 35.89
N ASP A 332 13.51 -22.24 34.85
CA ASP A 332 13.46 -23.32 33.85
C ASP A 332 14.73 -24.19 33.94
N GLY A 333 15.59 -23.90 34.93
CA GLY A 333 16.80 -24.68 35.20
C GLY A 333 17.84 -24.75 34.09
N GLN A 334 17.91 -23.72 33.26
CA GLN A 334 18.86 -23.68 32.17
C GLN A 334 20.17 -23.12 32.69
N ASP A 335 21.29 -23.57 32.13
CA ASP A 335 22.59 -23.08 32.60
C ASP A 335 22.91 -21.70 31.97
N ARG A 336 23.07 -20.69 32.83
CA ARG A 336 23.32 -19.30 32.40
C ARG A 336 24.59 -18.70 32.99
N PRO A 337 25.75 -19.11 32.49
CA PRO A 337 26.99 -18.56 33.00
C PRO A 337 27.10 -17.07 32.66
N VAL A 338 27.37 -16.24 33.66
CA VAL A 338 27.58 -14.82 33.43
C VAL A 338 28.81 -14.66 32.55
N ARG A 339 28.67 -13.87 31.49
CA ARG A 339 29.78 -13.56 30.60
C ARG A 339 29.65 -12.15 30.11
N SER A 340 30.70 -11.72 29.42
CA SER A 340 30.74 -10.43 28.78
C SER A 340 30.40 -10.59 27.29
N TYR A 341 29.27 -10.02 26.89
CA TYR A 341 28.80 -10.15 25.53
C TYR A 341 28.70 -8.82 24.82
N ASP A 342 28.97 -8.84 23.52
CA ASP A 342 28.47 -7.83 22.65
C ASP A 342 27.12 -8.30 22.19
N ILE A 343 26.13 -7.42 22.28
CA ILE A 343 24.78 -7.71 21.78
C ILE A 343 24.62 -7.20 20.34
N VAL A 344 24.45 -8.12 19.41
CA VAL A 344 24.46 -7.76 17.99
C VAL A 344 23.32 -8.41 17.25
N GLY A 345 22.95 -7.81 16.14
CA GLY A 345 21.77 -8.28 15.40
C GLY A 345 22.18 -9.08 14.18
N PRO A 346 21.19 -9.48 13.38
CA PRO A 346 21.48 -10.26 12.16
C PRO A 346 22.01 -9.50 10.94
N ILE A 347 22.12 -8.18 11.00
CA ILE A 347 22.50 -7.41 9.82
C ILE A 347 23.99 -7.58 9.52
N CYS A 348 24.32 -7.55 8.25
CA CYS A 348 25.62 -7.95 7.74
C CYS A 348 26.74 -6.93 7.81
N GLU A 349 26.72 -6.07 8.83
CA GLU A 349 27.76 -5.06 9.00
C GLU A 349 28.28 -5.15 10.39
N THR A 350 29.53 -4.77 10.57
CA THR A 350 30.08 -4.73 11.93
C THR A 350 29.39 -3.66 12.74
N GLY A 351 28.96 -2.61 12.07
CA GLY A 351 28.23 -1.54 12.71
C GLY A 351 26.91 -1.98 13.29
N ASP A 352 26.40 -3.15 12.89
CA ASP A 352 25.12 -3.56 13.44
C ASP A 352 25.26 -4.13 14.83
N PHE A 353 25.18 -3.28 15.83
CA PHE A 353 25.20 -3.73 17.21
C PHE A 353 24.21 -2.94 18.04
N LEU A 354 23.80 -3.52 19.16
CA LEU A 354 22.92 -2.82 20.08
C LEU A 354 23.60 -2.38 21.36
N GLY A 355 24.65 -3.09 21.75
CA GLY A 355 25.40 -2.72 22.91
C GLY A 355 26.66 -3.53 23.00
N LYS A 356 27.66 -2.97 23.67
CA LYS A 356 28.97 -3.64 23.82
C LYS A 356 29.35 -3.95 25.27
N GLU A 357 30.14 -5.02 25.44
CA GLU A 357 30.67 -5.46 26.72
C GLU A 357 29.67 -5.45 27.85
N ARG A 358 28.63 -6.25 27.74
CA ARG A 358 27.65 -6.33 28.79
C ARG A 358 27.79 -7.65 29.55
N GLN A 359 27.76 -7.52 30.87
CA GLN A 359 27.79 -8.65 31.78
C GLN A 359 26.43 -9.24 31.88
N LEU A 360 26.23 -10.39 31.25
CA LEU A 360 24.90 -10.97 31.18
C LEU A 360 24.90 -12.45 31.33
N ALA A 361 23.80 -12.94 31.89
CA ALA A 361 23.56 -14.37 32.08
C ALA A 361 22.52 -14.81 31.12
N LEU A 362 22.97 -15.46 30.04
CA LEU A 362 22.12 -15.75 28.89
C LEU A 362 22.09 -17.20 28.45
N ALA A 363 20.90 -17.65 28.07
CA ALA A 363 20.79 -18.82 27.24
C ALA A 363 20.12 -18.44 25.94
N GLU A 364 20.44 -19.20 24.90
CA GLU A 364 19.76 -19.07 23.61
C GLU A 364 18.27 -19.20 23.85
N GLY A 365 17.49 -18.33 23.19
CA GLY A 365 16.05 -18.31 23.32
C GLY A 365 15.55 -17.29 24.29
N ASP A 366 16.44 -16.75 25.12
CA ASP A 366 16.07 -15.72 26.07
C ASP A 366 15.69 -14.38 25.42
N TYR A 367 14.84 -13.63 26.10
CA TYR A 367 14.41 -12.33 25.66
C TYR A 367 15.18 -11.27 26.42
N LEU A 368 15.65 -10.25 25.70
CA LEU A 368 16.28 -9.10 26.31
C LEU A 368 15.51 -7.84 26.02
N VAL A 369 15.66 -6.87 26.90
CA VAL A 369 14.93 -5.66 26.83
C VAL A 369 15.97 -4.55 26.75
N ILE A 370 15.84 -3.69 25.73
CA ILE A 370 16.74 -2.58 25.52
C ILE A 370 15.97 -1.37 25.98
N ARG A 371 16.53 -0.67 26.95
CA ARG A 371 15.78 0.37 27.59
C ARG A 371 16.00 1.69 26.89
N SER A 372 15.08 2.63 27.14
CA SER A 372 15.22 4.00 26.74
C SER A 372 15.18 4.15 25.23
N THR A 373 14.28 3.41 24.60
CA THR A 373 14.20 3.41 23.16
C THR A 373 12.89 4.02 22.67
N GLY A 374 12.21 4.75 23.54
CA GLY A 374 10.96 5.38 23.16
C GLY A 374 11.13 6.65 22.33
N ALA A 375 12.33 7.20 22.29
CA ALA A 375 12.63 8.35 21.50
C ALA A 375 13.74 8.07 20.52
N TYR A 376 13.52 8.41 19.28
CA TYR A 376 14.50 8.22 18.22
C TYR A 376 14.85 6.74 18.05
N GLY A 377 13.83 5.93 18.21
CA GLY A 377 13.91 4.50 18.04
C GLY A 377 13.24 4.11 16.76
N SER A 378 11.94 3.90 16.82
CA SER A 378 11.22 3.49 15.61
C SER A 378 11.25 4.58 14.57
N THR A 379 11.33 5.86 14.98
CA THR A 379 11.32 6.94 14.00
C THR A 379 12.54 6.93 13.11
N MET A 380 13.65 6.35 13.57
CA MET A 380 14.82 6.25 12.74
C MET A 380 14.98 4.86 12.12
N SER A 381 13.97 4.00 12.23
CA SER A 381 14.11 2.64 11.74
C SER A 381 13.97 2.56 10.22
N SER A 382 14.51 1.49 9.67
CA SER A 382 14.50 1.28 8.22
C SER A 382 14.27 -0.16 7.93
N ASN A 383 14.36 -0.52 6.66
CA ASN A 383 14.20 -1.88 6.20
C ASN A 383 15.49 -2.48 5.68
N TYR A 384 16.63 -1.94 6.06
CA TYR A 384 17.88 -2.47 5.60
C TYR A 384 17.97 -4.01 5.77
N ASN A 385 18.59 -4.67 4.78
CA ASN A 385 18.62 -6.14 4.68
C ASN A 385 17.22 -6.71 4.42
N SER A 386 16.32 -5.87 3.95
CA SER A 386 14.95 -6.31 3.71
C SER A 386 14.31 -6.97 4.92
N ARG A 387 14.47 -6.31 6.07
CA ARG A 387 13.86 -6.70 7.30
C ARG A 387 12.62 -5.87 7.46
N CYS A 388 11.55 -6.50 7.97
CA CYS A 388 10.30 -5.82 8.22
C CYS A 388 10.38 -5.01 9.50
N ARG A 389 9.76 -3.84 9.50
CA ARG A 389 9.77 -3.04 10.70
C ARG A 389 8.97 -3.68 11.80
N ALA A 390 9.44 -3.44 13.01
CA ALA A 390 8.95 -4.03 14.21
C ALA A 390 7.55 -3.61 14.51
N ALA A 391 6.87 -4.45 15.28
CA ALA A 391 5.58 -4.12 15.81
C ALA A 391 5.79 -3.16 16.95
N GLU A 392 4.83 -2.28 17.18
CA GLU A 392 4.87 -1.37 18.31
C GLU A 392 3.57 -1.53 19.10
N ILE A 393 3.71 -1.58 20.43
CA ILE A 393 2.67 -1.96 21.32
C ILE A 393 2.55 -0.96 22.42
N LEU A 394 1.32 -0.54 22.70
CA LEU A 394 1.06 0.42 23.77
C LEU A 394 0.30 -0.21 24.91
N VAL A 395 0.90 -0.18 26.09
CA VAL A 395 0.31 -0.81 27.26
C VAL A 395 -0.42 0.21 28.10
N ASP A 396 -1.63 -0.16 28.50
CA ASP A 396 -2.44 0.65 29.38
C ASP A 396 -2.97 -0.20 30.52
N GLY A 397 -2.43 0.02 31.71
CA GLY A 397 -2.81 -0.79 32.86
C GLY A 397 -2.60 -2.26 32.60
N GLU A 398 -3.68 -2.96 32.30
CA GLU A 398 -3.64 -4.40 32.05
C GLU A 398 -4.04 -4.76 30.65
N LYS A 399 -4.15 -3.73 29.81
CA LYS A 399 -4.45 -3.90 28.40
C LYS A 399 -3.31 -3.46 27.50
N ALA A 400 -3.05 -4.28 26.48
CA ALA A 400 -2.00 -4.05 25.49
C ALA A 400 -2.66 -3.83 24.15
N PHE A 401 -2.32 -2.73 23.49
CA PHE A 401 -2.77 -2.53 22.13
C PHE A 401 -1.63 -2.48 21.13
N ILE A 402 -1.84 -3.15 20.00
CA ILE A 402 -0.95 -3.02 18.88
C ILE A 402 -1.21 -1.68 18.20
N VAL A 403 -0.26 -0.75 18.36
CA VAL A 403 -0.38 0.57 17.79
C VAL A 403 0.42 0.72 16.49
N ARG A 404 1.25 -0.27 16.18
CA ARG A 404 1.76 -0.41 14.82
C ARG A 404 2.03 -1.84 14.50
N GLU A 405 1.34 -2.34 13.50
CA GLU A 405 1.50 -3.71 13.08
C GLU A 405 2.87 -3.93 12.44
N ARG A 406 3.45 -5.09 12.75
CA ARG A 406 4.64 -5.52 12.09
C ARG A 406 4.40 -5.43 10.58
N GLU A 407 5.36 -4.91 9.83
CA GLU A 407 5.24 -4.96 8.38
C GLU A 407 5.26 -6.40 7.88
N GLU A 408 4.55 -6.62 6.79
CA GLU A 408 4.60 -7.90 6.08
C GLU A 408 5.66 -7.81 5.01
N LEU A 409 6.19 -8.94 4.62
CA LEU A 409 7.21 -8.97 3.56
C LEU A 409 6.79 -8.22 2.32
N LYS A 410 5.58 -8.43 1.85
CA LYS A 410 5.17 -7.83 0.60
C LYS A 410 5.09 -6.27 0.65
N ASP A 411 5.12 -5.69 1.85
CA ASP A 411 5.24 -4.26 1.98
C ASP A 411 6.63 -3.77 1.63
N LEU A 412 7.61 -4.66 1.64
CA LEU A 412 8.98 -4.26 1.40
C LEU A 412 9.18 -3.66 0.03
N TRP A 413 8.53 -4.24 -0.97
CA TRP A 413 8.72 -3.80 -2.34
C TRP A 413 7.53 -3.03 -2.91
N ARG A 414 6.79 -2.39 -2.01
CA ARG A 414 5.66 -1.55 -2.35
C ARG A 414 6.09 -0.52 -3.38
N GLY A 415 5.35 -0.45 -4.49
CA GLY A 415 5.66 0.50 -5.54
C GLY A 415 6.83 0.13 -6.47
N GLU A 416 7.38 -1.08 -6.35
CA GLU A 416 8.46 -1.51 -7.22
C GLU A 416 7.98 -2.29 -8.47
N HIS A 417 8.68 -2.07 -9.57
CA HIS A 417 8.37 -2.67 -10.87
C HIS A 417 9.63 -3.09 -11.57
N ILE A 418 9.64 -4.29 -12.20
CA ILE A 418 10.74 -4.62 -13.11
C ILE A 418 10.52 -3.92 -14.43
N LEU A 419 11.62 -3.75 -15.18
CA LEU A 419 11.56 -3.22 -16.54
C LEU A 419 10.87 -4.22 -17.46
N PRO A 420 9.99 -3.72 -18.35
CA PRO A 420 9.53 -4.50 -19.50
C PRO A 420 10.44 -4.28 -20.75
N ILE A 421 11.30 -5.24 -21.06
CA ILE A 421 12.22 -5.15 -22.21
C ILE A 421 11.46 -5.53 -23.49
N ASP B 2 31.27 4.64 -15.80
CA ASP B 2 29.77 4.73 -15.93
C ASP B 2 29.22 5.61 -17.10
N HIS B 3 27.88 5.58 -17.27
CA HIS B 3 27.20 6.31 -18.34
C HIS B 3 26.57 7.61 -17.85
N PHE B 4 27.10 8.17 -16.78
CA PHE B 4 26.75 9.50 -16.34
C PHE B 4 27.85 10.38 -16.86
N ASN B 5 27.52 11.21 -17.85
CA ASN B 5 28.50 11.91 -18.66
C ASN B 5 28.02 13.31 -19.04
N TYR B 6 28.87 14.30 -18.81
CA TYR B 6 28.58 15.67 -19.25
C TYR B 6 28.75 15.71 -20.78
N GLN B 7 27.99 16.58 -21.44
CA GLN B 7 28.10 16.65 -22.89
C GLN B 7 28.61 17.98 -23.38
N ASN B 8 28.97 18.06 -24.67
CA ASN B 8 29.54 19.30 -25.26
C ASN B 8 28.56 20.43 -24.94
N ASP B 9 27.28 20.09 -24.98
CA ASP B 9 26.21 20.91 -24.42
C ASP B 9 26.51 21.57 -23.04
N GLY B 10 27.14 20.82 -22.12
CA GLY B 10 27.35 21.24 -20.72
C GLY B 10 26.46 20.49 -19.72
N ARG B 11 25.44 19.82 -20.25
CA ARG B 11 24.38 19.22 -19.47
C ARG B 11 24.75 17.79 -19.15
N LEU B 12 24.37 17.33 -17.94
CA LEU B 12 24.68 15.97 -17.51
C LEU B 12 23.66 14.98 -18.05
N PHE B 13 24.16 13.86 -18.54
CA PHE B 13 23.32 12.88 -19.19
C PHE B 13 23.50 11.57 -18.51
N VAL B 14 22.48 10.76 -18.59
CA VAL B 14 22.52 9.44 -18.08
C VAL B 14 22.14 8.61 -19.27
N GLU B 15 23.09 7.81 -19.74
CA GLU B 15 22.97 7.14 -21.03
C GLU B 15 22.44 8.20 -22.02
N GLY B 16 21.35 7.93 -22.71
CA GLY B 16 20.84 8.85 -23.72
C GLY B 16 20.01 10.03 -23.23
N LEU B 17 19.77 10.14 -21.93
CA LEU B 17 18.83 11.15 -21.44
C LEU B 17 19.49 12.20 -20.58
N PRO B 18 19.09 13.46 -20.79
CA PRO B 18 19.48 14.46 -19.82
C PRO B 18 18.86 14.15 -18.43
N VAL B 19 19.65 14.33 -17.39
CA VAL B 19 19.19 14.07 -16.05
C VAL B 19 18.08 15.03 -15.70
N GLU B 20 18.18 16.29 -16.11
CA GLU B 20 17.15 17.27 -15.81
C GLU B 20 15.78 16.82 -16.31
N GLN B 21 15.77 16.04 -17.39
CA GLN B 21 14.54 15.61 -18.02
C GLN B 21 13.82 14.61 -17.16
N VAL B 22 14.57 13.66 -16.60
CA VAL B 22 13.93 12.66 -15.74
C VAL B 22 13.41 13.32 -14.45
N VAL B 23 14.24 14.04 -13.76
CA VAL B 23 13.80 14.61 -12.52
C VAL B 23 12.67 15.64 -12.68
N LYS B 24 12.44 16.11 -13.90
CA LYS B 24 11.35 17.07 -14.15
C LYS B 24 10.04 16.33 -14.03
N LYS B 25 9.98 15.10 -14.55
CA LYS B 25 8.77 14.31 -14.44
C LYS B 25 8.56 13.87 -12.98
N THR B 26 9.59 13.27 -12.38
CA THR B 26 9.48 12.61 -11.09
C THR B 26 9.60 13.55 -9.89
N GLY B 27 10.27 14.68 -10.05
CA GLY B 27 10.66 15.51 -8.93
C GLY B 27 11.87 14.96 -8.16
N THR B 28 12.36 15.73 -7.21
CA THR B 28 13.42 15.31 -6.34
C THR B 28 12.88 15.13 -4.92
N PRO B 29 13.54 14.35 -4.07
CA PRO B 29 14.76 13.62 -4.41
C PRO B 29 14.48 12.41 -5.21
N ALA B 30 15.48 11.99 -5.98
CA ALA B 30 15.29 10.84 -6.85
C ALA B 30 16.58 10.10 -7.07
N TYR B 31 16.53 8.79 -6.92
CA TYR B 31 17.65 7.95 -7.27
C TYR B 31 17.52 7.62 -8.74
N ILE B 32 18.64 7.68 -9.45
CA ILE B 32 18.64 7.35 -10.86
C ILE B 32 19.70 6.35 -11.18
N TYR B 33 19.31 5.28 -11.86
CA TYR B 33 20.22 4.16 -12.14
C TYR B 33 20.42 3.97 -13.64
N SER B 34 21.66 3.65 -14.02
CA SER B 34 22.04 3.28 -15.39
C SER B 34 21.95 1.81 -15.63
N ARG B 35 21.06 1.38 -16.49
CA ARG B 35 20.99 -0.05 -16.86
C ARG B 35 22.30 -0.56 -17.46
N ALA B 36 22.86 0.22 -18.37
CA ALA B 36 24.09 -0.15 -19.06
C ALA B 36 25.23 -0.30 -18.06
N THR B 37 25.37 0.65 -17.14
CA THR B 37 26.42 0.57 -16.16
C THR B 37 26.28 -0.67 -15.28
N ILE B 38 25.05 -1.02 -14.92
CA ILE B 38 24.84 -2.21 -14.08
C ILE B 38 25.30 -3.45 -14.82
N GLU B 39 24.86 -3.55 -16.07
CA GLU B 39 25.16 -4.71 -16.91
C GLU B 39 26.66 -4.80 -17.18
N ARG B 40 27.25 -3.70 -17.57
CA ARG B 40 28.67 -3.68 -17.84
C ARG B 40 29.42 -4.18 -16.62
N HIS B 41 29.04 -3.68 -15.44
CA HIS B 41 29.79 -4.01 -14.21
C HIS B 41 29.61 -5.47 -13.82
N TRP B 42 28.45 -6.04 -14.05
CA TRP B 42 28.25 -7.46 -13.74
C TRP B 42 29.07 -8.30 -14.70
N GLN B 43 29.03 -7.94 -15.99
CA GLN B 43 29.76 -8.65 -17.04
C GLN B 43 31.27 -8.59 -16.86
N ALA B 44 31.79 -7.41 -16.53
CA ALA B 44 33.21 -7.25 -16.20
C ALA B 44 33.65 -8.35 -15.26
N PHE B 45 32.82 -8.65 -14.25
CA PHE B 45 33.12 -9.76 -13.34
C PHE B 45 32.96 -11.14 -13.99
N ASP B 46 31.86 -11.34 -14.69
CA ASP B 46 31.52 -12.64 -15.22
C ASP B 46 32.50 -13.08 -16.32
N SER B 47 32.75 -12.20 -17.27
CA SER B 47 33.68 -12.49 -18.37
C SER B 47 35.03 -12.84 -17.79
N ALA B 48 35.58 -11.94 -16.98
CA ALA B 48 36.90 -12.09 -16.43
C ALA B 48 37.09 -13.44 -15.77
N ALA B 49 36.04 -14.05 -15.26
CA ALA B 49 36.14 -15.39 -14.71
C ALA B 49 36.17 -16.47 -15.80
N GLY B 50 35.57 -16.15 -16.96
CA GLY B 50 35.82 -16.91 -18.20
C GLY B 50 35.57 -18.37 -18.05
N LYS B 51 36.53 -19.18 -18.49
CA LYS B 51 36.35 -20.64 -18.53
C LYS B 51 36.34 -21.32 -17.17
N HIS B 52 36.86 -20.67 -16.13
CA HIS B 52 36.86 -21.31 -14.83
C HIS B 52 35.43 -21.43 -14.27
N PRO B 53 35.03 -22.63 -13.85
CA PRO B 53 33.69 -22.81 -13.25
C PRO B 53 33.40 -21.82 -12.13
N HIS B 54 32.44 -20.93 -12.37
CA HIS B 54 32.10 -19.88 -11.44
C HIS B 54 30.63 -19.55 -11.39
N LEU B 55 30.24 -18.94 -10.28
CA LEU B 55 28.97 -18.25 -10.19
C LEU B 55 29.13 -16.86 -9.59
N ILE B 56 28.48 -15.89 -10.21
CA ILE B 56 28.40 -14.57 -9.64
C ILE B 56 27.09 -14.35 -8.93
N CYS B 57 27.18 -14.35 -7.61
CA CYS B 57 26.05 -14.18 -6.71
C CYS B 57 25.95 -12.72 -6.23
N TYR B 58 25.30 -11.87 -7.02
CA TYR B 58 25.13 -10.48 -6.64
C TYR B 58 24.64 -10.34 -5.24
N ALA B 59 25.24 -9.41 -4.52
CA ALA B 59 24.88 -9.17 -3.11
C ALA B 59 23.67 -8.22 -3.04
N VAL B 60 22.52 -8.81 -2.79
CA VAL B 60 21.21 -8.12 -2.88
C VAL B 60 21.13 -6.88 -1.98
N LYS B 61 21.74 -6.99 -0.81
CA LYS B 61 21.81 -5.93 0.18
C LYS B 61 22.31 -4.59 -0.31
N ALA B 62 23.10 -4.59 -1.38
CA ALA B 62 23.64 -3.33 -1.93
C ALA B 62 22.56 -2.49 -2.58
N ASN B 63 21.62 -3.19 -3.18
CA ASN B 63 20.51 -2.58 -3.89
C ASN B 63 19.58 -3.70 -4.26
N SER B 64 18.40 -3.71 -3.66
CA SER B 64 17.51 -4.84 -3.74
C SER B 64 16.29 -4.54 -4.61
N ASN B 65 16.34 -3.45 -5.33
CA ASN B 65 15.23 -3.10 -6.17
C ASN B 65 14.89 -4.21 -7.18
N LEU B 66 13.59 -4.48 -7.36
CA LEU B 66 13.15 -5.59 -8.21
C LEU B 66 13.68 -5.49 -9.68
N ALA B 67 13.70 -4.32 -10.25
CA ALA B 67 14.13 -4.13 -11.60
C ALA B 67 15.61 -4.42 -11.65
N VAL B 68 16.34 -3.98 -10.66
CA VAL B 68 17.77 -4.19 -10.61
C VAL B 68 18.05 -5.67 -10.51
N LEU B 69 17.32 -6.35 -9.68
CA LEU B 69 17.56 -7.76 -9.48
C LEU B 69 17.27 -8.45 -10.78
N ASN B 70 16.22 -7.97 -11.44
CA ASN B 70 15.75 -8.60 -12.65
C ASN B 70 16.78 -8.48 -13.74
N LEU B 71 17.46 -7.35 -13.82
CA LEU B 71 18.55 -7.24 -14.78
C LEU B 71 19.57 -8.34 -14.57
N MET B 72 19.96 -8.58 -13.31
CA MET B 72 20.90 -9.63 -13.05
C MET B 72 20.30 -10.98 -13.47
N ALA B 73 19.06 -11.22 -13.09
CA ALA B 73 18.42 -12.51 -13.32
C ALA B 73 18.40 -12.87 -14.83
N ARG B 74 18.21 -11.86 -15.68
CA ARG B 74 18.22 -12.03 -17.11
C ARG B 74 19.59 -12.44 -17.63
N MET B 75 20.64 -11.87 -17.06
CA MET B 75 21.97 -12.23 -17.47
C MET B 75 22.41 -13.56 -16.89
N GLY B 76 21.53 -14.24 -16.15
CA GLY B 76 21.84 -15.54 -15.58
C GLY B 76 22.58 -15.54 -14.24
N SER B 77 22.63 -14.36 -13.61
CA SER B 77 23.25 -14.21 -12.31
C SER B 77 22.68 -15.02 -11.18
N GLY B 78 23.55 -15.33 -10.25
CA GLY B 78 23.13 -15.85 -8.95
C GLY B 78 23.00 -14.65 -7.99
N PHE B 79 22.58 -14.96 -6.77
CA PHE B 79 22.30 -13.94 -5.78
C PHE B 79 22.76 -14.38 -4.42
N ASP B 80 23.34 -13.45 -3.69
CA ASP B 80 23.68 -13.66 -2.28
C ASP B 80 22.66 -12.88 -1.45
N ILE B 81 22.00 -13.55 -0.53
CA ILE B 81 20.93 -12.97 0.21
C ILE B 81 21.23 -13.09 1.68
N VAL B 82 20.57 -12.25 2.49
CA VAL B 82 20.72 -12.29 3.94
C VAL B 82 19.43 -12.38 4.71
N SER B 83 18.32 -12.56 4.04
CA SER B 83 17.03 -12.63 4.74
C SER B 83 16.01 -13.27 3.86
N VAL B 84 14.90 -13.68 4.46
CA VAL B 84 13.79 -14.16 3.70
C VAL B 84 13.17 -13.05 2.85
N GLY B 85 13.26 -11.83 3.31
CA GLY B 85 12.82 -10.69 2.53
C GLY B 85 13.57 -10.67 1.24
N GLU B 86 14.89 -10.90 1.31
CA GLU B 86 15.72 -10.87 0.10
C GLU B 86 15.43 -12.07 -0.76
N LEU B 87 15.20 -13.20 -0.14
CA LEU B 87 14.82 -14.39 -0.88
C LEU B 87 13.60 -14.12 -1.74
N MET B 88 12.56 -13.53 -1.13
CA MET B 88 11.31 -13.24 -1.85
C MET B 88 11.50 -12.18 -2.91
N ARG B 89 12.35 -11.21 -2.64
CA ARG B 89 12.64 -10.21 -3.64
C ARG B 89 13.24 -10.85 -4.87
N VAL B 90 14.21 -11.73 -4.67
CA VAL B 90 14.86 -12.39 -5.79
C VAL B 90 13.93 -13.28 -6.60
N ILE B 91 13.08 -14.04 -5.92
CA ILE B 91 12.10 -14.85 -6.62
C ILE B 91 11.14 -13.97 -7.37
N GLN B 92 10.67 -12.93 -6.70
CA GLN B 92 9.75 -12.01 -7.33
C GLN B 92 10.35 -11.49 -8.63
N ALA B 93 11.64 -11.14 -8.62
CA ALA B 93 12.29 -10.55 -9.78
C ALA B 93 12.65 -11.57 -10.86
N GLY B 94 12.30 -12.83 -10.61
CA GLY B 94 12.57 -13.88 -11.55
C GLY B 94 13.96 -14.50 -11.48
N GLY B 95 14.60 -14.35 -10.31
CA GLY B 95 15.89 -14.94 -10.10
C GLY B 95 15.79 -16.42 -9.81
N ASP B 96 16.84 -17.15 -10.19
CA ASP B 96 16.86 -18.61 -10.00
C ASP B 96 17.27 -19.04 -8.60
N PRO B 97 16.35 -19.63 -7.82
CA PRO B 97 16.67 -19.90 -6.43
C PRO B 97 17.76 -20.95 -6.28
N LYS B 98 18.03 -21.69 -7.34
CA LYS B 98 19.10 -22.66 -7.31
C LYS B 98 20.44 -21.96 -7.32
N LYS B 99 20.46 -20.69 -7.73
CA LYS B 99 21.68 -19.91 -7.78
C LYS B 99 21.77 -18.90 -6.63
N ILE B 100 21.12 -19.24 -5.54
CA ILE B 100 21.07 -18.35 -4.40
C ILE B 100 21.89 -18.95 -3.28
N VAL B 101 22.83 -18.18 -2.76
CA VAL B 101 23.41 -18.52 -1.47
C VAL B 101 22.94 -17.55 -0.40
N PHE B 102 22.74 -18.05 0.79
CA PHE B 102 22.19 -17.33 1.92
C PHE B 102 23.23 -17.13 3.04
N SER B 103 23.74 -15.91 3.17
CA SER B 103 24.63 -15.46 4.25
C SER B 103 23.86 -14.90 5.44
N GLY B 104 24.51 -14.70 6.57
CA GLY B 104 23.86 -14.05 7.72
C GLY B 104 24.05 -14.75 9.05
N VAL B 105 24.43 -14.00 10.08
CA VAL B 105 24.68 -14.59 11.40
C VAL B 105 23.44 -14.90 12.18
N GLY B 106 22.29 -14.42 11.75
CA GLY B 106 21.09 -14.47 12.59
C GLY B 106 19.90 -15.09 11.93
N LYS B 107 20.14 -16.06 11.07
CA LYS B 107 19.05 -16.69 10.29
C LYS B 107 18.04 -17.34 11.23
N THR B 108 16.76 -17.02 11.07
CA THR B 108 15.66 -17.69 11.84
C THR B 108 15.20 -18.99 11.20
N GLU B 109 14.53 -19.81 12.00
CA GLU B 109 14.03 -21.10 11.51
C GLU B 109 13.08 -20.90 10.34
N ILE B 110 12.25 -19.86 10.48
CA ILE B 110 11.32 -19.49 9.41
C ILE B 110 12.04 -19.18 8.10
N GLU B 111 13.13 -18.42 8.17
CA GLU B 111 13.90 -18.10 6.98
C GLU B 111 14.56 -19.36 6.45
N ILE B 112 15.07 -20.20 7.33
CA ILE B 112 15.77 -21.39 6.86
C ILE B 112 14.83 -22.38 6.16
N SER B 113 13.67 -22.57 6.78
CA SER B 113 12.59 -23.29 6.13
C SER B 113 12.21 -22.75 4.76
N ALA B 114 12.06 -21.44 4.65
CA ALA B 114 11.63 -20.90 3.37
C ALA B 114 12.68 -21.13 2.32
N ALA B 115 13.93 -21.02 2.72
CA ALA B 115 15.03 -21.13 1.78
C ALA B 115 15.22 -22.60 1.35
N LEU B 116 15.02 -23.50 2.31
CA LEU B 116 15.03 -24.93 2.02
C LEU B 116 13.93 -25.28 1.06
N GLN B 117 12.71 -24.81 1.36
CA GLN B 117 11.58 -25.08 0.47
C GLN B 117 11.74 -24.44 -0.90
N ALA B 118 12.54 -23.40 -1.02
CA ALA B 118 12.83 -22.82 -2.34
C ALA B 118 14.03 -23.48 -2.98
N ASN B 119 14.69 -24.37 -2.23
CA ASN B 119 15.74 -25.22 -2.78
C ASN B 119 16.96 -24.42 -3.25
N ILE B 120 17.49 -23.59 -2.34
CA ILE B 120 18.65 -22.75 -2.67
C ILE B 120 19.91 -23.57 -2.74
N MET B 121 20.91 -23.02 -3.43
CA MET B 121 22.22 -23.63 -3.56
C MET B 121 22.95 -23.92 -2.23
N CYS B 122 22.98 -22.98 -1.28
CA CYS B 122 23.89 -23.13 -0.13
C CYS B 122 23.58 -22.13 0.99
N PHE B 123 23.76 -22.58 2.22
CA PHE B 123 23.71 -21.75 3.40
C PHE B 123 25.14 -21.48 3.85
N ASN B 124 25.57 -20.22 3.85
CA ASN B 124 26.87 -19.86 4.38
C ASN B 124 26.75 -19.69 5.88
N VAL B 125 27.17 -20.69 6.64
CA VAL B 125 26.96 -20.75 8.09
C VAL B 125 28.04 -20.01 8.88
N GLU B 126 27.59 -19.35 9.95
CA GLU B 126 28.42 -18.42 10.74
C GLU B 126 28.55 -18.79 12.22
N SER B 127 27.82 -19.79 12.69
CA SER B 127 28.02 -20.24 14.02
C SER B 127 27.72 -21.72 14.14
N ILE B 128 28.15 -22.29 15.26
CA ILE B 128 27.91 -23.68 15.55
C ILE B 128 26.44 -23.83 15.87
N SER B 129 25.94 -22.98 16.77
CA SER B 129 24.51 -22.98 17.07
C SER B 129 23.66 -23.04 15.80
N GLU B 130 24.13 -22.37 14.74
CA GLU B 130 23.34 -22.24 13.50
C GLU B 130 23.28 -23.56 12.75
N LEU B 131 24.41 -24.28 12.72
CA LEU B 131 24.43 -25.64 12.20
C LEU B 131 23.31 -26.48 12.81
N TYR B 132 23.17 -26.45 14.12
CA TYR B 132 22.17 -27.28 14.76
C TYR B 132 20.79 -26.85 14.34
N ARG B 133 20.60 -25.55 14.20
CA ARG B 133 19.29 -25.03 13.87
C ARG B 133 18.92 -25.46 12.45
N ILE B 134 19.87 -25.38 11.55
CA ILE B 134 19.59 -25.71 10.18
C ILE B 134 19.26 -27.18 10.12
N ASN B 135 20.15 -28.00 10.66
CA ASN B 135 19.97 -29.43 10.66
C ASN B 135 18.62 -29.79 11.26
N SER B 136 18.26 -29.10 12.34
CA SER B 136 17.00 -29.34 12.99
C SER B 136 15.78 -29.03 12.10
N VAL B 137 15.86 -27.96 11.32
CA VAL B 137 14.78 -27.60 10.40
C VAL B 137 14.76 -28.50 9.16
N ALA B 138 15.94 -28.81 8.63
CA ALA B 138 16.08 -29.74 7.50
C ALA B 138 15.50 -31.12 7.84
N LYS B 139 15.76 -31.54 9.06
CA LYS B 139 15.27 -32.77 9.59
C LYS B 139 13.75 -32.72 9.53
N ALA B 140 13.16 -31.70 10.13
CA ALA B 140 11.71 -31.60 10.16
C ALA B 140 11.07 -31.61 8.76
N LEU B 141 11.79 -31.17 7.73
CA LEU B 141 11.27 -31.16 6.38
C LEU B 141 11.72 -32.35 5.60
N ASN B 142 12.49 -33.21 6.24
CA ASN B 142 13.14 -34.32 5.56
C ASN B 142 13.87 -33.98 4.27
N VAL B 143 14.68 -32.93 4.30
CA VAL B 143 15.62 -32.65 3.20
C VAL B 143 17.04 -32.60 3.73
N LYS B 144 17.99 -32.46 2.82
CA LYS B 144 19.38 -32.25 3.18
C LYS B 144 19.88 -30.84 2.81
N ALA B 145 20.26 -30.07 3.84
CA ALA B 145 20.59 -28.65 3.68
C ALA B 145 21.99 -28.47 3.22
N PRO B 146 22.19 -27.85 2.06
CA PRO B 146 23.54 -27.65 1.57
C PRO B 146 24.21 -26.52 2.32
N ILE B 147 25.47 -26.70 2.71
CA ILE B 147 26.12 -25.72 3.60
C ILE B 147 27.58 -25.49 3.33
N SER B 148 28.02 -24.24 3.45
CA SER B 148 29.41 -23.90 3.64
C SER B 148 29.56 -23.35 5.02
N ILE B 149 30.80 -23.21 5.46
CA ILE B 149 31.09 -22.52 6.66
C ILE B 149 31.78 -21.27 6.25
N ARG B 150 31.36 -20.16 6.84
CA ARG B 150 32.07 -18.90 6.68
C ARG B 150 33.31 -18.92 7.61
N ILE B 151 34.47 -18.85 6.98
CA ILE B 151 35.71 -19.00 7.65
C ILE B 151 36.44 -17.70 7.65
N ASN B 152 37.08 -17.42 8.79
CA ASN B 152 37.91 -16.29 8.96
C ASN B 152 39.35 -16.74 8.87
N PRO B 153 39.96 -16.54 7.69
CA PRO B 153 41.37 -16.82 7.62
C PRO B 153 42.24 -15.96 8.51
N ASN B 154 43.46 -16.44 8.70
CA ASN B 154 44.42 -15.85 9.56
C ASN B 154 45.21 -15.02 8.60
N ILE B 155 44.60 -13.91 8.17
CA ILE B 155 45.31 -12.91 7.40
C ILE B 155 46.42 -12.30 8.30
N ASP B 156 47.60 -12.08 7.71
CA ASP B 156 48.71 -11.43 8.37
C ASP B 156 48.46 -9.95 8.72
N ALA B 157 48.54 -9.66 10.03
CA ALA B 157 48.13 -8.38 10.59
C ALA B 157 49.15 -7.35 10.29
N GLY B 158 50.40 -7.72 10.31
CA GLY B 158 51.46 -6.80 9.92
C GLY B 158 51.42 -6.36 8.48
N THR B 159 50.66 -7.06 7.65
CA THR B 159 50.49 -6.63 6.26
C THR B 159 49.06 -6.12 5.96
N HIS B 160 48.05 -6.53 6.73
CA HIS B 160 46.71 -5.98 6.53
C HIS B 160 46.06 -5.81 7.88
N PRO B 161 46.45 -4.75 8.59
CA PRO B 161 46.06 -4.68 9.99
C PRO B 161 44.54 -4.50 10.16
N TYR B 162 43.92 -3.66 9.37
CA TYR B 162 42.50 -3.41 9.55
C TYR B 162 41.67 -4.67 9.23
N ILE B 163 41.96 -5.31 8.10
CA ILE B 163 41.20 -6.48 7.73
C ILE B 163 41.34 -7.57 8.78
N SER B 164 42.55 -7.69 9.28
CA SER B 164 42.90 -8.76 10.19
C SER B 164 42.18 -8.61 11.52
N THR B 165 42.08 -7.39 12.02
CA THR B 165 41.52 -7.25 13.36
C THR B 165 40.03 -7.27 13.25
N GLY B 166 39.52 -6.75 12.12
CA GLY B 166 38.07 -6.83 11.81
C GLY B 166 37.62 -8.27 11.88
N LEU B 167 38.32 -9.16 11.18
CA LEU B 167 38.08 -10.59 11.24
C LEU B 167 38.05 -11.10 12.67
N LYS B 168 39.10 -10.77 13.44
CA LYS B 168 39.15 -11.18 14.86
C LYS B 168 38.10 -10.59 15.78
N GLU B 169 37.86 -9.27 15.72
CA GLU B 169 36.93 -8.58 16.63
C GLU B 169 35.43 -8.70 16.37
N ASN B 170 34.99 -9.36 15.32
CA ASN B 170 33.66 -9.07 14.89
C ASN B 170 32.78 -10.31 14.91
N LYS B 171 31.49 -10.08 14.86
CA LYS B 171 30.52 -11.13 14.99
C LYS B 171 30.52 -12.26 13.91
N PHE B 172 31.20 -12.04 12.79
CA PHE B 172 31.13 -12.95 11.64
C PHE B 172 32.11 -14.14 11.67
N GLY B 173 31.61 -15.27 11.23
CA GLY B 173 32.46 -16.37 10.81
C GLY B 173 33.00 -17.25 11.88
N ILE B 174 33.67 -18.30 11.46
CA ILE B 174 34.36 -19.20 12.34
C ILE B 174 35.84 -19.02 12.08
N GLU B 175 36.58 -18.88 13.16
CA GLU B 175 38.02 -18.71 13.04
C GLU B 175 38.64 -20.01 12.47
N ILE B 176 39.57 -19.84 11.55
CA ILE B 176 40.20 -20.96 10.84
C ILE B 176 40.77 -22.02 11.76
N GLU B 177 41.25 -21.61 12.93
CA GLU B 177 41.79 -22.55 13.92
C GLU B 177 40.77 -23.62 14.31
N GLN B 178 39.50 -23.32 14.14
CA GLN B 178 38.47 -24.27 14.51
C GLN B 178 37.73 -24.78 13.31
N ALA B 179 38.24 -24.51 12.11
CA ALA B 179 37.52 -24.88 10.89
C ALA B 179 37.18 -26.38 10.88
N LEU B 180 38.22 -27.19 10.96
CA LEU B 180 38.09 -28.65 10.86
C LEU B 180 37.14 -29.17 11.91
N ASP B 181 37.24 -28.64 13.11
CA ASP B 181 36.39 -29.09 14.16
C ASP B 181 34.93 -28.90 13.81
N VAL B 182 34.57 -27.77 13.22
CA VAL B 182 33.15 -27.51 12.97
C VAL B 182 32.74 -28.19 11.67
N TYR B 183 33.65 -28.21 10.71
CA TYR B 183 33.37 -28.93 9.49
C TYR B 183 33.09 -30.38 9.83
N LYS B 184 33.73 -30.85 10.89
CA LYS B 184 33.54 -32.20 11.34
C LYS B 184 32.13 -32.35 11.82
N ILE B 185 31.75 -31.51 12.76
CA ILE B 185 30.41 -31.52 13.34
C ILE B 185 29.36 -31.51 12.26
N ALA B 186 29.60 -30.73 11.21
CA ALA B 186 28.69 -30.67 10.10
C ALA B 186 28.58 -32.03 9.42
N SER B 187 29.74 -32.64 9.13
CA SER B 187 29.79 -33.98 8.52
C SER B 187 28.96 -34.96 9.35
N ASP B 188 29.14 -34.92 10.66
CA ASP B 188 28.38 -35.79 11.57
C ASP B 188 26.89 -35.52 11.56
N LEU B 189 26.47 -34.39 11.04
CA LEU B 189 25.06 -34.09 11.05
C LEU B 189 24.45 -34.62 9.77
N GLU B 190 23.27 -35.19 9.98
CA GLU B 190 22.65 -36.12 9.05
C GLU B 190 21.95 -35.38 7.98
N PHE B 191 21.26 -34.30 8.39
CA PHE B 191 20.43 -33.50 7.49
C PHE B 191 21.15 -32.28 6.91
N LEU B 192 22.48 -32.24 7.08
CA LEU B 192 23.30 -31.25 6.40
C LEU B 192 24.14 -31.93 5.39
N GLU B 193 24.57 -31.18 4.39
CA GLU B 193 25.40 -31.71 3.37
C GLU B 193 26.43 -30.67 3.00
N ILE B 194 27.68 -30.95 3.34
CA ILE B 194 28.76 -30.03 3.08
C ILE B 194 28.99 -29.85 1.60
N LYS B 195 28.84 -28.62 1.11
CA LYS B 195 29.10 -28.32 -0.30
C LYS B 195 30.25 -27.41 -0.53
N GLY B 196 30.60 -26.58 0.46
CA GLY B 196 31.56 -25.53 0.18
C GLY B 196 32.29 -24.94 1.33
N VAL B 197 33.17 -24.00 0.97
CA VAL B 197 33.84 -23.14 1.92
C VAL B 197 33.57 -21.69 1.54
N ASP B 198 33.32 -20.87 2.55
CA ASP B 198 32.94 -19.47 2.33
C ASP B 198 33.75 -18.49 3.18
N CYS B 199 33.97 -17.30 2.63
CA CYS B 199 34.46 -16.22 3.43
C CYS B 199 34.06 -14.84 2.90
N HIS B 200 34.09 -13.86 3.80
CA HIS B 200 33.94 -12.49 3.38
C HIS B 200 34.82 -11.63 4.31
N ILE B 201 35.80 -10.92 3.75
CA ILE B 201 36.89 -10.38 4.56
C ILE B 201 36.75 -8.88 4.90
N GLY B 202 35.85 -8.19 4.19
CA GLY B 202 35.50 -6.85 4.50
C GLY B 202 34.86 -6.19 3.31
N SER B 203 34.75 -4.87 3.35
CA SER B 203 34.13 -4.12 2.26
C SER B 203 34.91 -2.89 1.95
N GLN B 204 34.71 -2.36 0.76
CA GLN B 204 35.51 -1.23 0.25
C GLN B 204 37.02 -1.49 0.41
N LEU B 205 37.48 -2.68 0.02
CA LEU B 205 38.89 -2.97 0.03
C LEU B 205 39.51 -2.50 -1.29
N THR B 206 40.65 -1.81 -1.21
CA THR B 206 41.28 -1.15 -2.37
C THR B 206 42.57 -1.81 -2.86
N GLU B 207 42.86 -3.02 -2.38
CA GLU B 207 44.07 -3.80 -2.70
C GLU B 207 43.66 -5.23 -3.06
N ILE B 208 44.37 -5.87 -3.99
CA ILE B 208 44.16 -7.29 -4.29
C ILE B 208 44.74 -8.22 -3.21
N ALA B 209 45.80 -7.79 -2.56
CA ALA B 209 46.57 -8.67 -1.70
C ALA B 209 45.75 -9.45 -0.68
N PRO B 210 44.86 -8.76 0.05
CA PRO B 210 44.17 -9.51 1.09
C PRO B 210 43.31 -10.62 0.55
N PHE B 211 42.77 -10.40 -0.64
CA PHE B 211 41.88 -11.40 -1.24
C PHE B 211 42.68 -12.67 -1.54
N ILE B 212 43.85 -12.46 -2.12
CA ILE B 212 44.74 -13.58 -2.43
C ILE B 212 45.16 -14.27 -1.17
N GLU B 213 45.64 -13.47 -0.23
CA GLU B 213 46.01 -14.03 1.05
C GLU B 213 44.93 -14.92 1.61
N ALA B 214 43.69 -14.47 1.53
CA ALA B 214 42.55 -15.23 2.01
C ALA B 214 42.32 -16.52 1.22
N LEU B 215 42.39 -16.39 -0.11
CA LEU B 215 42.30 -17.56 -0.95
C LEU B 215 43.31 -18.66 -0.58
N ASP B 216 44.59 -18.30 -0.60
CA ASP B 216 45.67 -19.22 -0.19
C ASP B 216 45.28 -20.03 1.04
N LYS B 217 44.88 -19.37 2.11
CA LYS B 217 44.66 -20.08 3.37
C LYS B 217 43.45 -20.93 3.34
N LEU B 218 42.51 -20.57 2.48
CA LEU B 218 41.32 -21.39 2.31
C LEU B 218 41.58 -22.64 1.43
N LEU B 219 42.47 -22.51 0.45
CA LEU B 219 42.90 -23.67 -0.35
C LEU B 219 43.64 -24.68 0.50
N ILE B 220 44.59 -24.20 1.30
CA ILE B 220 45.24 -25.02 2.30
C ILE B 220 44.18 -25.75 3.11
N LEU B 221 43.19 -25.02 3.58
CA LEU B 221 42.14 -25.65 4.41
C LEU B 221 41.34 -26.69 3.63
N ILE B 222 41.07 -26.40 2.35
CA ILE B 222 40.30 -27.32 1.56
C ILE B 222 41.02 -28.65 1.46
N ASP B 223 42.32 -28.55 1.13
CA ASP B 223 43.20 -29.71 1.06
C ASP B 223 43.21 -30.50 2.36
N LEU B 224 43.39 -29.80 3.48
CA LEU B 224 43.31 -30.49 4.77
C LEU B 224 41.99 -31.21 4.94
N LEU B 225 40.94 -30.67 4.35
CA LEU B 225 39.59 -31.29 4.44
C LEU B 225 39.49 -32.50 3.51
N ALA B 226 40.08 -32.40 2.32
CA ALA B 226 40.16 -33.55 1.42
C ALA B 226 40.76 -34.74 2.20
N GLU B 227 42.01 -34.58 2.66
CA GLU B 227 42.66 -35.59 3.49
C GLU B 227 41.77 -36.14 4.57
N LYS B 228 41.00 -35.28 5.23
CA LYS B 228 40.05 -35.77 6.25
C LYS B 228 38.76 -36.36 5.65
N GLY B 229 38.74 -36.56 4.35
CA GLY B 229 37.63 -37.25 3.72
C GLY B 229 36.37 -36.41 3.65
N ILE B 230 36.52 -35.09 3.57
CA ILE B 230 35.44 -34.17 3.32
C ILE B 230 35.69 -33.53 2.00
N THR B 231 34.67 -33.51 1.18
CA THR B 231 34.75 -33.05 -0.20
C THR B 231 34.17 -31.70 -0.33
N ILE B 232 34.78 -30.87 -1.15
CA ILE B 232 34.37 -29.48 -1.26
C ILE B 232 34.09 -29.06 -2.68
N SER B 233 32.83 -28.81 -3.00
CA SER B 233 32.40 -28.59 -4.39
C SER B 233 32.62 -27.15 -4.88
N HIS B 234 32.55 -26.20 -3.95
CA HIS B 234 32.79 -24.77 -4.29
C HIS B 234 33.44 -23.97 -3.16
N LEU B 235 34.08 -22.89 -3.59
CA LEU B 235 34.70 -21.93 -2.70
C LEU B 235 34.14 -20.55 -2.97
N ASP B 236 33.53 -19.97 -1.95
CA ASP B 236 32.87 -18.67 -2.03
C ASP B 236 33.78 -17.61 -1.40
N LEU B 237 34.23 -16.67 -2.21
CA LEU B 237 35.14 -15.64 -1.77
C LEU B 237 34.52 -14.29 -1.34
N GLY B 238 33.20 -14.28 -1.17
CA GLY B 238 32.50 -13.11 -0.71
C GLY B 238 32.62 -11.97 -1.67
N GLY B 239 32.36 -10.76 -1.17
CA GLY B 239 32.50 -9.53 -1.93
C GLY B 239 33.64 -8.75 -1.33
N GLY B 240 33.53 -7.43 -1.35
CA GLY B 240 34.47 -6.58 -0.66
C GLY B 240 35.34 -5.73 -1.55
N LEU B 241 35.29 -5.98 -2.84
CA LEU B 241 36.11 -5.22 -3.75
C LEU B 241 35.58 -3.77 -3.76
N GLY B 242 36.50 -2.83 -3.55
CA GLY B 242 36.13 -1.44 -3.39
C GLY B 242 35.95 -0.69 -4.69
N VAL B 243 35.50 0.56 -4.59
CA VAL B 243 35.28 1.39 -5.74
C VAL B 243 35.86 2.77 -5.50
N PRO B 244 36.02 3.55 -6.58
CA PRO B 244 36.43 4.96 -6.45
C PRO B 244 35.28 5.88 -6.08
N TYR B 245 35.33 6.42 -4.86
CA TYR B 245 34.38 7.43 -4.38
C TYR B 245 34.95 8.83 -4.56
N ASP B 246 36.18 9.02 -4.06
CA ASP B 246 36.93 10.27 -4.10
C ASP B 246 38.18 10.05 -4.98
N ASP B 247 39.28 9.61 -4.36
CA ASP B 247 40.60 9.53 -4.97
C ASP B 247 41.19 8.10 -4.97
N GLU B 248 40.38 7.12 -4.58
CA GLU B 248 40.86 5.75 -4.43
C GLU B 248 41.09 5.11 -5.81
N THR B 249 41.94 4.10 -5.86
CA THR B 249 42.20 3.36 -7.10
C THR B 249 42.19 1.87 -6.78
N PRO B 250 41.01 1.33 -6.49
CA PRO B 250 40.96 -0.08 -6.28
C PRO B 250 41.17 -0.83 -7.58
N PRO B 251 41.53 -2.10 -7.49
CA PRO B 251 41.58 -2.94 -8.64
C PRO B 251 40.22 -2.95 -9.29
N GLU B 252 40.16 -2.85 -10.60
CA GLU B 252 38.91 -3.09 -11.29
C GLU B 252 38.60 -4.57 -11.30
N PRO B 253 37.31 -4.91 -11.44
CA PRO B 253 36.88 -6.29 -11.34
C PRO B 253 37.67 -7.29 -12.17
N ALA B 254 37.93 -6.94 -13.43
CA ALA B 254 38.76 -7.77 -14.33
C ALA B 254 40.09 -8.17 -13.68
N GLU B 255 40.86 -7.17 -13.23
CA GLU B 255 42.17 -7.39 -12.57
C GLU B 255 42.09 -8.24 -11.31
N TYR B 256 41.10 -7.94 -10.48
CA TYR B 256 40.84 -8.70 -9.27
C TYR B 256 40.57 -10.13 -9.58
N MET B 257 39.75 -10.38 -10.59
CA MET B 257 39.40 -11.74 -10.96
C MET B 257 40.60 -12.55 -11.54
N THR B 258 41.31 -11.96 -12.48
CA THR B 258 42.47 -12.60 -13.11
C THR B 258 43.49 -13.05 -12.07
N ALA B 259 43.83 -12.16 -11.13
CA ALA B 259 44.70 -12.58 -10.03
C ALA B 259 44.14 -13.83 -9.32
N ILE B 260 42.85 -13.83 -9.06
CA ILE B 260 42.26 -14.94 -8.35
C ILE B 260 42.30 -16.21 -9.18
N ILE B 261 42.11 -16.03 -10.49
CA ILE B 261 42.04 -17.17 -11.42
C ILE B 261 43.43 -17.74 -11.63
N ASN B 262 44.38 -16.85 -11.93
CA ASN B 262 45.80 -17.22 -12.00
C ASN B 262 46.14 -18.08 -10.78
N ARG B 263 45.82 -17.59 -9.57
CA ARG B 263 46.08 -18.41 -8.33
C ARG B 263 45.40 -19.78 -8.29
N MET B 264 44.39 -19.97 -9.12
CA MET B 264 43.68 -21.26 -9.23
C MET B 264 44.42 -22.24 -10.14
N ALA B 265 45.49 -21.74 -10.77
CA ALA B 265 46.62 -22.57 -11.14
C ALA B 265 46.18 -23.72 -12.02
N GLY B 266 46.07 -24.91 -11.43
CA GLY B 266 45.44 -26.06 -12.09
C GLY B 266 44.49 -26.74 -11.14
N ARG B 267 43.39 -26.05 -10.81
CA ARG B 267 42.22 -26.64 -10.12
C ARG B 267 40.91 -26.47 -10.89
N SER B 268 39.96 -27.32 -10.58
CA SER B 268 38.65 -27.23 -11.21
C SER B 268 37.55 -26.83 -10.19
N LEU B 269 37.98 -26.39 -9.01
CA LEU B 269 37.06 -26.01 -7.92
C LEU B 269 36.24 -24.80 -8.31
N LYS B 270 34.95 -24.88 -8.03
CA LYS B 270 34.04 -23.85 -8.47
C LYS B 270 34.17 -22.62 -7.58
N LEU B 271 34.36 -21.47 -8.21
CA LEU B 271 34.46 -20.22 -7.46
C LEU B 271 33.18 -19.38 -7.45
N ILE B 272 32.70 -19.07 -6.26
CA ILE B 272 31.57 -18.19 -6.09
C ILE B 272 32.04 -16.84 -5.59
N PHE B 273 31.54 -15.80 -6.21
CA PHE B 273 31.78 -14.40 -5.82
C PHE B 273 30.49 -13.68 -5.49
N GLU B 274 30.57 -12.79 -4.51
CA GLU B 274 29.41 -12.09 -3.96
C GLU B 274 29.55 -10.59 -4.02
N PRO B 275 29.93 -10.04 -5.17
CA PRO B 275 30.11 -8.60 -5.15
C PRO B 275 28.78 -7.81 -5.03
N GLY B 276 28.84 -6.66 -4.35
CA GLY B 276 27.71 -5.73 -4.29
C GLY B 276 28.08 -4.34 -4.76
N ARG B 277 28.84 -3.66 -3.91
CA ARG B 277 29.32 -2.30 -4.22
C ARG B 277 29.96 -2.16 -5.61
N ALA B 278 30.84 -3.09 -5.96
CA ALA B 278 31.61 -2.98 -7.20
C ALA B 278 30.70 -3.01 -8.41
N ILE B 279 29.56 -3.70 -8.27
CA ILE B 279 28.57 -3.66 -9.34
C ILE B 279 27.72 -2.42 -9.33
N MET B 280 27.23 -1.99 -8.18
CA MET B 280 26.17 -0.96 -8.14
C MET B 280 26.57 0.44 -7.78
N ALA B 281 27.67 0.62 -7.06
CA ALA B 281 27.96 1.93 -6.47
C ALA B 281 27.84 3.05 -7.48
N ASN B 282 28.60 2.95 -8.54
CA ASN B 282 28.63 4.03 -9.54
C ASN B 282 27.65 3.82 -10.67
N ALA B 283 26.80 2.80 -10.56
CA ALA B 283 25.63 2.64 -11.44
C ALA B 283 24.42 3.49 -11.04
N GLY B 284 24.54 4.32 -9.99
CA GLY B 284 23.45 5.18 -9.58
C GLY B 284 23.89 6.51 -8.99
N VAL B 285 23.00 7.49 -9.13
CA VAL B 285 23.17 8.75 -8.46
C VAL B 285 21.92 9.14 -7.72
N LEU B 286 22.05 10.16 -6.86
CA LEU B 286 20.91 10.73 -6.17
C LEU B 286 20.83 12.19 -6.51
N VAL B 287 19.69 12.60 -7.08
CA VAL B 287 19.50 13.97 -7.52
C VAL B 287 18.68 14.72 -6.50
N THR B 288 19.06 15.96 -6.22
CA THR B 288 18.38 16.73 -5.21
C THR B 288 18.35 18.19 -5.61
N LYS B 289 17.40 18.93 -5.09
CA LYS B 289 17.20 20.31 -5.43
C LYS B 289 17.64 21.21 -4.27
N VAL B 290 18.35 22.28 -4.59
CA VAL B 290 18.76 23.26 -3.58
C VAL B 290 17.53 24.08 -3.22
N GLU B 291 17.20 24.12 -1.94
CA GLU B 291 16.09 24.92 -1.50
C GLU B 291 16.61 26.30 -1.12
N PHE B 292 17.52 26.35 -0.17
CA PHE B 292 18.02 27.60 0.34
C PHE B 292 19.53 27.64 0.42
N LEU B 293 20.08 28.86 0.43
CA LEU B 293 21.49 29.08 0.72
C LEU B 293 21.54 29.94 1.93
N LYS B 294 22.30 29.51 2.93
CA LYS B 294 22.53 30.29 4.13
C LYS B 294 24.00 30.69 4.20
N LEU B 295 24.23 32.01 4.18
CA LEU B 295 25.58 32.55 4.06
C LEU B 295 25.98 33.18 5.37
N ASN B 296 27.23 32.95 5.76
CA ASN B 296 27.84 33.50 6.96
C ASN B 296 29.28 33.91 6.68
N LYS B 299 30.86 30.01 7.78
CA LYS B 299 30.43 28.77 7.12
C LYS B 299 29.18 28.97 6.25
N ASN B 300 29.15 28.33 5.09
CA ASN B 300 27.99 28.37 4.22
C ASN B 300 27.24 27.05 4.11
N PHE B 301 25.92 27.14 3.97
CA PHE B 301 25.09 25.97 3.78
C PHE B 301 24.23 26.00 2.54
N ALA B 302 24.36 24.98 1.71
CA ALA B 302 23.32 24.66 0.74
C ALA B 302 22.34 23.66 1.38
N ILE B 303 21.12 24.08 1.57
CA ILE B 303 20.08 23.24 2.10
C ILE B 303 19.33 22.63 0.93
N VAL B 304 19.41 21.30 0.81
CA VAL B 304 18.82 20.56 -0.29
C VAL B 304 17.62 19.71 0.17
N ASP B 305 16.89 19.10 -0.75
CA ASP B 305 15.69 18.39 -0.38
C ASP B 305 15.94 16.88 -0.15
N ALA B 306 17.19 16.41 -0.30
CA ALA B 306 17.58 15.06 0.13
C ALA B 306 18.24 15.15 1.50
N ALA B 307 18.18 14.06 2.27
CA ALA B 307 18.71 14.03 3.61
C ALA B 307 19.24 12.65 3.99
N MET B 308 19.63 12.50 5.25
CA MET B 308 20.19 11.27 5.75
C MET B 308 19.20 10.11 5.69
N ASN B 309 17.90 10.38 5.67
CA ASN B 309 16.94 9.30 5.46
C ASN B 309 16.92 8.79 4.03
N ASP B 310 17.39 9.61 3.09
CA ASP B 310 17.52 9.17 1.69
C ASP B 310 18.88 8.50 1.47
N LEU B 311 19.92 9.06 2.10
CA LEU B 311 21.28 8.57 1.96
C LEU B 311 22.01 8.75 3.24
N ILE B 312 22.30 7.63 3.90
CA ILE B 312 22.86 7.71 5.25
C ILE B 312 24.39 7.62 5.32
N ARG B 313 25.02 7.32 4.20
CA ARG B 313 26.44 6.93 4.21
C ARG B 313 27.32 8.04 4.77
N PRO B 314 27.09 9.29 4.37
CA PRO B 314 27.89 10.34 4.94
C PRO B 314 27.72 10.49 6.45
N ALA B 315 26.49 10.49 6.92
CA ALA B 315 26.27 10.57 8.39
C ALA B 315 26.75 9.36 9.15
N LEU B 316 26.59 8.19 8.60
CA LEU B 316 26.89 7.00 9.37
C LEU B 316 28.38 6.63 9.32
N TYR B 317 29.02 6.90 8.18
CA TYR B 317 30.40 6.47 8.00
C TYR B 317 31.37 7.62 7.72
N SER B 318 30.88 8.86 7.71
CA SER B 318 31.66 9.98 7.09
C SER B 318 32.12 9.64 5.69
N ALA B 319 31.26 8.98 4.93
CA ALA B 319 31.63 8.67 3.59
C ALA B 319 31.69 9.94 2.81
N TRP B 320 32.64 9.98 1.87
CA TRP B 320 32.79 11.10 0.95
C TRP B 320 32.15 10.68 -0.34
N GLN B 321 31.13 11.40 -0.74
CA GLN B 321 30.40 11.13 -1.94
C GLN B 321 30.48 12.41 -2.80
N ASN B 322 30.95 12.29 -4.03
CA ASN B 322 31.16 13.45 -4.86
C ASN B 322 29.80 14.09 -5.16
N ILE B 323 29.75 15.43 -5.13
CA ILE B 323 28.53 16.19 -5.39
C ILE B 323 28.83 17.19 -6.51
N ILE B 324 28.13 17.03 -7.64
CA ILE B 324 28.38 17.77 -8.85
C ILE B 324 27.11 18.43 -9.39
N PRO B 325 27.26 19.53 -10.17
CA PRO B 325 26.11 20.26 -10.66
C PRO B 325 25.49 19.56 -11.84
N LEU B 326 24.24 19.89 -12.11
CA LEU B 326 23.52 19.30 -13.22
C LEU B 326 23.98 19.86 -14.56
N ASN B 327 24.53 21.08 -14.52
CA ASN B 327 25.05 21.76 -15.70
C ASN B 327 26.38 22.50 -15.43
N THR B 328 27.37 22.29 -16.30
CA THR B 328 28.65 23.00 -16.21
C THR B 328 28.62 24.39 -16.84
N ASP B 329 27.73 24.60 -17.81
CA ASP B 329 27.61 25.91 -18.45
C ASP B 329 26.17 26.41 -18.40
N TYR B 330 25.79 26.99 -17.27
CA TYR B 330 24.46 27.55 -17.12
C TYR B 330 24.33 28.79 -17.98
N GLN B 331 23.28 28.84 -18.79
CA GLN B 331 23.08 29.99 -19.68
C GLN B 331 21.72 30.59 -19.40
N ASP B 332 21.41 30.76 -18.12
CA ASP B 332 20.19 31.44 -17.67
C ASP B 332 20.56 32.75 -17.00
N GLY B 333 21.85 33.06 -17.00
CA GLY B 333 22.34 34.33 -16.49
C GLY B 333 22.08 34.61 -15.04
N GLN B 334 21.99 33.55 -14.23
CA GLN B 334 21.79 33.72 -12.79
C GLN B 334 23.15 33.91 -12.11
N ASP B 335 23.17 34.64 -11.01
CA ASP B 335 24.40 34.92 -10.32
C ASP B 335 24.82 33.73 -9.43
N ARG B 336 25.98 33.11 -9.74
CA ARG B 336 26.46 31.91 -9.05
C ARG B 336 27.88 32.07 -8.52
N PRO B 337 28.02 32.83 -7.43
CA PRO B 337 29.34 32.98 -6.82
C PRO B 337 29.87 31.65 -6.30
N VAL B 338 31.08 31.25 -6.72
CA VAL B 338 31.71 30.06 -6.20
C VAL B 338 31.94 30.26 -4.71
N ARG B 339 31.50 29.28 -3.91
CA ARG B 339 31.73 29.34 -2.48
C ARG B 339 31.92 27.90 -1.93
N SER B 340 32.33 27.83 -0.67
CA SER B 340 32.55 26.59 0.04
C SER B 340 31.31 26.28 0.90
N TYR B 341 30.58 25.23 0.50
CA TYR B 341 29.32 24.87 1.14
C TYR B 341 29.42 23.52 1.83
N ASP B 342 28.74 23.42 2.96
CA ASP B 342 28.28 22.13 3.45
C ASP B 342 26.93 21.90 2.79
N ILE B 343 26.77 20.73 2.20
CA ILE B 343 25.50 20.31 1.60
C ILE B 343 24.71 19.55 2.62
N VAL B 344 23.57 20.10 3.02
CA VAL B 344 22.79 19.52 4.11
C VAL B 344 21.29 19.46 3.79
N GLY B 345 20.57 18.59 4.48
CA GLY B 345 19.19 18.35 4.14
C GLY B 345 18.27 19.00 5.14
N PRO B 346 16.96 18.78 4.99
CA PRO B 346 15.98 19.34 5.90
C PRO B 346 15.83 18.67 7.26
N ILE B 347 16.55 17.59 7.53
CA ILE B 347 16.33 16.84 8.80
C ILE B 347 16.92 17.59 9.98
N CYS B 348 16.26 17.49 11.11
CA CYS B 348 16.52 18.30 12.28
C CYS B 348 17.72 17.89 13.14
N GLU B 349 18.77 17.37 12.53
CA GLU B 349 19.97 16.95 13.26
C GLU B 349 21.19 17.53 12.58
N THR B 350 22.24 17.84 13.34
CA THR B 350 23.49 18.27 12.74
C THR B 350 24.11 17.14 11.94
N GLY B 351 23.85 15.89 12.33
CA GLY B 351 24.28 14.73 11.57
C GLY B 351 23.67 14.64 10.18
N ASP B 352 22.60 15.36 9.93
CA ASP B 352 22.00 15.28 8.60
C ASP B 352 22.75 16.13 7.60
N PHE B 353 23.75 15.53 6.97
CA PHE B 353 24.47 16.16 5.88
C PHE B 353 24.76 15.17 4.77
N LEU B 354 25.01 15.69 3.58
CA LEU B 354 25.38 14.87 2.44
C LEU B 354 26.84 15.03 2.05
N GLY B 355 27.41 16.19 2.36
CA GLY B 355 28.81 16.41 2.07
C GLY B 355 29.27 17.68 2.73
N LYS B 356 30.57 17.74 3.02
CA LYS B 356 31.17 18.92 3.66
C LYS B 356 32.22 19.63 2.79
N GLU B 357 32.32 20.94 2.99
CA GLU B 357 33.31 21.78 2.32
C GLU B 357 33.44 21.52 0.85
N ARG B 358 32.39 21.76 0.11
CA ARG B 358 32.47 21.63 -1.34
C ARG B 358 32.46 23.00 -2.04
N GLN B 359 33.36 23.12 -2.99
CA GLN B 359 33.53 24.31 -3.80
C GLN B 359 32.51 24.27 -4.90
N LEU B 360 31.47 25.09 -4.77
CA LEU B 360 30.34 25.03 -5.72
C LEU B 360 29.77 26.40 -6.06
N ALA B 361 29.30 26.49 -7.30
CA ALA B 361 28.66 27.67 -7.84
C ALA B 361 27.18 27.38 -7.94
N LEU B 362 26.43 27.89 -6.97
CA LEU B 362 25.05 27.51 -6.78
C LEU B 362 24.08 28.69 -6.74
N ALA B 363 22.93 28.52 -7.38
CA ALA B 363 21.77 29.37 -7.07
C ALA B 363 20.65 28.49 -6.51
N GLU B 364 19.87 29.07 -5.63
CA GLU B 364 18.68 28.44 -5.11
C GLU B 364 17.86 27.97 -6.28
N GLY B 365 17.33 26.75 -6.19
CA GLY B 365 16.56 26.13 -7.27
C GLY B 365 17.35 25.20 -8.11
N ASP B 366 18.66 25.26 -8.03
CA ASP B 366 19.52 24.34 -8.81
C ASP B 366 19.40 22.88 -8.35
N TYR B 367 19.64 21.97 -9.28
CA TYR B 367 19.72 20.56 -9.00
C TYR B 367 21.19 20.10 -8.83
N LEU B 368 21.45 19.30 -7.79
CA LEU B 368 22.75 18.67 -7.59
C LEU B 368 22.64 17.17 -7.67
N VAL B 369 23.73 16.53 -8.03
CA VAL B 369 23.79 15.10 -8.27
C VAL B 369 24.85 14.59 -7.30
N ILE B 370 24.47 13.60 -6.50
CA ILE B 370 25.38 12.95 -5.56
C ILE B 370 25.75 11.67 -6.21
N ARG B 371 27.04 11.50 -6.45
CA ARG B 371 27.47 10.34 -7.18
C ARG B 371 27.72 9.14 -6.28
N SER B 372 27.71 7.96 -6.87
CA SER B 372 28.15 6.75 -6.22
C SER B 372 27.21 6.31 -5.16
N THR B 373 25.93 6.41 -5.45
CA THR B 373 24.91 6.14 -4.46
C THR B 373 24.06 4.93 -4.86
N GLY B 374 24.56 4.14 -5.80
CA GLY B 374 23.80 2.98 -6.24
C GLY B 374 23.88 1.79 -5.29
N ALA B 375 24.85 1.83 -4.37
CA ALA B 375 25.03 0.77 -3.39
C ALA B 375 24.92 1.34 -1.99
N TYR B 376 24.12 0.68 -1.16
CA TYR B 376 23.93 1.11 0.21
C TYR B 376 23.36 2.51 0.28
N GLY B 377 22.50 2.81 -0.69
CA GLY B 377 21.81 4.10 -0.78
C GLY B 377 20.37 3.93 -0.35
N SER B 378 19.53 3.54 -1.30
CA SER B 378 18.15 3.32 -0.98
C SER B 378 17.96 2.20 -0.02
N THR B 379 18.85 1.21 -0.02
CA THR B 379 18.68 0.09 0.91
C THR B 379 18.78 0.47 2.36
N MET B 380 19.46 1.57 2.64
CA MET B 380 19.59 2.01 4.00
C MET B 380 18.65 3.18 4.28
N SER B 381 17.74 3.50 3.38
CA SER B 381 16.89 4.65 3.56
C SER B 381 15.77 4.39 4.51
N SER B 382 15.27 5.47 5.09
CA SER B 382 14.24 5.40 6.11
C SER B 382 13.25 6.52 5.92
N ASN B 383 12.31 6.62 6.85
CA ASN B 383 11.30 7.66 6.86
C ASN B 383 11.48 8.70 7.97
N TYR B 384 12.69 8.84 8.51
CA TYR B 384 12.91 9.73 9.63
C TYR B 384 12.39 11.15 9.32
N ASN B 385 11.81 11.82 10.30
CA ASN B 385 11.09 13.10 10.13
C ASN B 385 9.86 12.93 9.24
N SER B 386 9.35 11.70 9.12
CA SER B 386 8.18 11.41 8.34
C SER B 386 8.31 11.95 6.95
N ARG B 387 9.47 11.69 6.35
CA ARG B 387 9.75 12.00 4.96
C ARG B 387 9.46 10.76 4.14
N CYS B 388 8.88 10.92 2.99
CA CYS B 388 8.60 9.82 2.07
C CYS B 388 9.86 9.37 1.36
N ARG B 389 10.01 8.08 1.18
CA ARG B 389 11.14 7.59 0.46
C ARG B 389 11.09 8.01 -1.00
N ALA B 390 12.28 8.24 -1.52
CA ALA B 390 12.51 8.75 -2.84
C ALA B 390 12.05 7.80 -3.91
N ALA B 391 11.79 8.38 -5.06
CA ALA B 391 11.51 7.61 -6.25
C ALA B 391 12.80 7.06 -6.75
N GLU B 392 12.75 5.91 -7.39
CA GLU B 392 13.91 5.34 -8.01
C GLU B 392 13.56 5.08 -9.47
N ILE B 393 14.50 5.48 -10.35
CA ILE B 393 14.31 5.48 -11.78
C ILE B 393 15.43 4.75 -12.46
N LEU B 394 15.07 3.91 -13.40
CA LEU B 394 16.03 3.16 -14.18
C LEU B 394 16.03 3.64 -15.62
N VAL B 395 17.19 4.10 -16.07
CA VAL B 395 17.35 4.57 -17.42
C VAL B 395 17.94 3.52 -18.35
N ASP B 396 17.29 3.36 -19.50
CA ASP B 396 17.72 2.45 -20.54
C ASP B 396 17.77 3.19 -21.88
N GLY B 397 18.98 3.47 -22.34
CA GLY B 397 19.16 4.20 -23.56
C GLY B 397 18.51 5.56 -23.51
N GLU B 398 17.35 5.65 -24.15
CA GLU B 398 16.57 6.90 -24.16
C GLU B 398 15.24 6.77 -23.43
N LYS B 399 15.05 5.65 -22.75
CA LYS B 399 13.85 5.39 -21.97
C LYS B 399 14.12 5.33 -20.46
N ALA B 400 13.27 6.02 -19.70
CA ALA B 400 13.33 6.08 -18.23
C ALA B 400 12.14 5.37 -17.65
N PHE B 401 12.38 4.39 -16.78
CA PHE B 401 11.29 3.71 -16.13
C PHE B 401 11.33 3.89 -14.60
N ILE B 402 10.16 4.17 -14.03
CA ILE B 402 10.05 4.31 -12.59
C ILE B 402 10.04 2.93 -12.04
N VAL B 403 11.11 2.55 -11.34
CA VAL B 403 11.24 1.22 -10.78
C VAL B 403 10.94 1.19 -9.27
N ARG B 404 10.84 2.35 -8.66
CA ARG B 404 10.17 2.45 -7.37
C ARG B 404 9.50 3.79 -7.19
N GLU B 405 8.19 3.75 -7.05
CA GLU B 405 7.42 4.96 -6.90
C GLU B 405 7.75 5.65 -5.59
N ARG B 406 7.83 6.98 -5.65
CA ARG B 406 7.90 7.78 -4.46
C ARG B 406 6.78 7.32 -3.48
N GLU B 407 7.09 7.16 -2.21
CA GLU B 407 6.02 6.90 -1.23
C GLU B 407 5.07 8.09 -1.11
N GLU B 408 3.80 7.81 -0.87
CA GLU B 408 2.82 8.84 -0.56
C GLU B 408 2.73 8.99 0.98
N LEU B 409 2.32 10.18 1.43
CA LEU B 409 2.22 10.48 2.83
C LEU B 409 1.37 9.47 3.58
N LYS B 410 0.23 9.08 3.02
CA LYS B 410 -0.65 8.12 3.69
C LYS B 410 -0.04 6.72 3.87
N ASP B 411 1.05 6.42 3.18
CA ASP B 411 1.79 5.19 3.46
C ASP B 411 2.57 5.27 4.76
N LEU B 412 2.85 6.48 5.25
CA LEU B 412 3.75 6.62 6.39
C LEU B 412 3.21 5.91 7.63
N TRP B 413 1.91 5.99 7.86
CA TRP B 413 1.31 5.46 9.06
C TRP B 413 0.47 4.20 8.75
N ARG B 414 0.69 3.56 7.63
CA ARG B 414 0.08 2.29 7.32
C ARG B 414 0.27 1.27 8.42
N GLY B 415 -0.80 0.69 8.86
CA GLY B 415 -0.81 -0.26 9.95
C GLY B 415 -0.74 0.31 11.37
N GLU B 416 -0.85 1.63 11.51
CA GLU B 416 -0.91 2.30 12.81
C GLU B 416 -2.35 2.51 13.35
N HIS B 417 -2.50 2.55 14.68
CA HIS B 417 -3.82 2.56 15.37
C HIS B 417 -3.80 3.46 16.58
N ILE B 418 -4.80 4.32 16.70
CA ILE B 418 -5.01 5.07 17.94
C ILE B 418 -5.67 4.16 18.94
N LEU B 419 -5.54 4.56 20.19
CA LEU B 419 -6.21 3.88 21.28
C LEU B 419 -7.72 4.09 21.16
N PRO B 420 -8.52 3.03 21.37
CA PRO B 420 -9.99 3.28 21.41
C PRO B 420 -10.42 4.13 22.61
N ILE B 421 -11.34 5.07 22.40
CA ILE B 421 -11.73 6.00 23.46
C ILE B 421 -12.83 5.50 24.41
N ASP C 2 -8.58 -24.84 -23.23
CA ASP C 2 -7.63 -24.35 -22.17
C ASP C 2 -6.71 -25.44 -21.49
N HIS C 3 -5.81 -24.98 -20.61
CA HIS C 3 -4.85 -25.84 -19.92
C HIS C 3 -5.26 -26.11 -18.45
N PHE C 4 -6.55 -25.97 -18.17
CA PHE C 4 -7.13 -26.45 -16.91
C PHE C 4 -7.70 -27.83 -17.20
N ASN C 5 -7.04 -28.85 -16.68
CA ASN C 5 -7.27 -30.23 -17.11
C ASN C 5 -7.17 -31.19 -15.93
N TYR C 6 -8.17 -32.05 -15.79
CA TYR C 6 -8.11 -33.12 -14.81
C TYR C 6 -7.08 -34.17 -15.28
N GLN C 7 -6.44 -34.86 -14.36
CA GLN C 7 -5.46 -35.86 -14.75
C GLN C 7 -5.88 -37.25 -14.33
N ASN C 8 -5.19 -38.27 -14.83
CA ASN C 8 -5.53 -39.66 -14.48
C ASN C 8 -5.59 -39.81 -12.99
N ASP C 9 -4.66 -39.12 -12.36
CA ASP C 9 -4.67 -38.87 -10.93
C ASP C 9 -6.07 -38.57 -10.36
N GLY C 10 -6.86 -37.76 -11.08
CA GLY C 10 -8.16 -37.25 -10.61
C GLY C 10 -8.10 -35.76 -10.24
N ARG C 11 -6.88 -35.23 -10.10
CA ARG C 11 -6.65 -33.90 -9.59
C ARG C 11 -6.63 -32.91 -10.72
N LEU C 12 -7.14 -31.70 -10.46
CA LEU C 12 -7.18 -30.63 -11.45
C LEU C 12 -5.85 -29.90 -11.56
N PHE C 13 -5.40 -29.68 -12.79
CA PHE C 13 -4.11 -29.09 -13.02
C PHE C 13 -4.30 -27.86 -13.82
N VAL C 14 -3.39 -26.93 -13.63
CA VAL C 14 -3.33 -25.76 -14.46
C VAL C 14 -1.94 -25.81 -15.06
N GLU C 15 -1.89 -26.03 -16.39
CA GLU C 15 -0.65 -26.33 -17.07
C GLU C 15 0.03 -27.42 -16.25
N GLY C 16 1.28 -27.22 -15.86
CA GLY C 16 2.01 -28.25 -15.13
C GLY C 16 1.75 -28.36 -13.63
N LEU C 17 0.88 -27.52 -13.08
CA LEU C 17 0.75 -27.48 -11.64
C LEU C 17 -0.63 -27.90 -11.15
N PRO C 18 -0.65 -28.66 -10.05
CA PRO C 18 -1.90 -28.92 -9.41
C PRO C 18 -2.44 -27.63 -8.83
N VAL C 19 -3.72 -27.41 -9.01
CA VAL C 19 -4.33 -26.20 -8.54
C VAL C 19 -4.23 -26.17 -7.03
N GLU C 20 -4.41 -27.30 -6.35
CA GLU C 20 -4.34 -27.34 -4.88
C GLU C 20 -3.03 -26.76 -4.38
N GLN C 21 -1.99 -26.94 -5.17
CA GLN C 21 -0.67 -26.53 -4.76
C GLN C 21 -0.55 -25.02 -4.71
N VAL C 22 -1.10 -24.35 -5.72
CA VAL C 22 -0.98 -22.90 -5.77
C VAL C 22 -1.83 -22.30 -4.66
N VAL C 23 -3.08 -22.69 -4.55
CA VAL C 23 -3.92 -22.08 -3.54
C VAL C 23 -3.49 -22.38 -2.11
N LYS C 24 -2.63 -23.37 -1.94
CA LYS C 24 -2.12 -23.70 -0.61
C LYS C 24 -1.11 -22.62 -0.17
N LYS C 25 -0.28 -22.12 -1.09
CA LYS C 25 0.62 -21.00 -0.76
C LYS C 25 -0.17 -19.70 -0.56
N THR C 26 -1.02 -19.36 -1.52
CA THR C 26 -1.71 -18.07 -1.55
C THR C 26 -2.98 -17.98 -0.70
N GLY C 27 -3.64 -19.11 -0.46
CA GLY C 27 -4.96 -19.10 0.17
C GLY C 27 -6.06 -18.72 -0.81
N THR C 28 -7.31 -18.87 -0.37
CA THR C 28 -8.45 -18.50 -1.19
C THR C 28 -9.12 -17.31 -0.58
N PRO C 29 -9.88 -16.55 -1.34
CA PRO C 29 -10.10 -16.78 -2.78
C PRO C 29 -8.88 -16.35 -3.61
N ALA C 30 -8.77 -16.95 -4.80
CA ALA C 30 -7.68 -16.66 -5.67
C ALA C 30 -8.06 -16.82 -7.12
N TYR C 31 -7.69 -15.84 -7.93
CA TYR C 31 -7.84 -15.98 -9.36
C TYR C 31 -6.59 -16.64 -9.85
N ILE C 32 -6.76 -17.58 -10.78
CA ILE C 32 -5.62 -18.26 -11.38
C ILE C 32 -5.71 -18.21 -12.89
N TYR C 33 -4.61 -17.78 -13.53
CA TYR C 33 -4.56 -17.63 -14.94
C TYR C 33 -3.52 -18.54 -15.61
N SER C 34 -3.86 -19.09 -16.78
CA SER C 34 -2.93 -19.85 -17.62
C SER C 34 -2.22 -19.00 -18.64
N ARG C 35 -0.91 -18.91 -18.53
CA ARG C 35 -0.16 -18.18 -19.54
C ARG C 35 -0.31 -18.75 -20.95
N ALA C 36 -0.24 -20.06 -21.05
CA ALA C 36 -0.38 -20.76 -22.33
C ALA C 36 -1.72 -20.51 -22.97
N THR C 37 -2.77 -20.60 -22.16
CA THR C 37 -4.11 -20.36 -22.69
C THR C 37 -4.26 -18.94 -23.23
N ILE C 38 -3.67 -17.97 -22.54
CA ILE C 38 -3.79 -16.58 -23.00
C ILE C 38 -3.11 -16.39 -24.35
N GLU C 39 -1.91 -16.94 -24.43
CA GLU C 39 -1.10 -16.83 -25.64
C GLU C 39 -1.77 -17.55 -26.81
N ARG C 40 -2.21 -18.77 -26.56
CA ARG C 40 -2.86 -19.53 -27.60
C ARG C 40 -4.04 -18.75 -28.13
N HIS C 41 -4.84 -18.18 -27.22
CA HIS C 41 -6.07 -17.53 -27.65
C HIS C 41 -5.78 -16.25 -28.42
N TRP C 42 -4.73 -15.53 -28.06
CA TRP C 42 -4.38 -14.32 -28.80
C TRP C 42 -3.90 -14.69 -30.20
N GLN C 43 -3.07 -15.72 -30.27
CA GLN C 43 -2.51 -16.20 -31.54
C GLN C 43 -3.56 -16.75 -32.49
N ALA C 44 -4.48 -17.55 -31.97
CA ALA C 44 -5.60 -18.03 -32.78
C ALA C 44 -6.19 -16.88 -33.56
N PHE C 45 -6.36 -15.72 -32.92
CA PHE C 45 -6.90 -14.53 -33.62
C PHE C 45 -5.90 -13.94 -34.59
N ASP C 46 -4.67 -13.80 -34.15
CA ASP C 46 -3.65 -13.16 -34.97
C ASP C 46 -3.33 -13.97 -36.25
N SER C 47 -3.05 -15.24 -36.09
CA SER C 47 -2.70 -16.08 -37.21
C SER C 47 -3.81 -16.07 -38.23
N ALA C 48 -5.01 -16.38 -37.74
CA ALA C 48 -6.17 -16.50 -38.60
C ALA C 48 -6.33 -15.30 -39.50
N ALA C 49 -5.89 -14.14 -39.05
CA ALA C 49 -5.93 -12.95 -39.91
C ALA C 49 -4.83 -12.95 -40.98
N GLY C 50 -3.73 -13.65 -40.69
CA GLY C 50 -2.72 -14.01 -41.69
C GLY C 50 -2.21 -12.81 -42.45
N LYS C 51 -2.21 -12.92 -43.77
CA LYS C 51 -1.60 -11.92 -44.64
C LYS C 51 -2.39 -10.65 -44.72
N HIS C 52 -3.67 -10.65 -44.36
CA HIS C 52 -4.43 -9.40 -44.48
C HIS C 52 -3.94 -8.39 -43.44
N PRO C 53 -3.65 -7.17 -43.89
CA PRO C 53 -3.25 -6.14 -42.94
C PRO C 53 -4.23 -5.98 -41.75
N HIS C 54 -3.73 -6.29 -40.55
CA HIS C 54 -4.53 -6.24 -39.37
C HIS C 54 -3.77 -5.81 -38.12
N LEU C 55 -4.52 -5.38 -37.13
CA LEU C 55 -4.02 -5.28 -35.78
C LEU C 55 -5.01 -5.88 -34.78
N ILE C 56 -4.47 -6.61 -33.82
CA ILE C 56 -5.25 -7.08 -32.70
C ILE C 56 -5.03 -6.23 -31.48
N CYS C 57 -6.07 -5.46 -31.18
CA CYS C 57 -6.10 -4.59 -30.05
C CYS C 57 -6.85 -5.24 -28.90
N TYR C 58 -6.16 -5.98 -28.08
CA TYR C 58 -6.76 -6.58 -26.88
C TYR C 58 -7.53 -5.59 -26.05
N ALA C 59 -8.70 -6.01 -25.60
CA ALA C 59 -9.60 -5.13 -24.86
C ALA C 59 -9.28 -5.19 -23.37
N VAL C 60 -8.59 -4.15 -22.90
CA VAL C 60 -7.96 -4.16 -21.60
C VAL C 60 -8.98 -4.39 -20.49
N LYS C 61 -10.15 -3.82 -20.68
CA LYS C 61 -11.24 -3.91 -19.72
C LYS C 61 -11.61 -5.31 -19.25
N ALA C 62 -11.31 -6.33 -20.07
CA ALA C 62 -11.65 -7.70 -19.73
C ALA C 62 -10.81 -8.19 -18.60
N ASN C 63 -9.58 -7.74 -18.61
CA ASN C 63 -8.61 -8.14 -17.60
C ASN C 63 -7.42 -7.25 -17.85
N SER C 64 -7.15 -6.38 -16.87
CA SER C 64 -6.18 -5.30 -17.04
C SER C 64 -4.91 -5.55 -16.26
N ASN C 65 -4.76 -6.77 -15.72
CA ASN C 65 -3.61 -7.07 -14.89
C ASN C 65 -2.34 -6.86 -15.67
N LEU C 66 -1.34 -6.26 -15.01
CA LEU C 66 -0.09 -5.89 -15.71
C LEU C 66 0.57 -7.07 -16.38
N ALA C 67 0.59 -8.22 -15.71
CA ALA C 67 1.30 -9.37 -16.26
C ALA C 67 0.59 -9.85 -17.49
N VAL C 68 -0.74 -9.82 -17.44
CA VAL C 68 -1.55 -10.22 -18.57
C VAL C 68 -1.31 -9.29 -19.74
N LEU C 69 -1.31 -8.00 -19.47
CA LEU C 69 -1.08 -7.03 -20.55
C LEU C 69 0.30 -7.27 -21.15
N ASN C 70 1.25 -7.59 -20.28
CA ASN C 70 2.62 -7.76 -20.66
C ASN C 70 2.78 -8.96 -21.59
N LEU C 71 2.06 -10.02 -21.33
CA LEU C 71 2.09 -11.13 -22.26
C LEU C 71 1.68 -10.68 -23.65
N MET C 72 0.61 -9.89 -23.76
CA MET C 72 0.20 -9.42 -25.06
C MET C 72 1.28 -8.56 -25.66
N ALA C 73 1.85 -7.68 -24.84
CA ALA C 73 2.81 -6.71 -25.35
C ALA C 73 4.02 -7.41 -25.98
N ARG C 74 4.44 -8.50 -25.36
CA ARG C 74 5.55 -9.30 -25.87
C ARG C 74 5.26 -9.91 -27.22
N MET C 75 4.02 -10.36 -27.43
CA MET C 75 3.64 -10.90 -28.70
C MET C 75 3.38 -9.82 -29.75
N GLY C 76 3.58 -8.55 -29.40
CA GLY C 76 3.42 -7.42 -30.34
C GLY C 76 2.01 -6.86 -30.47
N SER C 77 1.13 -7.26 -29.55
CA SER C 77 -0.28 -6.88 -29.59
C SER C 77 -0.52 -5.40 -29.46
N GLY C 78 -1.64 -4.98 -30.03
CA GLY C 78 -2.18 -3.67 -29.78
C GLY C 78 -3.17 -3.81 -28.64
N PHE C 79 -3.75 -2.68 -28.24
CA PHE C 79 -4.62 -2.63 -27.08
C PHE C 79 -5.73 -1.64 -27.33
N ASP C 80 -6.93 -2.04 -26.91
CA ASP C 80 -8.07 -1.18 -26.92
C ASP C 80 -8.33 -0.75 -25.47
N ILE C 81 -8.37 0.56 -25.24
CA ILE C 81 -8.46 1.10 -23.91
C ILE C 81 -9.68 2.00 -23.83
N VAL C 82 -10.16 2.21 -22.60
CA VAL C 82 -11.30 3.08 -22.36
C VAL C 82 -11.09 4.16 -21.32
N SER C 83 -9.87 4.32 -20.82
CA SER C 83 -9.60 5.31 -19.83
C SER C 83 -8.12 5.58 -19.78
N VAL C 84 -7.76 6.66 -19.13
CA VAL C 84 -6.36 6.98 -18.90
C VAL C 84 -5.76 5.99 -17.95
N GLY C 85 -6.56 5.45 -17.03
CA GLY C 85 -6.09 4.37 -16.19
C GLY C 85 -5.61 3.20 -17.02
N GLU C 86 -6.38 2.86 -18.05
CA GLU C 86 -5.97 1.77 -18.93
C GLU C 86 -4.77 2.12 -19.79
N LEU C 87 -4.72 3.36 -20.26
CA LEU C 87 -3.54 3.86 -20.99
C LEU C 87 -2.26 3.67 -20.20
N MET C 88 -2.29 4.08 -18.94
CA MET C 88 -1.11 3.97 -18.06
C MET C 88 -0.78 2.50 -17.73
N ARG C 89 -1.80 1.67 -17.58
CA ARG C 89 -1.57 0.26 -17.32
C ARG C 89 -0.81 -0.30 -18.48
N VAL C 90 -1.25 0.03 -19.69
CA VAL C 90 -0.61 -0.55 -20.90
C VAL C 90 0.83 -0.11 -21.05
N ILE C 91 1.10 1.17 -20.79
CA ILE C 91 2.45 1.66 -20.84
C ILE C 91 3.28 1.00 -19.77
N GLN C 92 2.74 0.91 -18.57
CA GLN C 92 3.41 0.27 -17.46
C GLN C 92 3.81 -1.14 -17.80
N ALA C 93 2.93 -1.90 -18.43
CA ALA C 93 3.22 -3.28 -18.81
C ALA C 93 4.13 -3.40 -20.05
N GLY C 94 4.54 -2.28 -20.63
CA GLY C 94 5.45 -2.30 -21.78
C GLY C 94 4.78 -2.42 -23.13
N GLY C 95 3.51 -2.04 -23.20
CA GLY C 95 2.79 -2.03 -24.43
C GLY C 95 3.16 -0.83 -25.29
N ASP C 96 3.02 -1.00 -26.61
CA ASP C 96 3.30 0.03 -27.58
C ASP C 96 2.13 1.01 -27.75
N PRO C 97 2.27 2.24 -27.26
CA PRO C 97 1.19 3.19 -27.41
C PRO C 97 0.77 3.54 -28.83
N LYS C 98 1.63 3.25 -29.81
CA LYS C 98 1.26 3.45 -31.20
C LYS C 98 0.22 2.45 -31.65
N LYS C 99 0.09 1.37 -30.91
CA LYS C 99 -0.86 0.31 -31.24
C LYS C 99 -2.08 0.33 -30.33
N ILE C 100 -2.39 1.51 -29.82
CA ILE C 100 -3.47 1.66 -28.90
C ILE C 100 -4.58 2.41 -29.58
N VAL C 101 -5.78 1.85 -29.53
CA VAL C 101 -6.95 2.63 -29.84
C VAL C 101 -7.78 2.84 -28.59
N PHE C 102 -8.45 3.99 -28.54
CA PHE C 102 -9.13 4.47 -27.35
C PHE C 102 -10.62 4.69 -27.58
N SER C 103 -11.40 3.74 -27.08
CA SER C 103 -12.86 3.77 -27.12
C SER C 103 -13.44 4.49 -25.87
N GLY C 104 -14.75 4.75 -25.86
CA GLY C 104 -15.42 5.27 -24.69
C GLY C 104 -16.29 6.49 -24.96
N VAL C 105 -17.51 6.50 -24.43
CA VAL C 105 -18.43 7.63 -24.65
C VAL C 105 -18.16 8.82 -23.80
N GLY C 106 -17.29 8.70 -22.78
CA GLY C 106 -17.15 9.76 -21.78
C GLY C 106 -15.74 10.26 -21.57
N LYS C 107 -14.95 10.25 -22.64
CA LYS C 107 -13.54 10.64 -22.53
C LYS C 107 -13.40 12.09 -22.03
N THR C 108 -12.61 12.29 -20.98
CA THR C 108 -12.29 13.64 -20.50
C THR C 108 -11.14 14.29 -21.27
N GLU C 109 -11.05 15.59 -21.16
CA GLU C 109 -9.95 16.35 -21.81
C GLU C 109 -8.61 15.81 -21.31
N ILE C 110 -8.54 15.55 -20.02
CA ILE C 110 -7.32 15.06 -19.41
C ILE C 110 -6.89 13.75 -20.02
N GLU C 111 -7.86 12.87 -20.24
CA GLU C 111 -7.58 11.58 -20.86
C GLU C 111 -7.19 11.76 -22.29
N ILE C 112 -7.87 12.65 -22.99
CA ILE C 112 -7.55 12.87 -24.40
C ILE C 112 -6.16 13.45 -24.60
N SER C 113 -5.84 14.42 -23.76
CA SER C 113 -4.49 14.97 -23.70
C SER C 113 -3.42 13.91 -23.42
N ALA C 114 -3.65 13.07 -22.45
CA ALA C 114 -2.64 12.09 -22.13
C ALA C 114 -2.42 11.16 -23.30
N ALA C 115 -3.51 10.81 -23.96
CA ALA C 115 -3.45 9.84 -25.03
C ALA C 115 -2.76 10.46 -26.24
N LEU C 116 -3.09 11.72 -26.49
CA LEU C 116 -2.43 12.45 -27.56
C LEU C 116 -0.93 12.53 -27.30
N GLN C 117 -0.56 12.89 -26.08
CA GLN C 117 0.85 12.98 -25.74
C GLN C 117 1.55 11.64 -25.80
N ALA C 118 0.79 10.57 -25.64
CA ALA C 118 1.39 9.24 -25.76
C ALA C 118 1.35 8.77 -27.22
N ASN C 119 0.70 9.56 -28.08
CA ASN C 119 0.77 9.35 -29.50
C ASN C 119 0.11 8.04 -29.94
N ILE C 120 -1.13 7.84 -29.48
CA ILE C 120 -1.86 6.62 -29.78
C ILE C 120 -2.36 6.60 -31.21
N MET C 121 -2.66 5.39 -31.69
CA MET C 121 -3.12 5.17 -33.05
C MET C 121 -4.40 5.87 -33.43
N CYS C 122 -5.42 5.83 -32.57
CA CYS C 122 -6.76 6.28 -32.99
C CYS C 122 -7.74 6.46 -31.83
N PHE C 123 -8.61 7.45 -31.94
CA PHE C 123 -9.69 7.66 -31.01
C PHE C 123 -10.95 7.18 -31.68
N ASN C 124 -11.61 6.20 -31.10
CA ASN C 124 -12.89 5.78 -31.61
C ASN C 124 -13.97 6.70 -31.00
N VAL C 125 -14.46 7.67 -31.78
CA VAL C 125 -15.39 8.70 -31.30
C VAL C 125 -16.88 8.29 -31.30
N GLU C 126 -17.59 8.69 -30.25
CA GLU C 126 -18.93 8.23 -29.98
C GLU C 126 -19.95 9.36 -29.93
N SER C 127 -19.51 10.61 -30.00
CA SER C 127 -20.48 11.71 -30.08
C SER C 127 -19.90 12.87 -30.82
N ILE C 128 -20.79 13.77 -31.21
CA ILE C 128 -20.42 14.96 -31.92
C ILE C 128 -19.71 15.86 -30.95
N SER C 129 -20.34 16.12 -29.81
CA SER C 129 -19.68 16.87 -28.74
C SER C 129 -18.23 16.44 -28.55
N GLU C 130 -17.97 15.14 -28.69
CA GLU C 130 -16.64 14.58 -28.38
C GLU C 130 -15.64 15.01 -29.42
N LEU C 131 -16.08 15.04 -30.68
CA LEU C 131 -15.26 15.57 -31.78
C LEU C 131 -14.75 16.95 -31.43
N TYR C 132 -15.64 17.83 -30.99
CA TYR C 132 -15.24 19.19 -30.69
C TYR C 132 -14.24 19.19 -29.55
N ARG C 133 -14.44 18.33 -28.57
CA ARG C 133 -13.57 18.28 -27.43
C ARG C 133 -12.17 17.84 -27.85
N ILE C 134 -12.11 16.81 -28.66
CA ILE C 134 -10.84 16.28 -29.07
C ILE C 134 -10.12 17.34 -29.83
N ASN C 135 -10.80 17.91 -30.83
CA ASN C 135 -10.22 18.91 -31.71
C ASN C 135 -9.72 20.08 -30.93
N SER C 136 -10.49 20.44 -29.92
CA SER C 136 -10.13 21.51 -29.03
C SER C 136 -8.83 21.21 -28.24
N VAL C 137 -8.68 20.00 -27.74
CA VAL C 137 -7.48 19.62 -26.99
C VAL C 137 -6.26 19.41 -27.91
N ALA C 138 -6.50 18.81 -29.08
CA ALA C 138 -5.47 18.66 -30.09
C ALA C 138 -4.91 20.01 -30.50
N LYS C 139 -5.80 20.95 -30.65
CA LYS C 139 -5.47 22.29 -31.02
C LYS C 139 -4.53 22.81 -29.96
N ALA C 140 -4.95 22.74 -28.71
CA ALA C 140 -4.14 23.27 -27.62
C ALA C 140 -2.74 22.64 -27.52
N LEU C 141 -2.58 21.41 -28.01
CA LEU C 141 -1.27 20.75 -28.00
C LEU C 141 -0.58 20.87 -29.33
N ASN C 142 -1.24 21.53 -30.27
CA ASN C 142 -0.75 21.57 -31.63
C ASN C 142 -0.37 20.24 -32.26
N VAL C 143 -1.23 19.25 -32.14
CA VAL C 143 -1.09 17.99 -32.89
C VAL C 143 -2.36 17.73 -33.68
N LYS C 144 -2.33 16.67 -34.46
CA LYS C 144 -3.51 16.23 -35.17
C LYS C 144 -3.98 14.89 -34.63
N ALA C 145 -5.21 14.88 -34.10
CA ALA C 145 -5.78 13.70 -33.43
C ALA C 145 -6.34 12.71 -34.45
N PRO C 146 -5.78 11.49 -34.52
CA PRO C 146 -6.36 10.49 -35.40
C PRO C 146 -7.70 9.97 -34.87
N ILE C 147 -8.68 9.81 -35.74
CA ILE C 147 -10.04 9.46 -35.29
C ILE C 147 -10.81 8.52 -36.22
N SER C 148 -11.57 7.60 -35.63
CA SER C 148 -12.67 6.94 -36.31
C SER C 148 -13.93 7.36 -35.64
N ILE C 149 -15.04 7.05 -36.29
CA ILE C 149 -16.34 7.24 -35.66
C ILE C 149 -16.87 5.87 -35.39
N ARG C 150 -17.37 5.69 -34.17
CA ARG C 150 -18.07 4.48 -33.84
C ARG C 150 -19.47 4.58 -34.44
N ILE C 151 -19.75 3.63 -35.32
CA ILE C 151 -20.98 3.59 -36.05
C ILE C 151 -21.82 2.45 -35.52
N ASN C 152 -23.08 2.73 -35.39
CA ASN C 152 -24.10 1.76 -35.04
C ASN C 152 -24.86 1.33 -36.30
N PRO C 153 -24.53 0.15 -36.85
CA PRO C 153 -25.30 -0.27 -38.05
C PRO C 153 -26.75 -0.71 -37.71
N ASN C 154 -27.06 -1.00 -36.44
CA ASN C 154 -28.41 -1.47 -36.04
C ASN C 154 -28.64 -2.93 -36.51
N ILE C 155 -28.47 -3.85 -35.59
CA ILE C 155 -28.49 -5.29 -35.84
C ILE C 155 -28.89 -5.93 -34.49
N ASP C 156 -29.67 -7.01 -34.50
CA ASP C 156 -29.95 -7.75 -33.23
C ASP C 156 -28.69 -8.26 -32.48
N ALA C 157 -28.67 -8.06 -31.16
CA ALA C 157 -27.61 -8.54 -30.25
C ALA C 157 -27.74 -9.92 -29.56
N GLY C 158 -27.84 -9.93 -28.22
CA GLY C 158 -27.73 -11.16 -27.39
C GLY C 158 -28.64 -11.21 -26.16
N LEU C 167 -30.38 -3.19 -31.17
CA LEU C 167 -31.56 -2.55 -31.77
C LEU C 167 -32.28 -1.51 -30.87
N LYS C 168 -32.21 -1.63 -29.55
CA LYS C 168 -32.75 -0.60 -28.64
C LYS C 168 -31.83 0.61 -28.74
N GLU C 169 -32.38 1.80 -28.59
CA GLU C 169 -31.56 3.01 -28.50
C GLU C 169 -30.64 2.91 -27.23
N ASN C 170 -29.32 2.84 -27.44
CA ASN C 170 -28.32 2.82 -26.37
C ASN C 170 -27.31 3.95 -26.54
N LYS C 171 -26.56 4.25 -25.48
CA LYS C 171 -25.68 5.41 -25.48
C LYS C 171 -24.55 5.43 -26.53
N PHE C 172 -24.25 4.28 -27.14
CA PHE C 172 -23.05 4.12 -27.97
C PHE C 172 -23.24 4.47 -29.39
N GLY C 173 -22.23 5.14 -29.91
CA GLY C 173 -22.07 5.24 -31.32
C GLY C 173 -22.94 6.29 -31.95
N ILE C 174 -22.69 6.46 -33.23
CA ILE C 174 -23.49 7.31 -34.07
C ILE C 174 -24.29 6.38 -34.99
N GLU C 175 -25.59 6.67 -35.11
CA GLU C 175 -26.43 5.94 -36.02
C GLU C 175 -26.00 6.15 -37.44
N ILE C 176 -25.94 5.05 -38.19
CA ILE C 176 -25.45 5.07 -39.57
C ILE C 176 -26.15 6.08 -40.46
N GLU C 177 -27.43 6.34 -40.20
CA GLU C 177 -28.16 7.38 -40.94
C GLU C 177 -27.51 8.75 -40.86
N GLN C 178 -26.70 8.99 -39.82
CA GLN C 178 -26.04 10.27 -39.68
C GLN C 178 -24.54 10.17 -39.83
N ALA C 179 -24.06 9.03 -40.27
CA ALA C 179 -22.64 8.82 -40.39
C ALA C 179 -21.98 9.93 -41.20
N LEU C 180 -22.42 10.08 -42.44
CA LEU C 180 -21.80 11.02 -43.38
C LEU C 180 -21.81 12.43 -42.81
N ASP C 181 -22.90 12.78 -42.18
CA ASP C 181 -23.03 14.12 -41.61
C ASP C 181 -21.95 14.39 -40.58
N VAL C 182 -21.65 13.41 -39.72
CA VAL C 182 -20.64 13.65 -38.68
C VAL C 182 -19.23 13.43 -39.23
N TYR C 183 -19.09 12.48 -40.15
CA TYR C 183 -17.81 12.30 -40.82
C TYR C 183 -17.41 13.59 -41.53
N LYS C 184 -18.42 14.30 -42.00
CA LYS C 184 -18.21 15.56 -42.66
C LYS C 184 -17.67 16.58 -41.69
N ILE C 185 -18.38 16.77 -40.59
CA ILE C 185 -17.94 17.67 -39.52
C ILE C 185 -16.49 17.41 -39.09
N ALA C 186 -16.12 16.13 -39.02
CA ALA C 186 -14.77 15.75 -38.66
C ALA C 186 -13.78 16.26 -39.70
N SER C 187 -14.11 16.03 -40.98
CA SER C 187 -13.26 16.51 -42.09
C SER C 187 -13.05 18.03 -41.97
N ASP C 188 -14.13 18.75 -41.69
CA ASP C 188 -14.05 20.20 -41.49
C ASP C 188 -13.21 20.63 -40.30
N LEU C 189 -12.92 19.71 -39.39
CA LEU C 189 -12.13 20.09 -38.22
C LEU C 189 -10.67 19.89 -38.50
N GLU C 190 -9.92 20.88 -38.02
CA GLU C 190 -8.56 21.19 -38.43
C GLU C 190 -7.56 20.29 -37.76
N PHE C 191 -7.78 20.12 -36.46
CA PHE C 191 -6.88 19.36 -35.63
C PHE C 191 -7.29 17.90 -35.44
N LEU C 192 -8.24 17.45 -36.26
CA LEU C 192 -8.58 16.02 -36.36
C LEU C 192 -8.15 15.47 -37.69
N GLU C 193 -7.89 14.18 -37.75
CA GLU C 193 -7.51 13.53 -38.96
C GLU C 193 -8.19 12.17 -39.08
N ILE C 194 -9.13 12.06 -40.01
CA ILE C 194 -9.94 10.87 -40.19
C ILE C 194 -9.08 9.72 -40.65
N LYS C 195 -9.02 8.68 -39.83
CA LYS C 195 -8.24 7.49 -40.15
C LYS C 195 -9.08 6.26 -40.39
N GLY C 196 -10.27 6.21 -39.83
CA GLY C 196 -10.97 4.94 -39.81
C GLY C 196 -12.46 4.96 -39.58
N VAL C 197 -13.02 3.77 -39.63
CA VAL C 197 -14.38 3.51 -39.23
C VAL C 197 -14.38 2.42 -38.18
N ASP C 198 -15.23 2.60 -37.17
CA ASP C 198 -15.25 1.71 -36.02
C ASP C 198 -16.65 1.26 -35.67
N CYS C 199 -16.75 0.06 -35.12
CA CYS C 199 -17.97 -0.33 -34.46
C CYS C 199 -17.76 -1.40 -33.40
N HIS C 200 -18.74 -1.49 -32.51
CA HIS C 200 -18.79 -2.62 -31.58
C HIS C 200 -20.22 -2.97 -31.34
N ILE C 201 -20.62 -4.20 -31.65
CA ILE C 201 -22.05 -4.49 -31.77
C ILE C 201 -22.68 -5.14 -30.55
N GLY C 202 -21.85 -5.70 -29.69
CA GLY C 202 -22.31 -6.28 -28.44
C GLY C 202 -21.28 -7.22 -27.90
N SER C 203 -21.67 -7.98 -26.88
CA SER C 203 -20.75 -8.88 -26.25
C SER C 203 -21.41 -10.23 -25.99
N GLN C 204 -20.58 -11.26 -25.84
CA GLN C 204 -21.04 -12.64 -25.78
C GLN C 204 -21.99 -13.00 -26.95
N LEU C 205 -21.60 -12.66 -28.16
CA LEU C 205 -22.37 -13.05 -29.33
C LEU C 205 -21.92 -14.44 -29.76
N THR C 206 -22.88 -15.32 -30.03
CA THR C 206 -22.62 -16.73 -30.34
C THR C 206 -22.90 -17.11 -31.79
N GLU C 207 -23.11 -16.11 -32.66
CA GLU C 207 -23.35 -16.30 -34.07
C GLU C 207 -22.41 -15.42 -34.88
N ILE C 208 -21.99 -15.88 -36.05
CA ILE C 208 -21.19 -15.05 -36.92
C ILE C 208 -22.02 -14.02 -37.67
N ALA C 209 -23.30 -14.31 -37.89
CA ALA C 209 -24.12 -13.49 -38.78
C ALA C 209 -24.11 -12.01 -38.47
N PRO C 210 -24.29 -11.63 -37.20
CA PRO C 210 -24.37 -10.19 -36.94
C PRO C 210 -23.10 -9.44 -37.25
N PHE C 211 -21.97 -10.12 -37.10
CA PHE C 211 -20.69 -9.50 -37.39
C PHE C 211 -20.60 -9.18 -38.89
N ILE C 212 -20.99 -10.14 -39.70
CA ILE C 212 -20.98 -9.98 -41.16
C ILE C 212 -21.94 -8.90 -41.57
N GLU C 213 -23.14 -9.00 -41.05
CA GLU C 213 -24.15 -7.98 -41.31
C GLU C 213 -23.58 -6.59 -41.09
N ALA C 214 -22.86 -6.43 -39.99
CA ALA C 214 -22.24 -5.16 -39.60
C ALA C 214 -21.14 -4.74 -40.55
N LEU C 215 -20.29 -5.68 -40.88
CA LEU C 215 -19.25 -5.41 -41.86
C LEU C 215 -19.78 -4.87 -43.21
N ASP C 216 -20.68 -5.64 -43.82
CA ASP C 216 -21.38 -5.23 -45.05
C ASP C 216 -21.81 -3.79 -45.04
N LYS C 217 -22.53 -3.38 -44.01
CA LYS C 217 -23.08 -2.03 -44.00
C LYS C 217 -22.00 -1.00 -43.80
N LEU C 218 -20.90 -1.38 -43.16
CA LEU C 218 -19.80 -0.43 -42.95
C LEU C 218 -18.96 -0.27 -44.22
N LEU C 219 -18.83 -1.35 -45.01
CA LEU C 219 -18.15 -1.27 -46.30
C LEU C 219 -18.90 -0.35 -47.24
N ILE C 220 -20.20 -0.57 -47.34
CA ILE C 220 -21.07 0.33 -48.07
C ILE C 220 -20.78 1.77 -47.66
N LEU C 221 -20.75 2.00 -46.35
CA LEU C 221 -20.53 3.35 -45.83
C LEU C 221 -19.13 3.87 -46.20
N ILE C 222 -18.15 2.98 -46.16
CA ILE C 222 -16.80 3.40 -46.52
C ILE C 222 -16.78 3.94 -47.96
N ASP C 223 -17.35 3.14 -48.87
CA ASP C 223 -17.48 3.50 -50.27
C ASP C 223 -18.21 4.83 -50.44
N LEU C 224 -19.34 5.00 -49.78
CA LEU C 224 -20.02 6.28 -49.84
C LEU C 224 -19.13 7.43 -49.38
N LEU C 225 -18.20 7.14 -48.47
CA LEU C 225 -17.26 8.17 -47.99
C LEU C 225 -16.16 8.43 -49.02
N ALA C 226 -15.70 7.39 -49.71
CA ALA C 226 -14.74 7.57 -50.81
C ALA C 226 -15.33 8.58 -51.81
N GLU C 227 -16.49 8.27 -52.38
CA GLU C 227 -17.20 9.20 -53.28
C GLU C 227 -17.26 10.63 -52.75
N LYS C 228 -17.50 10.78 -51.45
CA LYS C 228 -17.50 12.13 -50.87
C LYS C 228 -16.09 12.68 -50.62
N GLY C 229 -15.06 11.99 -51.12
CA GLY C 229 -13.69 12.46 -50.99
C GLY C 229 -13.10 12.33 -49.58
N ILE C 230 -13.54 11.31 -48.84
CA ILE C 230 -12.98 10.95 -47.54
C ILE C 230 -12.42 9.54 -47.62
N THR C 231 -11.13 9.42 -47.32
CA THR C 231 -10.43 8.14 -47.39
C THR C 231 -10.35 7.50 -46.01
N ILE C 232 -10.53 6.18 -45.98
CA ILE C 232 -10.52 5.42 -44.74
C ILE C 232 -9.35 4.44 -44.74
N SER C 233 -8.44 4.58 -43.77
CA SER C 233 -7.22 3.74 -43.72
C SER C 233 -7.46 2.39 -43.02
N HIS C 234 -8.38 2.37 -42.06
CA HIS C 234 -8.69 1.14 -41.33
C HIS C 234 -10.15 1.04 -40.92
N LEU C 235 -10.55 -0.21 -40.69
CA LEU C 235 -11.89 -0.53 -40.20
C LEU C 235 -11.76 -1.36 -38.94
N ASP C 236 -12.30 -0.84 -37.86
CA ASP C 236 -12.27 -1.47 -36.55
C ASP C 236 -13.61 -2.17 -36.28
N LEU C 237 -13.56 -3.47 -36.10
CA LEU C 237 -14.78 -4.26 -35.91
C LEU C 237 -15.11 -4.62 -34.47
N GLY C 238 -14.44 -4.00 -33.53
CA GLY C 238 -14.75 -4.20 -32.11
C GLY C 238 -14.47 -5.60 -31.66
N GLY C 239 -15.04 -5.96 -30.54
CA GLY C 239 -14.96 -7.31 -30.00
C GLY C 239 -16.34 -7.91 -30.07
N GLY C 240 -16.70 -8.74 -29.09
CA GLY C 240 -18.05 -9.26 -28.95
C GLY C 240 -18.18 -10.75 -29.24
N LEU C 241 -17.13 -11.36 -29.74
CA LEU C 241 -17.17 -12.78 -30.00
C LEU C 241 -17.30 -13.52 -28.68
N GLY C 242 -18.29 -14.38 -28.62
CA GLY C 242 -18.64 -15.04 -27.35
C GLY C 242 -17.80 -16.27 -27.07
N VAL C 243 -18.01 -16.84 -25.90
CA VAL C 243 -17.30 -18.05 -25.48
C VAL C 243 -18.25 -19.04 -24.85
N PRO C 244 -17.83 -20.31 -24.75
CA PRO C 244 -18.64 -21.33 -24.08
C PRO C 244 -18.51 -21.22 -22.59
N TYR C 245 -19.60 -20.84 -21.94
CA TYR C 245 -19.69 -20.80 -20.49
C TYR C 245 -20.34 -22.09 -19.99
N ASP C 246 -21.48 -22.41 -20.59
CA ASP C 246 -22.30 -23.60 -20.28
C ASP C 246 -22.28 -24.51 -21.53
N ASP C 247 -23.27 -24.34 -22.40
CA ASP C 247 -23.51 -25.23 -23.53
C ASP C 247 -23.45 -24.49 -24.87
N GLU C 248 -23.01 -23.24 -24.86
CA GLU C 248 -22.99 -22.40 -26.07
C GLU C 248 -21.91 -22.87 -27.03
N THR C 249 -22.10 -22.59 -28.30
CA THR C 249 -21.16 -23.00 -29.33
C THR C 249 -20.94 -21.80 -30.22
N PRO C 250 -20.30 -20.76 -29.67
CA PRO C 250 -19.91 -19.69 -30.58
C PRO C 250 -18.87 -20.14 -31.60
N PRO C 251 -18.76 -19.38 -32.68
CA PRO C 251 -17.65 -19.55 -33.57
C PRO C 251 -16.32 -19.39 -32.81
N GLU C 252 -15.36 -20.27 -33.07
CA GLU C 252 -14.03 -20.05 -32.56
C GLU C 252 -13.32 -18.97 -33.37
N PRO C 253 -12.30 -18.33 -32.78
CA PRO C 253 -11.72 -17.14 -33.37
C PRO C 253 -11.31 -17.31 -34.82
N ALA C 254 -10.68 -18.45 -35.11
CA ALA C 254 -10.25 -18.80 -36.46
C ALA C 254 -11.40 -18.66 -37.47
N GLU C 255 -12.50 -19.34 -37.19
CA GLU C 255 -13.71 -19.32 -38.06
C GLU C 255 -14.31 -17.93 -38.23
N TYR C 256 -14.40 -17.23 -37.11
CA TYR C 256 -14.88 -15.85 -37.10
C TYR C 256 -14.06 -14.97 -38.02
N MET C 257 -12.74 -15.12 -37.94
CA MET C 257 -11.84 -14.28 -38.71
C MET C 257 -11.95 -14.60 -40.21
N THR C 258 -11.87 -15.88 -40.55
CA THR C 258 -11.94 -16.30 -41.95
C THR C 258 -13.18 -15.79 -42.64
N ALA C 259 -14.32 -15.92 -42.00
CA ALA C 259 -15.55 -15.32 -42.56
C ALA C 259 -15.36 -13.82 -42.86
N ILE C 260 -14.74 -13.12 -41.92
CA ILE C 260 -14.59 -11.69 -42.05
C ILE C 260 -13.62 -11.37 -43.18
N ILE C 261 -12.59 -12.18 -43.29
CA ILE C 261 -11.56 -12.02 -44.28
C ILE C 261 -12.07 -12.33 -45.67
N ASN C 262 -12.72 -13.47 -45.82
CA ASN C 262 -13.39 -13.85 -47.06
C ASN C 262 -14.26 -12.71 -47.53
N ARG C 263 -15.12 -12.23 -46.65
CA ARG C 263 -16.08 -11.16 -47.00
C ARG C 263 -15.39 -9.86 -47.34
N MET C 264 -14.09 -9.74 -47.04
CA MET C 264 -13.33 -8.54 -47.44
C MET C 264 -13.21 -8.51 -48.96
N ALA C 265 -13.21 -9.71 -49.53
CA ALA C 265 -13.32 -9.89 -50.98
C ALA C 265 -12.11 -9.30 -51.65
N GLY C 266 -10.96 -9.54 -51.04
CA GLY C 266 -9.70 -8.93 -51.41
C GLY C 266 -9.73 -7.42 -51.54
N ARG C 267 -9.99 -6.76 -50.43
CA ARG C 267 -9.68 -5.34 -50.25
C ARG C 267 -8.37 -5.30 -49.48
N SER C 268 -7.72 -4.14 -49.51
CA SER C 268 -6.47 -3.99 -48.79
C SER C 268 -6.68 -3.21 -47.50
N LEU C 269 -7.94 -2.94 -47.16
CA LEU C 269 -8.31 -2.13 -45.97
C LEU C 269 -7.90 -2.81 -44.68
N LYS C 270 -7.28 -2.04 -43.80
CA LYS C 270 -6.68 -2.61 -42.59
C LYS C 270 -7.77 -2.91 -41.59
N LEU C 271 -7.76 -4.12 -41.07
CA LEU C 271 -8.77 -4.52 -40.11
C LEU C 271 -8.26 -4.53 -38.68
N ILE C 272 -8.94 -3.80 -37.82
CA ILE C 272 -8.65 -3.82 -36.41
C ILE C 272 -9.74 -4.60 -35.66
N PHE C 273 -9.31 -5.48 -34.77
CA PHE C 273 -10.19 -6.24 -33.87
C PHE C 273 -9.87 -5.96 -32.41
N GLU C 274 -10.92 -5.95 -31.60
CA GLU C 274 -10.82 -5.62 -30.22
C GLU C 274 -11.33 -6.72 -29.30
N PRO C 275 -10.84 -7.95 -29.44
CA PRO C 275 -11.44 -8.97 -28.61
C PRO C 275 -10.98 -8.90 -27.15
N GLY C 276 -11.87 -9.25 -26.24
CA GLY C 276 -11.54 -9.33 -24.83
C GLY C 276 -11.86 -10.70 -24.31
N ARG C 277 -13.15 -10.93 -24.14
CA ARG C 277 -13.66 -12.15 -23.60
C ARG C 277 -13.09 -13.39 -24.27
N ALA C 278 -13.03 -13.36 -25.59
CA ALA C 278 -12.63 -14.54 -26.35
C ALA C 278 -11.18 -14.92 -26.04
N ILE C 279 -10.38 -13.93 -25.69
CA ILE C 279 -9.03 -14.18 -25.30
C ILE C 279 -8.92 -14.63 -23.85
N MET C 280 -9.61 -13.99 -22.94
CA MET C 280 -9.34 -14.22 -21.52
C MET C 280 -10.30 -15.09 -20.73
N ALA C 281 -11.56 -15.15 -21.15
CA ALA C 281 -12.58 -15.77 -20.31
C ALA C 281 -12.11 -17.10 -19.72
N ASN C 282 -11.76 -18.03 -20.60
CA ASN C 282 -11.43 -19.38 -20.16
C ASN C 282 -9.94 -19.55 -19.91
N ALA C 283 -9.19 -18.46 -19.97
CA ALA C 283 -7.78 -18.46 -19.53
C ALA C 283 -7.63 -18.28 -18.03
N GLY C 284 -8.74 -18.21 -17.30
CA GLY C 284 -8.67 -18.07 -15.86
C GLY C 284 -9.78 -18.72 -15.08
N VAL C 285 -9.49 -19.07 -13.85
CA VAL C 285 -10.52 -19.57 -12.93
C VAL C 285 -10.43 -18.84 -11.61
N LEU C 286 -11.48 -19.02 -10.79
CA LEU C 286 -11.49 -18.49 -9.44
C LEU C 286 -11.68 -19.65 -8.47
N VAL C 287 -10.73 -19.80 -7.55
CA VAL C 287 -10.74 -20.91 -6.63
C VAL C 287 -11.23 -20.41 -5.31
N THR C 288 -12.06 -21.20 -4.66
CA THR C 288 -12.65 -20.80 -3.42
C THR C 288 -12.85 -22.02 -2.51
N LYS C 289 -12.95 -21.78 -1.22
CA LYS C 289 -12.99 -22.84 -0.24
C LYS C 289 -14.37 -22.89 0.32
N VAL C 290 -14.91 -24.10 0.46
CA VAL C 290 -16.18 -24.31 1.13
C VAL C 290 -15.97 -24.15 2.64
N GLU C 291 -16.70 -23.23 3.24
CA GLU C 291 -16.61 -23.03 4.65
C GLU C 291 -17.63 -23.93 5.29
N PHE C 292 -18.89 -23.74 4.94
CA PHE C 292 -19.97 -24.46 5.58
C PHE C 292 -20.92 -25.06 4.59
N LEU C 293 -21.67 -26.09 5.03
CA LEU C 293 -22.82 -26.61 4.32
C LEU C 293 -24.01 -26.43 5.19
N LYS C 294 -25.05 -25.82 4.62
CA LYS C 294 -26.30 -25.67 5.30
C LYS C 294 -27.33 -26.51 4.58
N LEU C 295 -27.89 -27.47 5.30
CA LEU C 295 -28.82 -28.43 4.71
C LEU C 295 -30.23 -28.14 5.24
N ASN C 296 -31.19 -28.02 4.33
CA ASN C 296 -32.58 -27.69 4.65
C ASN C 296 -33.60 -28.20 3.66
N ASP C 297 -34.88 -28.05 3.98
CA ASP C 297 -36.01 -28.58 3.18
C ASP C 297 -36.21 -27.90 1.82
N LYS C 299 -33.78 -25.84 0.31
CA LYS C 299 -32.59 -25.58 -0.49
C LYS C 299 -31.33 -25.83 0.33
N ASN C 300 -30.26 -26.23 -0.34
CA ASN C 300 -29.01 -26.49 0.30
C ASN C 300 -28.01 -25.45 -0.12
N PHE C 301 -27.17 -25.06 0.80
CA PHE C 301 -26.18 -24.03 0.52
C PHE C 301 -24.78 -24.45 0.82
N ALA C 302 -23.91 -24.37 -0.17
CA ALA C 302 -22.50 -24.37 0.07
C ALA C 302 -22.07 -22.91 0.26
N ILE C 303 -21.61 -22.59 1.47
CA ILE C 303 -21.10 -21.26 1.77
C ILE C 303 -19.60 -21.25 1.56
N VAL C 304 -19.15 -20.49 0.55
CA VAL C 304 -17.75 -20.44 0.15
C VAL C 304 -17.12 -19.12 0.53
N ASP C 305 -15.80 -19.02 0.36
CA ASP C 305 -15.12 -17.78 0.80
C ASP C 305 -14.98 -16.72 -0.31
N ALA C 306 -15.47 -17.01 -1.52
CA ALA C 306 -15.55 -16.02 -2.58
C ALA C 306 -16.96 -15.49 -2.65
N ALA C 307 -17.12 -14.26 -3.10
CA ALA C 307 -18.41 -13.61 -3.14
C ALA C 307 -18.56 -12.68 -4.34
N MET C 308 -19.68 -11.97 -4.40
CA MET C 308 -19.97 -11.07 -5.52
C MET C 308 -18.96 -9.93 -5.65
N ASN C 309 -18.26 -9.57 -4.57
CA ASN C 309 -17.19 -8.58 -4.69
C ASN C 309 -15.98 -9.13 -5.39
N ASP C 310 -15.84 -10.46 -5.39
CA ASP C 310 -14.78 -11.10 -6.13
C ASP C 310 -15.21 -11.32 -7.60
N LEU C 311 -16.46 -11.76 -7.77
CA LEU C 311 -17.00 -12.11 -9.08
C LEU C 311 -18.46 -11.71 -9.13
N ILE C 312 -18.77 -10.67 -9.90
CA ILE C 312 -20.09 -10.11 -9.86
C ILE C 312 -21.01 -10.62 -10.99
N ARG C 313 -20.45 -11.37 -11.94
CA ARG C 313 -21.19 -11.70 -13.14
C ARG C 313 -22.50 -12.44 -12.84
N PRO C 314 -22.46 -13.40 -11.90
CA PRO C 314 -23.71 -14.09 -11.61
C PRO C 314 -24.76 -13.18 -11.04
N ALA C 315 -24.39 -12.38 -10.08
CA ALA C 315 -25.36 -11.46 -9.47
C ALA C 315 -25.83 -10.41 -10.47
N LEU C 316 -24.93 -9.89 -11.29
CA LEU C 316 -25.27 -8.73 -12.11
C LEU C 316 -25.98 -9.12 -13.41
N TYR C 317 -25.65 -10.28 -13.97
CA TYR C 317 -26.19 -10.69 -15.25
C TYR C 317 -26.90 -12.05 -15.20
N SER C 318 -27.02 -12.68 -14.05
CA SER C 318 -27.41 -14.11 -13.97
C SER C 318 -26.52 -14.98 -14.84
N ALA C 319 -25.24 -14.67 -14.91
CA ALA C 319 -24.34 -15.44 -15.75
C ALA C 319 -24.21 -16.79 -15.11
N TRP C 320 -24.09 -17.79 -15.98
CA TRP C 320 -23.87 -19.15 -15.56
C TRP C 320 -22.42 -19.43 -15.73
N GLN C 321 -21.76 -19.73 -14.62
CA GLN C 321 -20.35 -20.07 -14.64
C GLN C 321 -20.26 -21.51 -14.07
N ASN C 322 -19.59 -22.39 -14.79
CA ASN C 322 -19.42 -23.73 -14.34
C ASN C 322 -18.59 -23.79 -13.06
N ILE C 323 -19.02 -24.62 -12.13
CA ILE C 323 -18.37 -24.77 -10.84
C ILE C 323 -18.06 -26.22 -10.61
N ILE C 324 -16.79 -26.53 -10.50
CA ILE C 324 -16.30 -27.89 -10.52
C ILE C 324 -15.35 -28.16 -9.37
N PRO C 325 -15.24 -29.44 -8.95
CA PRO C 325 -14.44 -29.75 -7.78
C PRO C 325 -12.96 -29.76 -8.13
N LEU C 326 -12.13 -29.62 -7.11
CA LEU C 326 -10.71 -29.65 -7.30
C LEU C 326 -10.18 -31.08 -7.59
N ASN C 327 -10.94 -32.09 -7.16
CA ASN C 327 -10.63 -33.49 -7.40
C ASN C 327 -11.86 -34.34 -7.76
N THR C 328 -11.76 -35.15 -8.81
CA THR C 328 -12.82 -36.09 -9.19
C THR C 328 -12.79 -37.41 -8.39
N ASP C 329 -11.62 -37.80 -7.89
CA ASP C 329 -11.46 -39.04 -7.12
C ASP C 329 -10.79 -38.81 -5.76
N TYR C 330 -11.58 -38.32 -4.80
CA TYR C 330 -11.04 -38.00 -3.47
C TYR C 330 -10.72 -39.29 -2.73
N GLN C 331 -9.52 -39.38 -2.18
CA GLN C 331 -9.10 -40.57 -1.48
C GLN C 331 -8.67 -40.23 -0.09
N ASP C 332 -9.50 -39.42 0.56
CA ASP C 332 -9.33 -39.08 1.96
C ASP C 332 -10.46 -39.70 2.77
N GLY C 333 -11.29 -40.49 2.10
CA GLY C 333 -12.37 -41.21 2.73
C GLY C 333 -13.42 -40.37 3.45
N GLN C 334 -13.64 -39.15 3.00
CA GLN C 334 -14.64 -38.30 3.60
C GLN C 334 -15.98 -38.61 2.94
N ASP C 335 -17.08 -38.46 3.68
CA ASP C 335 -18.40 -38.72 3.09
C ASP C 335 -18.90 -37.52 2.28
N ARG C 336 -19.16 -37.75 1.00
CA ARG C 336 -19.57 -36.69 0.06
C ARG C 336 -20.85 -37.04 -0.68
N PRO C 337 -21.99 -36.96 0.03
CA PRO C 337 -23.24 -37.24 -0.64
C PRO C 337 -23.51 -36.20 -1.75
N VAL C 338 -23.80 -36.65 -2.97
CA VAL C 338 -24.18 -35.73 -4.04
C VAL C 338 -25.47 -35.05 -3.64
N ARG C 339 -25.48 -33.72 -3.74
CA ARG C 339 -26.68 -32.94 -3.49
C ARG C 339 -26.76 -31.76 -4.46
N SER C 340 -27.87 -31.06 -4.41
CA SER C 340 -28.12 -29.86 -5.17
C SER C 340 -27.87 -28.64 -4.27
N TYR C 341 -26.83 -27.88 -4.61
CA TYR C 341 -26.45 -26.71 -3.80
C TYR C 341 -26.56 -25.42 -4.60
N ASP C 342 -26.97 -24.37 -3.90
CA ASP C 342 -26.63 -23.02 -4.33
C ASP C 342 -25.27 -22.69 -3.72
N ILE C 343 -24.35 -22.23 -4.57
CA ILE C 343 -23.01 -21.83 -4.13
C ILE C 343 -23.00 -20.34 -3.85
N VAL C 344 -22.82 -19.99 -2.58
CA VAL C 344 -22.98 -18.61 -2.12
C VAL C 344 -21.82 -18.18 -1.21
N GLY C 345 -21.61 -16.87 -1.13
CA GLY C 345 -20.45 -16.33 -0.43
C GLY C 345 -20.86 -15.76 0.90
N PRO C 346 -19.91 -15.12 1.60
CA PRO C 346 -20.16 -14.55 2.90
C PRO C 346 -20.89 -13.23 2.93
N ILE C 347 -21.13 -12.61 1.77
CA ILE C 347 -21.68 -11.24 1.75
C ILE C 347 -23.13 -11.26 2.16
N CYS C 348 -23.55 -10.22 2.83
CA CYS C 348 -24.84 -10.17 3.52
C CYS C 348 -26.07 -9.87 2.66
N GLU C 349 -26.06 -10.29 1.41
CA GLU C 349 -27.18 -10.04 0.49
C GLU C 349 -27.58 -11.32 -0.13
N THR C 350 -28.85 -11.47 -0.45
CA THR C 350 -29.29 -12.67 -1.17
C THR C 350 -28.69 -12.70 -2.59
N GLY C 351 -28.44 -11.51 -3.15
CA GLY C 351 -27.80 -11.41 -4.44
C GLY C 351 -26.39 -11.97 -4.45
N ASP C 352 -25.79 -12.16 -3.29
CA ASP C 352 -24.43 -12.69 -3.28
C ASP C 352 -24.39 -14.17 -3.50
N PHE C 353 -24.33 -14.57 -4.77
CA PHE C 353 -24.18 -15.97 -5.11
C PHE C 353 -23.21 -16.11 -6.25
N LEU C 354 -22.66 -17.30 -6.37
CA LEU C 354 -21.83 -17.63 -7.49
C LEU C 354 -22.46 -18.57 -8.51
N GLY C 355 -23.39 -19.40 -8.06
CA GLY C 355 -24.07 -20.32 -8.93
C GLY C 355 -25.24 -20.97 -8.21
N LYS C 356 -26.24 -21.37 -9.00
CA LYS C 356 -27.44 -21.97 -8.46
C LYS C 356 -27.67 -23.41 -8.94
N GLU C 357 -28.33 -24.19 -8.09
CA GLU C 357 -28.70 -25.56 -8.39
C GLU C 357 -27.60 -26.35 -9.06
N ARG C 358 -26.51 -26.54 -8.35
CA ARG C 358 -25.46 -27.41 -8.85
C ARG C 358 -25.40 -28.75 -8.11
N GLN C 359 -25.27 -29.81 -8.90
CA GLN C 359 -25.14 -31.15 -8.43
C GLN C 359 -23.71 -31.39 -8.04
N LEU C 360 -23.47 -31.42 -6.74
CA LEU C 360 -22.09 -31.52 -6.26
C LEU C 360 -21.95 -32.43 -5.06
N ALA C 361 -20.79 -33.06 -5.03
CA ALA C 361 -20.40 -33.93 -3.94
C ALA C 361 -19.36 -33.21 -3.10
N LEU C 362 -19.82 -32.65 -1.97
CA LEU C 362 -19.02 -31.71 -1.19
C LEU C 362 -18.84 -32.09 0.26
N ALA C 363 -17.63 -31.90 0.77
CA ALA C 363 -17.41 -31.80 2.20
C ALA C 363 -16.85 -30.44 2.53
N GLU C 364 -17.19 -29.96 3.71
CA GLU C 364 -16.66 -28.71 4.24
C GLU C 364 -15.17 -28.80 4.16
N GLY C 365 -14.54 -27.68 3.81
CA GLY C 365 -13.10 -27.61 3.62
C GLY C 365 -12.64 -27.86 2.19
N ASP C 366 -13.52 -28.37 1.34
CA ASP C 366 -13.19 -28.60 -0.06
C ASP C 366 -12.98 -27.31 -0.83
N TYR C 367 -12.14 -27.37 -1.84
CA TYR C 367 -11.94 -26.28 -2.75
C TYR C 367 -12.81 -26.48 -3.99
N LEU C 368 -13.44 -25.41 -4.43
CA LEU C 368 -14.13 -25.42 -5.72
C LEU C 368 -13.49 -24.43 -6.70
N VAL C 369 -13.67 -24.72 -7.98
CA VAL C 369 -13.11 -23.92 -9.04
C VAL C 369 -14.26 -23.37 -9.88
N ILE C 370 -14.30 -22.04 -10.06
CA ILE C 370 -15.31 -21.39 -10.85
C ILE C 370 -14.65 -21.09 -12.13
N ARG C 371 -15.19 -21.65 -13.21
CA ARG C 371 -14.53 -21.55 -14.50
C ARG C 371 -14.94 -20.30 -15.24
N SER C 372 -14.11 -19.90 -16.18
CA SER C 372 -14.44 -18.88 -17.14
C SER C 372 -14.53 -17.51 -16.51
N THR C 373 -13.61 -17.26 -15.60
CA THR C 373 -13.64 -16.02 -14.84
C THR C 373 -12.42 -15.17 -15.18
N GLY C 374 -11.75 -15.47 -16.27
CA GLY C 374 -10.61 -14.66 -16.70
C GLY C 374 -10.98 -13.32 -17.31
N ALA C 375 -12.26 -13.14 -17.66
CA ALA C 375 -12.76 -11.90 -18.27
C ALA C 375 -13.89 -11.33 -17.48
N TYR C 376 -13.81 -10.06 -17.17
CA TYR C 376 -14.86 -9.38 -16.39
C TYR C 376 -15.04 -10.03 -15.03
N GLY C 377 -13.90 -10.48 -14.48
CA GLY C 377 -13.85 -11.05 -13.16
C GLY C 377 -13.26 -10.08 -12.19
N SER C 378 -11.93 -10.08 -12.09
CA SER C 378 -11.26 -9.17 -11.17
C SER C 378 -11.50 -7.75 -11.55
N THR C 379 -11.71 -7.47 -12.85
CA THR C 379 -11.89 -6.07 -13.28
C THR C 379 -13.14 -5.46 -12.73
N MET C 380 -14.12 -6.29 -12.38
CA MET C 380 -15.37 -5.78 -11.79
C MET C 380 -15.42 -6.00 -10.31
N SER C 381 -14.32 -6.41 -9.71
CA SER C 381 -14.34 -6.70 -8.28
C SER C 381 -14.27 -5.44 -7.43
N SER C 382 -14.76 -5.56 -6.20
CA SER C 382 -14.84 -4.44 -5.28
C SER C 382 -14.46 -4.90 -3.88
N ASN C 383 -14.60 -3.99 -2.91
CA ASN C 383 -14.34 -4.28 -1.51
C ASN C 383 -15.59 -4.32 -0.65
N TYR C 384 -16.75 -4.54 -1.25
CA TYR C 384 -17.96 -4.56 -0.51
C TYR C 384 -17.87 -5.50 0.71
N ASN C 385 -18.46 -5.07 1.82
CA ASN C 385 -18.32 -5.73 3.13
C ASN C 385 -16.89 -5.64 3.67
N SER C 386 -16.10 -4.68 3.16
CA SER C 386 -14.72 -4.51 3.56
C SER C 386 -13.95 -5.82 3.46
N ARG C 387 -14.12 -6.48 2.33
CA ARG C 387 -13.36 -7.67 2.00
C ARG C 387 -12.20 -7.21 1.17
N CYS C 388 -11.04 -7.81 1.36
CA CYS C 388 -9.87 -7.55 0.59
C CYS C 388 -9.96 -8.23 -0.76
N ARG C 389 -9.50 -7.55 -1.81
CA ARG C 389 -9.50 -8.16 -3.14
C ARG C 389 -8.55 -9.32 -3.21
N ALA C 390 -8.99 -10.31 -3.99
CA ALA C 390 -8.31 -11.60 -4.13
C ALA C 390 -6.94 -11.47 -4.72
N ALA C 391 -6.11 -12.48 -4.44
CA ALA C 391 -4.83 -12.60 -5.09
C ALA C 391 -5.05 -13.11 -6.47
N GLU C 392 -4.17 -12.75 -7.39
CA GLU C 392 -4.23 -13.24 -8.73
C GLU C 392 -2.90 -13.83 -9.04
N ILE C 393 -2.94 -15.00 -9.66
CA ILE C 393 -1.76 -15.83 -9.89
C ILE C 393 -1.68 -16.26 -11.35
N LEU C 394 -0.49 -16.13 -11.92
CA LEU C 394 -0.26 -16.49 -13.29
C LEU C 394 0.64 -17.71 -13.31
N VAL C 395 0.14 -18.79 -13.90
CA VAL C 395 0.89 -20.03 -14.03
C VAL C 395 1.57 -20.13 -15.38
N ASP C 396 2.85 -20.48 -15.32
CA ASP C 396 3.64 -20.74 -16.50
C ASP C 396 4.35 -22.09 -16.34
N GLY C 397 3.88 -23.07 -17.10
CA GLY C 397 4.44 -24.41 -17.03
C GLY C 397 4.31 -24.85 -15.58
N GLU C 398 5.45 -25.05 -14.92
CA GLU C 398 5.47 -25.46 -13.53
C GLU C 398 5.75 -24.35 -12.52
N LYS C 399 5.75 -23.11 -13.01
CA LYS C 399 6.01 -21.95 -12.16
C LYS C 399 4.74 -21.11 -12.03
N ALA C 400 4.47 -20.73 -10.80
CA ALA C 400 3.35 -19.88 -10.44
C ALA C 400 3.87 -18.52 -9.96
N PHE C 401 3.41 -17.44 -10.56
CA PHE C 401 3.75 -16.11 -10.08
C PHE C 401 2.55 -15.34 -9.58
N ILE C 402 2.75 -14.66 -8.47
CA ILE C 402 1.75 -13.78 -7.95
C ILE C 402 1.80 -12.50 -8.75
N VAL C 403 0.76 -12.26 -9.55
CA VAL C 403 0.71 -11.11 -10.42
C VAL C 403 -0.22 -10.02 -9.86
N ARG C 404 -0.99 -10.37 -8.83
CA ARG C 404 -1.57 -9.33 -7.97
C ARG C 404 -1.72 -9.82 -6.56
N GLU C 405 -1.05 -9.14 -5.64
CA GLU C 405 -1.09 -9.51 -4.25
C GLU C 405 -2.47 -9.30 -3.69
N ARG C 406 -2.89 -10.25 -2.87
CA ARG C 406 -4.06 -10.05 -2.04
C ARG C 406 -3.94 -8.69 -1.31
N GLU C 407 -5.00 -7.89 -1.31
CA GLU C 407 -4.96 -6.66 -0.52
C GLU C 407 -4.88 -6.95 0.99
N GLU C 408 -4.23 -6.06 1.72
CA GLU C 408 -4.17 -6.14 3.17
C GLU C 408 -5.26 -5.28 3.76
N LEU C 409 -5.72 -5.67 4.94
CA LEU C 409 -6.78 -4.93 5.62
C LEU C 409 -6.46 -3.43 5.73
N LYS C 410 -5.23 -3.11 6.13
CA LYS C 410 -4.86 -1.72 6.41
C LYS C 410 -4.91 -0.83 5.17
N ASP C 411 -4.99 -1.43 3.99
CA ASP C 411 -5.23 -0.62 2.77
C ASP C 411 -6.67 -0.27 2.52
N LEU C 412 -7.60 -0.87 3.24
CA LEU C 412 -9.02 -0.68 2.95
C LEU C 412 -9.42 0.79 3.13
N TRP C 413 -8.89 1.42 4.18
CA TRP C 413 -9.28 2.77 4.51
C TRP C 413 -8.21 3.79 4.11
N ARG C 414 -7.40 3.43 3.12
CA ARG C 414 -6.41 4.34 2.55
C ARG C 414 -7.01 5.66 2.15
N GLY C 415 -6.43 6.74 2.60
CA GLY C 415 -6.89 8.04 2.25
C GLY C 415 -8.13 8.52 2.97
N GLU C 416 -8.53 7.78 4.01
CA GLU C 416 -9.66 8.15 4.82
C GLU C 416 -9.19 8.94 6.04
N HIS C 417 -10.03 9.88 6.45
CA HIS C 417 -9.77 10.81 7.56
C HIS C 417 -10.99 10.98 8.48
N ILE C 418 -10.79 10.93 9.80
CA ILE C 418 -11.83 11.35 10.73
C ILE C 418 -11.87 12.87 10.76
N LEU C 419 -12.99 13.40 11.22
CA LEU C 419 -13.18 14.82 11.45
C LEU C 419 -12.40 15.24 12.68
N PRO C 420 -11.95 16.48 12.74
CA PRO C 420 -11.17 16.93 13.89
C PRO C 420 -12.04 17.15 15.11
N ILE C 421 -11.55 16.80 16.29
CA ILE C 421 -12.32 17.08 17.52
N ASP D 2 -33.60 15.62 5.19
CA ASP D 2 -32.13 15.96 5.10
C ASP D 2 -31.76 17.47 4.91
N HIS D 3 -30.45 17.77 4.91
CA HIS D 3 -29.94 19.15 4.83
C HIS D 3 -29.39 19.48 3.44
N PHE D 4 -29.90 18.77 2.44
CA PHE D 4 -29.66 19.12 1.05
C PHE D 4 -30.89 19.88 0.61
N ASN D 5 -30.72 21.20 0.40
CA ASN D 5 -31.85 22.13 0.32
C ASN D 5 -31.58 23.23 -0.67
N TYR D 6 -32.51 23.46 -1.58
CA TYR D 6 -32.42 24.58 -2.52
C TYR D 6 -32.67 25.85 -1.75
N GLN D 7 -32.08 26.96 -2.19
CA GLN D 7 -32.31 28.22 -1.49
C GLN D 7 -33.03 29.26 -2.35
N ASN D 8 -33.51 30.34 -1.71
CA ASN D 8 -34.22 31.40 -2.43
C ASN D 8 -33.36 31.83 -3.62
N ASP D 9 -32.05 31.87 -3.37
CA ASP D 9 -31.03 31.94 -4.43
C ASP D 9 -31.29 31.06 -5.68
N GLY D 10 -31.77 29.83 -5.48
CA GLY D 10 -31.94 28.81 -6.55
C GLY D 10 -30.88 27.69 -6.47
N ARG D 11 -29.82 27.95 -5.71
CA ARG D 11 -28.66 27.09 -5.67
C ARG D 11 -28.87 26.03 -4.62
N LEU D 12 -28.34 24.83 -4.89
CA LEU D 12 -28.44 23.72 -3.93
C LEU D 12 -27.36 23.81 -2.86
N PHE D 13 -27.78 23.61 -1.63
CA PHE D 13 -26.88 23.74 -0.50
C PHE D 13 -26.84 22.45 0.24
N VAL D 14 -25.72 22.23 0.89
CA VAL D 14 -25.59 21.11 1.79
C VAL D 14 -25.24 21.75 3.08
N GLU D 15 -26.14 21.63 4.05
CA GLU D 15 -26.04 22.39 5.29
C GLU D 15 -25.70 23.82 4.86
N GLY D 16 -24.63 24.41 5.39
CA GLY D 16 -24.33 25.80 5.13
C GLY D 16 -23.63 26.08 3.83
N LEU D 17 -23.30 25.06 3.05
CA LEU D 17 -22.43 25.27 1.89
C LEU D 17 -23.13 25.02 0.58
N PRO D 18 -22.86 25.86 -0.40
CA PRO D 18 -23.27 25.51 -1.75
C PRO D 18 -22.51 24.28 -2.22
N VAL D 19 -23.23 23.38 -2.87
CA VAL D 19 -22.65 22.16 -3.35
C VAL D 19 -21.62 22.48 -4.41
N GLU D 20 -21.89 23.47 -5.27
CA GLU D 20 -20.93 23.84 -6.32
C GLU D 20 -19.56 24.19 -5.75
N GLN D 21 -19.56 24.72 -4.53
CA GLN D 21 -18.33 25.17 -3.91
C GLN D 21 -17.44 24.02 -3.53
N VAL D 22 -18.03 22.96 -2.96
CA VAL D 22 -17.23 21.79 -2.57
C VAL D 22 -16.68 21.07 -3.81
N VAL D 23 -17.54 20.75 -4.76
CA VAL D 23 -17.06 20.01 -5.92
C VAL D 23 -16.05 20.79 -6.77
N LYS D 24 -15.96 22.09 -6.54
CA LYS D 24 -14.99 22.89 -7.25
C LYS D 24 -13.61 22.53 -6.77
N LYS D 25 -13.47 22.38 -5.45
CA LYS D 25 -12.20 22.02 -4.87
C LYS D 25 -11.81 20.61 -5.25
N THR D 26 -12.72 19.67 -5.00
CA THR D 26 -12.43 18.26 -5.14
C THR D 26 -12.59 17.68 -6.56
N GLY D 27 -13.40 18.31 -7.40
CA GLY D 27 -13.75 17.75 -8.69
C GLY D 27 -14.78 16.66 -8.58
N THR D 28 -15.31 16.22 -9.73
CA THR D 28 -16.28 15.15 -9.79
C THR D 28 -15.65 13.93 -10.43
N PRO D 29 -16.20 12.74 -10.20
CA PRO D 29 -17.32 12.52 -9.29
C PRO D 29 -16.93 12.61 -7.83
N ALA D 30 -17.93 12.90 -7.00
CA ALA D 30 -17.70 13.07 -5.58
C ALA D 30 -18.94 12.70 -4.77
N TYR D 31 -18.73 11.91 -3.73
CA TYR D 31 -19.76 11.69 -2.78
C TYR D 31 -19.70 12.80 -1.77
N ILE D 32 -20.87 13.30 -1.38
CA ILE D 32 -20.95 14.35 -0.35
C ILE D 32 -21.93 13.96 0.73
N TYR D 33 -21.49 14.03 1.96
CA TYR D 33 -22.27 13.60 3.11
C TYR D 33 -22.56 14.77 4.07
N SER D 34 -23.79 14.77 4.62
CA SER D 34 -24.25 15.74 5.63
C SER D 34 -24.01 15.21 7.01
N ARG D 35 -23.14 15.85 7.77
CA ARG D 35 -22.96 15.44 9.17
C ARG D 35 -24.29 15.51 9.95
N ALA D 36 -25.01 16.61 9.76
CA ALA D 36 -26.23 16.86 10.52
C ALA D 36 -27.26 15.80 10.23
N THR D 37 -27.41 15.46 8.95
CA THR D 37 -28.37 14.47 8.57
C THR D 37 -28.04 13.13 9.22
N ILE D 38 -26.76 12.80 9.29
CA ILE D 38 -26.37 11.50 9.83
C ILE D 38 -26.77 11.43 11.31
N GLU D 39 -26.45 12.51 12.00
CA GLU D 39 -26.67 12.60 13.44
C GLU D 39 -28.18 12.61 13.75
N ARG D 40 -28.92 13.44 13.03
CA ARG D 40 -30.38 13.49 13.20
C ARG D 40 -30.96 12.10 13.05
N HIS D 41 -30.53 11.39 12.00
CA HIS D 41 -31.12 10.09 11.71
C HIS D 41 -30.79 9.04 12.76
N TRP D 42 -29.56 9.08 13.32
CA TRP D 42 -29.19 8.11 14.32
C TRP D 42 -29.98 8.37 15.60
N GLN D 43 -30.11 9.65 15.94
CA GLN D 43 -30.87 10.07 17.13
C GLN D 43 -32.36 9.77 17.05
N ALA D 44 -32.97 10.05 15.90
CA ALA D 44 -34.35 9.65 15.68
C ALA D 44 -34.58 8.21 16.16
N PHE D 45 -33.66 7.32 15.84
CA PHE D 45 -33.77 5.92 16.29
C PHE D 45 -33.56 5.77 17.77
N ASP D 46 -32.52 6.43 18.26
CA ASP D 46 -32.10 6.24 19.64
C ASP D 46 -33.15 6.79 20.60
N SER D 47 -33.58 8.01 20.37
CA SER D 47 -34.59 8.63 21.20
C SER D 47 -35.85 7.76 21.24
N ALA D 48 -36.38 7.46 20.06
CA ALA D 48 -37.63 6.71 19.94
C ALA D 48 -37.64 5.44 20.77
N ALA D 49 -36.48 4.82 20.98
CA ALA D 49 -36.40 3.66 21.86
C ALA D 49 -36.45 4.05 23.35
N GLY D 50 -36.05 5.29 23.66
CA GLY D 50 -36.33 5.91 24.96
C GLY D 50 -35.89 5.06 26.13
N HIS D 52 -36.48 2.17 27.25
CA HIS D 52 -36.35 0.73 27.15
C HIS D 52 -34.89 0.35 26.86
N PRO D 53 -34.33 -0.59 27.63
CA PRO D 53 -32.95 -1.02 27.39
C PRO D 53 -32.68 -1.41 25.93
N HIS D 54 -31.83 -0.62 25.27
CA HIS D 54 -31.52 -0.82 23.88
C HIS D 54 -30.08 -0.51 23.50
N LEU D 55 -29.65 -1.08 22.38
CA LEU D 55 -28.45 -0.60 21.70
C LEU D 55 -28.70 -0.41 20.20
N ILE D 56 -28.20 0.69 19.66
CA ILE D 56 -28.23 0.88 18.24
C ILE D 56 -26.88 0.58 17.62
N CYS D 57 -26.87 -0.54 16.89
CA CYS D 57 -25.70 -1.05 16.22
C CYS D 57 -25.73 -0.72 14.75
N TYR D 58 -25.24 0.46 14.41
CA TYR D 58 -25.16 0.88 13.02
C TYR D 58 -24.54 -0.16 12.13
N ALA D 59 -25.17 -0.36 10.99
CA ALA D 59 -24.77 -1.42 10.05
C ALA D 59 -23.67 -0.89 9.12
N VAL D 60 -22.45 -1.27 9.42
CA VAL D 60 -21.26 -0.64 8.84
C VAL D 60 -21.25 -0.74 7.31
N LYS D 61 -21.74 -1.87 6.82
CA LYS D 61 -21.82 -2.18 5.40
C LYS D 61 -22.49 -1.13 4.53
N ALA D 62 -23.38 -0.34 5.13
CA ALA D 62 -24.10 0.66 4.38
C ALA D 62 -23.17 1.79 3.96
N ASN D 63 -22.24 2.11 4.84
CA ASN D 63 -21.26 3.13 4.61
C ASN D 63 -20.22 3.01 5.71
N SER D 64 -19.00 2.65 5.34
CA SER D 64 -17.99 2.24 6.28
C SER D 64 -16.90 3.28 6.46
N ASN D 65 -17.11 4.46 5.89
CA ASN D 65 -16.10 5.46 5.92
C ASN D 65 -15.75 5.81 7.35
N LEU D 66 -14.46 6.02 7.61
CA LEU D 66 -13.98 6.22 8.98
C LEU D 66 -14.63 7.42 9.67
N ALA D 67 -14.81 8.51 8.93
CA ALA D 67 -15.37 9.69 9.55
C ALA D 67 -16.82 9.43 9.93
N VAL D 68 -17.51 8.72 9.07
CA VAL D 68 -18.90 8.38 9.31
C VAL D 68 -19.03 7.50 10.52
N LEU D 69 -18.17 6.49 10.62
CA LEU D 69 -18.22 5.61 11.74
C LEU D 69 -17.93 6.40 12.99
N ASN D 70 -17.01 7.36 12.87
CA ASN D 70 -16.57 8.11 13.99
C ASN D 70 -17.70 8.98 14.54
N LEU D 71 -18.50 9.55 13.66
CA LEU D 71 -19.66 10.30 14.13
C LEU D 71 -20.53 9.43 15.00
N MET D 72 -20.78 8.18 14.57
CA MET D 72 -21.58 7.28 15.39
C MET D 72 -20.90 7.03 16.70
N ALA D 73 -19.59 6.77 16.64
CA ALA D 73 -18.84 6.40 17.84
C ALA D 73 -18.93 7.50 18.90
N ARG D 74 -18.91 8.76 18.46
CA ARG D 74 -19.01 9.89 19.36
C ARG D 74 -20.36 9.96 20.06
N MET D 75 -21.43 9.59 19.35
CA MET D 75 -22.75 9.55 19.95
C MET D 75 -22.99 8.30 20.77
N GLY D 76 -21.97 7.48 20.94
CA GLY D 76 -22.05 6.30 21.80
C GLY D 76 -22.61 5.07 21.12
N SER D 77 -22.74 5.13 19.79
CA SER D 77 -23.34 4.03 19.02
C SER D 77 -22.62 2.74 19.12
N GLY D 78 -23.37 1.68 18.94
CA GLY D 78 -22.79 0.35 18.69
C GLY D 78 -22.69 0.16 17.18
N PHE D 79 -22.18 -0.99 16.77
CA PHE D 79 -21.96 -1.26 15.38
C PHE D 79 -22.26 -2.72 15.08
N ASP D 80 -22.88 -2.94 13.92
CA ASP D 80 -23.07 -4.28 13.38
C ASP D 80 -22.08 -4.45 12.21
N ILE D 81 -21.28 -5.52 12.27
CA ILE D 81 -20.19 -5.74 11.33
C ILE D 81 -20.37 -7.10 10.70
N VAL D 82 -19.74 -7.28 9.55
CA VAL D 82 -19.79 -8.55 8.84
C VAL D 82 -18.45 -9.09 8.43
N SER D 83 -17.37 -8.45 8.83
CA SER D 83 -16.04 -8.93 8.46
C SER D 83 -15.00 -8.36 9.41
N VAL D 84 -13.81 -8.96 9.40
CA VAL D 84 -12.71 -8.42 10.17
C VAL D 84 -12.30 -7.06 9.60
N GLY D 85 -12.51 -6.84 8.32
CA GLY D 85 -12.28 -5.54 7.76
C GLY D 85 -13.12 -4.52 8.48
N GLU D 86 -14.39 -4.84 8.68
CA GLU D 86 -15.28 -3.90 9.34
C GLU D 86 -14.93 -3.76 10.80
N LEU D 87 -14.53 -4.85 11.43
CA LEU D 87 -14.07 -4.78 12.80
C LEU D 87 -12.94 -3.77 12.95
N MET D 88 -11.93 -3.87 12.10
CA MET D 88 -10.80 -2.96 12.13
C MET D 88 -11.19 -1.52 11.77
N ARG D 89 -12.11 -1.35 10.86
CA ARG D 89 -12.58 -0.02 10.54
C ARG D 89 -13.19 0.62 11.77
N VAL D 90 -14.02 -0.13 12.46
CA VAL D 90 -14.70 0.43 13.64
C VAL D 90 -13.71 0.80 14.75
N ILE D 91 -12.74 -0.06 14.99
CA ILE D 91 -11.74 0.25 15.96
C ILE D 91 -10.93 1.48 15.53
N GLN D 92 -10.53 1.49 14.25
CA GLN D 92 -9.79 2.60 13.70
C GLN D 92 -10.51 3.91 13.89
N ALA D 93 -11.82 3.92 13.71
CA ALA D 93 -12.64 5.13 13.92
C ALA D 93 -12.93 5.46 15.40
N GLY D 94 -12.43 4.66 16.32
CA GLY D 94 -12.64 4.90 17.75
C GLY D 94 -13.95 4.37 18.30
N GLY D 95 -14.51 3.38 17.63
CA GLY D 95 -15.72 2.74 18.10
C GLY D 95 -15.40 1.78 19.23
N ASP D 96 -16.40 1.56 20.09
CA ASP D 96 -16.28 0.67 21.23
C ASP D 96 -16.55 -0.80 20.85
N PRO D 97 -15.51 -1.65 20.87
CA PRO D 97 -15.71 -3.04 20.44
C PRO D 97 -16.66 -3.83 21.32
N LYS D 98 -16.94 -3.33 22.53
CA LYS D 98 -17.91 -3.97 23.40
C LYS D 98 -19.33 -3.77 22.89
N LYS D 99 -19.53 -2.78 22.03
CA LYS D 99 -20.83 -2.50 21.43
C LYS D 99 -20.92 -2.98 19.99
N ILE D 100 -20.15 -4.01 19.66
CA ILE D 100 -20.12 -4.54 18.33
C ILE D 100 -20.75 -5.90 18.29
N VAL D 101 -21.72 -6.07 17.40
CA VAL D 101 -22.19 -7.41 17.08
C VAL D 101 -21.74 -7.78 15.68
N PHE D 102 -21.47 -9.05 15.47
CA PHE D 102 -20.87 -9.59 14.28
C PHE D 102 -21.77 -10.58 13.53
N SER D 103 -22.41 -10.13 12.46
CA SER D 103 -23.26 -10.93 11.58
C SER D 103 -22.46 -11.56 10.46
N GLY D 104 -23.04 -12.49 9.72
CA GLY D 104 -22.41 -13.04 8.52
C GLY D 104 -22.44 -14.54 8.44
N VAL D 105 -22.78 -15.08 7.26
CA VAL D 105 -22.82 -16.53 7.10
C VAL D 105 -21.48 -17.19 6.91
N GLY D 106 -20.42 -16.41 6.66
CA GLY D 106 -19.16 -16.99 6.22
C GLY D 106 -17.95 -16.63 7.06
N LYS D 107 -18.17 -16.42 8.35
CA LYS D 107 -17.11 -15.99 9.23
C LYS D 107 -15.95 -16.99 9.28
N THR D 108 -14.73 -16.52 9.03
CA THR D 108 -13.54 -17.38 9.13
C THR D 108 -13.03 -17.46 10.58
N GLU D 109 -12.21 -18.49 10.83
CA GLU D 109 -11.58 -18.63 12.14
C GLU D 109 -10.76 -17.37 12.50
N ILE D 110 -10.05 -16.84 11.51
CA ILE D 110 -9.24 -15.64 11.70
C ILE D 110 -10.09 -14.45 12.12
N GLU D 111 -11.23 -14.29 11.48
CA GLU D 111 -12.15 -13.22 11.85
C GLU D 111 -12.75 -13.47 13.25
N ILE D 112 -13.07 -14.72 13.56
CA ILE D 112 -13.68 -15.02 14.86
C ILE D 112 -12.67 -14.80 15.99
N SER D 113 -11.46 -15.27 15.77
CA SER D 113 -10.36 -14.97 16.67
C SER D 113 -10.16 -13.47 16.92
N ALA D 114 -10.14 -12.69 15.85
CA ALA D 114 -9.87 -11.27 16.02
C ALA D 114 -10.98 -10.61 16.81
N ALA D 115 -12.18 -11.05 16.56
CA ALA D 115 -13.34 -10.47 17.21
C ALA D 115 -13.39 -10.87 18.69
N LEU D 116 -13.03 -12.12 18.96
CA LEU D 116 -12.93 -12.60 20.34
C LEU D 116 -11.86 -11.81 21.07
N GLN D 117 -10.69 -11.66 20.46
CA GLN D 117 -9.60 -10.90 21.08
C GLN D 117 -9.93 -9.44 21.24
N ALA D 118 -10.87 -8.92 20.47
CA ALA D 118 -11.30 -7.53 20.66
C ALA D 118 -12.44 -7.46 21.66
N ASN D 119 -12.92 -8.62 22.10
CA ASN D 119 -13.96 -8.72 23.15
C ASN D 119 -15.29 -8.08 22.73
N ILE D 120 -15.83 -8.50 21.59
CA ILE D 120 -17.10 -7.94 21.08
C ILE D 120 -18.29 -8.47 21.86
N MET D 121 -19.40 -7.74 21.77
CA MET D 121 -20.65 -8.10 22.44
C MET D 121 -21.23 -9.46 22.06
N CYS D 122 -21.29 -9.78 20.78
CA CYS D 122 -22.09 -10.94 20.36
C CYS D 122 -21.82 -11.36 18.91
N PHE D 123 -21.86 -12.67 18.68
CA PHE D 123 -21.79 -13.23 17.34
C PHE D 123 -23.18 -13.66 16.95
N ASN D 124 -23.72 -13.08 15.89
CA ASN D 124 -24.99 -13.52 15.37
C ASN D 124 -24.79 -14.71 14.42
N VAL D 125 -25.04 -15.92 14.92
CA VAL D 125 -24.69 -17.17 14.21
C VAL D 125 -25.75 -17.61 13.21
N GLU D 126 -25.28 -18.12 12.07
CA GLU D 126 -26.13 -18.43 10.92
C GLU D 126 -26.13 -19.89 10.51
N SER D 127 -25.26 -20.70 11.10
CA SER D 127 -25.27 -22.12 10.78
C SER D 127 -24.78 -22.93 11.97
N ILE D 128 -25.05 -24.22 11.90
CA ILE D 128 -24.64 -25.15 12.91
C ILE D 128 -23.13 -25.30 12.81
N SER D 129 -22.66 -25.60 11.60
CA SER D 129 -21.22 -25.66 11.36
C SER D 129 -20.47 -24.48 12.01
N GLU D 130 -21.10 -23.30 12.01
CA GLU D 130 -20.46 -22.08 12.52
C GLU D 130 -20.32 -22.13 14.03
N LEU D 131 -21.35 -22.62 14.72
CA LEU D 131 -21.28 -22.85 16.16
C LEU D 131 -20.05 -23.68 16.53
N TYR D 132 -19.83 -24.78 15.84
CA TYR D 132 -18.67 -25.61 16.15
C TYR D 132 -17.37 -24.87 15.90
N ARG D 133 -17.34 -24.06 14.83
CA ARG D 133 -16.15 -23.30 14.53
C ARG D 133 -15.85 -22.25 15.61
N ILE D 134 -16.88 -21.55 16.05
CA ILE D 134 -16.69 -20.53 17.03
C ILE D 134 -16.20 -21.16 18.33
N ASN D 135 -16.93 -22.17 18.78
CA ASN D 135 -16.61 -22.88 19.99
C ASN D 135 -15.19 -23.38 19.95
N SER D 136 -14.81 -23.91 18.79
CA SER D 136 -13.48 -24.42 18.58
C SER D 136 -12.39 -23.36 18.72
N VAL D 137 -12.65 -22.17 18.20
CA VAL D 137 -11.68 -21.05 18.30
C VAL D 137 -11.68 -20.45 19.72
N ALA D 138 -12.86 -20.31 20.32
CA ALA D 138 -13.01 -19.83 21.70
C ALA D 138 -12.26 -20.74 22.68
N LYS D 139 -12.39 -22.03 22.43
CA LYS D 139 -11.69 -23.04 23.19
C LYS D 139 -10.19 -22.78 23.08
N ALA D 140 -9.67 -22.69 21.85
CA ALA D 140 -8.25 -22.47 21.66
C ALA D 140 -7.71 -21.20 22.31
N LEU D 141 -8.56 -20.19 22.49
CA LEU D 141 -8.16 -18.96 23.18
C LEU D 141 -8.55 -18.97 24.66
N ASN D 142 -9.18 -20.05 25.10
CA ASN D 142 -9.75 -20.13 26.43
C ASN D 142 -10.61 -18.96 26.88
N VAL D 143 -11.55 -18.55 26.01
CA VAL D 143 -12.58 -17.57 26.38
C VAL D 143 -13.94 -18.16 26.13
N LYS D 144 -14.97 -17.42 26.50
CA LYS D 144 -16.33 -17.79 26.21
C LYS D 144 -16.97 -16.83 25.20
N ALA D 145 -17.36 -17.39 24.05
CA ALA D 145 -17.90 -16.60 22.94
C ALA D 145 -19.36 -16.30 23.12
N PRO D 146 -19.73 -15.01 23.21
CA PRO D 146 -21.14 -14.67 23.31
C PRO D 146 -21.87 -14.83 21.99
N ILE D 147 -23.08 -15.40 22.00
CA ILE D 147 -23.74 -15.74 20.75
C ILE D 147 -25.24 -15.59 20.76
N SER D 148 -25.78 -15.12 19.63
CA SER D 148 -27.18 -15.30 19.31
C SER D 148 -27.25 -16.21 18.10
N ILE D 149 -28.46 -16.68 17.83
CA ILE D 149 -28.71 -17.40 16.60
C ILE D 149 -29.56 -16.48 15.77
N ARG D 150 -29.19 -16.36 14.50
CA ARG D 150 -30.04 -15.68 13.54
C ARG D 150 -31.16 -16.64 13.10
N ILE D 151 -32.38 -16.20 13.38
CA ILE D 151 -33.55 -17.02 13.20
C ILE D 151 -34.34 -16.44 12.06
N ASN D 152 -34.82 -17.34 11.22
CA ASN D 152 -35.67 -17.02 10.10
C ASN D 152 -37.14 -17.33 10.43
N PRO D 153 -37.94 -16.30 10.71
CA PRO D 153 -39.36 -16.49 10.82
C PRO D 153 -39.97 -16.25 9.45
N GLU D 169 -35.99 -20.58 0.40
CA GLU D 169 -35.60 -19.18 0.22
C GLU D 169 -34.06 -19.03 0.11
N ASN D 170 -33.41 -18.58 1.19
CA ASN D 170 -32.11 -17.94 1.10
C ASN D 170 -31.07 -18.44 2.13
N LYS D 171 -29.82 -18.08 1.90
CA LYS D 171 -28.68 -18.61 2.68
C LYS D 171 -28.65 -18.25 4.19
N PHE D 172 -29.45 -17.29 4.60
CA PHE D 172 -29.36 -16.76 5.94
C PHE D 172 -30.20 -17.49 6.98
N GLY D 173 -29.61 -17.63 8.15
CA GLY D 173 -30.35 -17.93 9.33
C GLY D 173 -30.64 -19.39 9.51
N ILE D 174 -31.22 -19.67 10.66
CA ILE D 174 -31.75 -20.99 10.98
C ILE D 174 -33.25 -20.87 10.97
N GLU D 175 -33.90 -21.83 10.33
CA GLU D 175 -35.36 -21.87 10.32
C GLU D 175 -35.90 -22.06 11.71
N ILE D 176 -36.90 -21.30 12.05
CA ILE D 176 -37.49 -21.35 13.37
C ILE D 176 -37.89 -22.77 13.82
N GLU D 177 -38.33 -23.62 12.90
CA GLU D 177 -38.70 -25.02 13.24
C GLU D 177 -37.53 -25.76 13.87
N GLN D 178 -36.29 -25.29 13.67
CA GLN D 178 -35.14 -25.94 14.28
C GLN D 178 -34.45 -25.08 15.32
N ALA D 179 -35.07 -23.99 15.71
CA ALA D 179 -34.43 -23.05 16.63
C ALA D 179 -33.97 -23.75 17.88
N LEU D 180 -34.92 -24.38 18.57
CA LEU D 180 -34.66 -25.00 19.86
C LEU D 180 -33.56 -26.03 19.74
N ASP D 181 -33.59 -26.79 18.66
CA ASP D 181 -32.63 -27.84 18.48
C ASP D 181 -31.21 -27.28 18.43
N VAL D 182 -31.02 -26.14 17.77
CA VAL D 182 -29.66 -25.58 17.65
C VAL D 182 -29.31 -24.75 18.86
N TYR D 183 -30.29 -24.06 19.42
CA TYR D 183 -30.08 -23.37 20.68
C TYR D 183 -29.63 -24.34 21.73
N LYS D 184 -30.14 -25.56 21.62
CA LYS D 184 -29.76 -26.62 22.54
C LYS D 184 -28.30 -26.96 22.37
N ILE D 185 -27.93 -27.28 21.15
CA ILE D 185 -26.53 -27.59 20.82
C ILE D 185 -25.58 -26.51 21.36
N ALA D 186 -25.99 -25.25 21.23
CA ALA D 186 -25.20 -24.15 21.72
C ALA D 186 -25.02 -24.23 23.23
N SER D 187 -26.13 -24.47 23.94
CA SER D 187 -26.11 -24.63 25.40
C SER D 187 -25.11 -25.74 25.78
N ASP D 188 -25.17 -26.86 25.07
CA ASP D 188 -24.23 -27.97 25.30
C ASP D 188 -22.78 -27.62 25.02
N LEU D 189 -22.53 -26.54 24.30
CA LEU D 189 -21.15 -26.19 23.99
C LEU D 189 -20.59 -25.30 25.07
N GLU D 190 -19.34 -25.62 25.41
CA GLU D 190 -18.68 -25.19 26.65
C GLU D 190 -18.15 -23.80 26.54
N PHE D 191 -17.51 -23.51 25.39
CA PHE D 191 -16.86 -22.23 25.15
C PHE D 191 -17.80 -21.23 24.48
N LEU D 192 -19.10 -21.54 24.40
CA LEU D 192 -20.10 -20.58 23.91
C LEU D 192 -20.99 -20.19 25.03
N GLU D 193 -21.59 -19.02 24.93
CA GLU D 193 -22.45 -18.52 25.96
C GLU D 193 -23.62 -17.79 25.33
N ILE D 194 -24.79 -18.40 25.43
CA ILE D 194 -25.99 -17.88 24.78
C ILE D 194 -26.38 -16.56 25.41
N LYS D 195 -26.38 -15.50 24.60
CA LYS D 195 -26.77 -14.20 25.09
C LYS D 195 -28.06 -13.69 24.48
N GLY D 196 -28.41 -14.16 23.30
CA GLY D 196 -29.48 -13.50 22.58
C GLY D 196 -30.16 -14.27 21.48
N VAL D 197 -31.13 -13.60 20.89
CA VAL D 197 -31.80 -14.04 19.68
C VAL D 197 -31.71 -12.93 18.65
N ASP D 198 -31.45 -13.33 17.41
CA ASP D 198 -31.22 -12.37 16.34
C ASP D 198 -32.06 -12.69 15.11
N CYS D 199 -32.45 -11.64 14.39
CA CYS D 199 -32.94 -11.84 13.03
C CYS D 199 -32.69 -10.61 12.14
N HIS D 200 -32.71 -10.86 10.84
CA HIS D 200 -32.74 -9.76 9.89
C HIS D 200 -33.60 -10.22 8.71
N ILE D 201 -34.68 -9.51 8.42
CA ILE D 201 -35.70 -10.08 7.54
C ILE D 201 -35.61 -9.64 6.09
N GLY D 202 -34.91 -8.53 5.86
CA GLY D 202 -34.70 -8.02 4.52
C GLY D 202 -34.29 -6.57 4.60
N SER D 203 -34.30 -5.90 3.45
CA SER D 203 -33.88 -4.52 3.42
C SER D 203 -34.84 -3.74 2.56
N GLN D 204 -34.82 -2.43 2.75
CA GLN D 204 -35.75 -1.52 2.06
C GLN D 204 -37.21 -2.00 2.22
N LEU D 205 -37.61 -2.34 3.45
CA LEU D 205 -38.97 -2.73 3.72
C LEU D 205 -39.75 -1.47 4.03
N THR D 206 -40.92 -1.33 3.41
CA THR D 206 -41.72 -0.11 3.50
C THR D 206 -43.02 -0.26 4.33
N GLU D 207 -43.16 -1.38 5.05
CA GLU D 207 -44.31 -1.68 5.92
C GLU D 207 -43.83 -2.09 7.32
N ILE D 208 -44.57 -1.74 8.37
CA ILE D 208 -44.26 -2.18 9.74
C ILE D 208 -44.60 -3.65 9.91
N ALA D 209 -45.59 -4.14 9.19
CA ALA D 209 -46.17 -5.44 9.50
C ALA D 209 -45.17 -6.58 9.60
N PRO D 210 -44.28 -6.71 8.62
CA PRO D 210 -43.37 -7.86 8.67
C PRO D 210 -42.44 -7.85 9.88
N PHE D 211 -42.08 -6.66 10.35
CA PHE D 211 -41.21 -6.52 11.51
C PHE D 211 -41.93 -7.07 12.74
N ILE D 212 -43.19 -6.66 12.90
CA ILE D 212 -44.00 -7.10 14.02
C ILE D 212 -44.25 -8.59 13.95
N GLU D 213 -44.69 -9.05 12.79
CA GLU D 213 -44.87 -10.48 12.59
C GLU D 213 -43.62 -11.23 13.05
N ALA D 214 -42.44 -10.74 12.69
CA ALA D 214 -41.18 -11.38 13.07
C ALA D 214 -40.94 -11.35 14.58
N LEU D 215 -41.16 -10.18 15.17
CA LEU D 215 -41.00 -10.03 16.61
C LEU D 215 -41.87 -11.04 17.39
N ASP D 216 -43.18 -11.01 17.12
CA ASP D 216 -44.13 -11.92 17.73
C ASP D 216 -43.58 -13.34 17.78
N LYS D 217 -43.15 -13.86 16.63
CA LYS D 217 -42.72 -15.27 16.57
C LYS D 217 -41.43 -15.49 17.32
N LEU D 218 -40.61 -14.44 17.44
CA LEU D 218 -39.36 -14.56 18.20
C LEU D 218 -39.61 -14.51 19.71
N LEU D 219 -40.59 -13.73 20.15
CA LEU D 219 -40.97 -13.68 21.57
C LEU D 219 -41.50 -15.02 22.00
N ILE D 220 -42.43 -15.56 21.21
CA ILE D 220 -42.91 -16.92 21.41
C ILE D 220 -41.72 -17.85 21.58
N LEU D 221 -40.74 -17.75 20.68
CA LEU D 221 -39.55 -18.60 20.75
C LEU D 221 -38.72 -18.36 22.02
N ILE D 222 -38.62 -17.11 22.43
CA ILE D 222 -37.85 -16.80 23.62
C ILE D 222 -38.46 -17.51 24.81
N ASP D 223 -39.78 -17.36 24.94
CA ASP D 223 -40.55 -17.99 26.01
C ASP D 223 -40.36 -19.50 26.00
N LEU D 224 -40.50 -20.12 24.83
CA LEU D 224 -40.24 -21.55 24.74
C LEU D 224 -38.82 -21.92 25.20
N LEU D 225 -37.88 -20.99 25.02
CA LEU D 225 -36.50 -21.19 25.49
C LEU D 225 -36.37 -21.01 27.01
N ALA D 226 -37.10 -20.04 27.57
CA ALA D 226 -37.16 -19.89 29.03
C ALA D 226 -37.59 -21.24 29.66
N GLU D 227 -38.78 -21.71 29.29
CA GLU D 227 -39.29 -23.04 29.70
C GLU D 227 -38.22 -24.12 29.60
N LYS D 228 -37.44 -24.12 28.52
CA LYS D 228 -36.35 -25.09 28.39
C LYS D 228 -35.08 -24.66 29.13
N ILE D 230 -33.22 -22.00 29.16
CA ILE D 230 -32.30 -21.10 28.46
C ILE D 230 -32.78 -19.66 28.56
N THR D 231 -31.90 -18.81 29.12
CA THR D 231 -32.18 -17.39 29.32
C THR D 231 -31.64 -16.54 28.17
N ILE D 232 -32.43 -15.56 27.74
CA ILE D 232 -32.04 -14.69 26.64
C ILE D 232 -31.89 -13.26 27.16
N SER D 233 -30.69 -12.69 27.04
CA SER D 233 -30.39 -11.34 27.60
C SER D 233 -30.80 -10.22 26.62
N HIS D 234 -30.75 -10.50 25.32
CA HIS D 234 -31.14 -9.52 24.32
C HIS D 234 -31.79 -10.14 23.07
N LEU D 235 -32.56 -9.30 22.40
CA LEU D 235 -33.17 -9.63 21.12
C LEU D 235 -32.73 -8.61 20.07
N ASP D 236 -32.09 -9.12 19.01
CA ASP D 236 -31.58 -8.28 17.91
C ASP D 236 -32.54 -8.37 16.70
N LEU D 237 -33.15 -7.25 16.35
CA LEU D 237 -34.14 -7.21 15.27
C LEU D 237 -33.60 -6.77 13.92
N GLY D 238 -32.28 -6.73 13.78
CA GLY D 238 -31.66 -6.44 12.50
C GLY D 238 -31.98 -5.04 12.06
N GLY D 239 -31.80 -4.81 10.76
CA GLY D 239 -32.17 -3.56 10.13
C GLY D 239 -33.32 -3.84 9.19
N GLY D 240 -33.36 -3.11 8.08
CA GLY D 240 -34.30 -3.39 7.02
C GLY D 240 -35.34 -2.32 6.83
N LEU D 241 -35.37 -1.34 7.72
CA LEU D 241 -36.34 -0.30 7.59
C LEU D 241 -35.97 0.52 6.38
N GLY D 242 -36.95 0.70 5.50
CA GLY D 242 -36.71 1.34 4.20
C GLY D 242 -36.73 2.85 4.26
N VAL D 243 -36.43 3.47 3.12
CA VAL D 243 -36.43 4.92 3.01
C VAL D 243 -37.12 5.33 1.72
N PRO D 244 -37.50 6.61 1.64
CA PRO D 244 -38.00 7.18 0.38
C PRO D 244 -36.89 7.46 -0.65
N TYR D 245 -36.90 6.69 -1.74
CA TYR D 245 -36.03 6.94 -2.90
C TYR D 245 -36.78 7.73 -3.98
N ASP D 246 -37.97 7.25 -4.31
CA ASP D 246 -38.89 7.84 -5.30
C ASP D 246 -40.18 8.31 -4.57
N ASP D 247 -41.19 7.43 -4.50
CA ASP D 247 -42.56 7.75 -4.05
C ASP D 247 -42.93 6.95 -2.79
N GLU D 248 -41.99 6.20 -2.22
CA GLU D 248 -42.27 5.29 -1.11
C GLU D 248 -42.52 6.09 0.17
N THR D 249 -43.28 5.49 1.08
CA THR D 249 -43.59 6.10 2.37
C THR D 249 -43.40 5.03 3.42
N PRO D 250 -42.14 4.66 3.68
CA PRO D 250 -41.91 3.72 4.78
C PRO D 250 -42.21 4.38 6.11
N PRO D 251 -42.46 3.56 7.13
CA PRO D 251 -42.58 4.07 8.50
C PRO D 251 -41.31 4.81 8.87
N GLU D 252 -41.46 5.98 9.47
CA GLU D 252 -40.29 6.66 9.97
C GLU D 252 -39.82 5.96 11.23
N PRO D 253 -38.53 6.15 11.57
CA PRO D 253 -37.93 5.36 12.64
C PRO D 253 -38.74 5.39 13.93
N ALA D 254 -39.22 6.57 14.31
CA ALA D 254 -40.04 6.77 15.52
C ALA D 254 -41.20 5.79 15.57
N GLU D 255 -42.02 5.81 14.52
CA GLU D 255 -43.21 4.93 14.39
C GLU D 255 -42.88 3.43 14.41
N TYR D 256 -41.85 3.06 13.66
CA TYR D 256 -41.35 1.69 13.64
C TYR D 256 -40.98 1.24 15.03
N MET D 257 -40.28 2.10 15.77
CA MET D 257 -39.79 1.75 17.09
C MET D 257 -40.97 1.59 18.08
N THR D 258 -41.84 2.59 18.11
CA THR D 258 -42.99 2.57 19.01
C THR D 258 -43.75 1.26 18.90
N ALA D 259 -44.12 0.91 17.68
CA ALA D 259 -44.82 -0.35 17.42
C ALA D 259 -44.06 -1.53 18.06
N ILE D 260 -42.74 -1.51 17.92
CA ILE D 260 -41.92 -2.58 18.45
C ILE D 260 -41.89 -2.57 19.98
N ILE D 261 -41.78 -1.36 20.52
CA ILE D 261 -41.74 -1.14 21.95
C ILE D 261 -43.02 -1.64 22.57
N ASN D 262 -44.15 -1.17 22.04
CA ASN D 262 -45.44 -1.73 22.50
C ASN D 262 -45.45 -3.23 22.88
N ARG D 263 -44.76 -4.09 22.13
CA ARG D 263 -44.79 -5.55 22.37
C ARG D 263 -43.97 -6.04 23.57
N MET D 264 -43.28 -5.13 24.27
CA MET D 264 -42.34 -5.46 25.32
C MET D 264 -42.95 -5.31 26.72
N GLY D 266 -44.78 -6.10 29.01
CA GLY D 266 -44.19 -6.07 30.35
C GLY D 266 -42.95 -6.95 30.42
N ARG D 267 -41.82 -6.59 29.81
CA ARG D 267 -40.59 -7.46 29.77
C ARG D 267 -39.24 -6.80 30.05
N SER D 268 -38.19 -7.62 30.04
CA SER D 268 -36.86 -7.20 30.44
C SER D 268 -35.81 -7.23 29.33
N LEU D 269 -36.03 -8.10 28.37
CA LEU D 269 -35.24 -8.17 27.17
C LEU D 269 -34.85 -6.83 26.54
N LYS D 270 -33.54 -6.70 26.41
CA LYS D 270 -32.76 -5.65 25.74
C LYS D 270 -32.90 -5.77 24.23
N LEU D 271 -33.24 -4.66 23.61
CA LEU D 271 -33.46 -4.67 22.17
C LEU D 271 -32.27 -4.09 21.42
N ILE D 272 -31.73 -4.87 20.51
CA ILE D 272 -30.69 -4.38 19.61
C ILE D 272 -31.28 -4.17 18.21
N PHE D 273 -30.97 -3.00 17.63
CA PHE D 273 -31.32 -2.66 16.25
C PHE D 273 -30.07 -2.41 15.40
N GLU D 274 -30.15 -2.82 14.14
CA GLU D 274 -29.06 -2.77 13.23
C GLU D 274 -29.42 -1.98 11.99
N PRO D 275 -29.98 -0.78 12.14
CA PRO D 275 -30.24 -0.04 10.91
C PRO D 275 -29.00 0.42 10.10
N GLY D 276 -29.11 0.41 8.79
CA GLY D 276 -28.08 0.99 7.92
C GLY D 276 -28.64 2.07 7.02
N ARG D 277 -29.41 1.61 6.03
CA ARG D 277 -30.02 2.48 5.06
C ARG D 277 -30.78 3.65 5.69
N ALA D 278 -31.58 3.38 6.71
CA ALA D 278 -32.46 4.40 7.29
C ALA D 278 -31.63 5.53 7.86
N ILE D 279 -30.43 5.20 8.29
CA ILE D 279 -29.53 6.24 8.78
C ILE D 279 -28.80 6.97 7.68
N MET D 280 -28.29 6.25 6.70
CA MET D 280 -27.34 6.89 5.77
C MET D 280 -27.87 7.24 4.40
N ALA D 281 -28.89 6.55 3.92
CA ALA D 281 -29.27 6.71 2.52
C ALA D 281 -29.34 8.16 2.10
N ASN D 282 -30.20 8.92 2.76
CA ASN D 282 -30.43 10.30 2.36
C ASN D 282 -29.52 11.29 3.05
N ALA D 283 -28.55 10.78 3.80
CA ALA D 283 -27.46 11.60 4.34
C ALA D 283 -26.31 11.81 3.37
N GLY D 284 -26.43 11.30 2.14
CA GLY D 284 -25.41 11.56 1.12
C GLY D 284 -25.91 11.68 -0.30
N VAL D 285 -25.15 12.42 -1.10
CA VAL D 285 -25.41 12.50 -2.53
C VAL D 285 -24.15 12.22 -3.31
N LEU D 286 -24.33 11.99 -4.58
CA LEU D 286 -23.22 11.83 -5.52
C LEU D 286 -23.34 12.87 -6.58
N VAL D 287 -22.30 13.69 -6.70
CA VAL D 287 -22.27 14.78 -7.66
C VAL D 287 -21.45 14.40 -8.86
N THR D 288 -21.95 14.74 -10.04
CA THR D 288 -21.29 14.37 -11.27
C THR D 288 -21.47 15.48 -12.30
N LYS D 289 -20.57 15.51 -13.26
CA LYS D 289 -20.57 16.54 -14.26
C LYS D 289 -21.05 15.95 -15.56
N VAL D 290 -21.89 16.69 -16.27
CA VAL D 290 -22.31 16.34 -17.62
C VAL D 290 -21.17 16.61 -18.58
N GLU D 291 -20.75 15.59 -19.32
CA GLU D 291 -19.70 15.76 -20.31
C GLU D 291 -20.34 16.08 -21.65
N PHE D 292 -21.19 15.20 -22.12
CA PHE D 292 -21.80 15.37 -23.43
C PHE D 292 -23.29 15.15 -23.40
N LEU D 293 -23.97 15.72 -24.41
CA LEU D 293 -25.40 15.41 -24.67
C LEU D 293 -25.48 14.82 -26.04
N LYS D 294 -26.13 13.67 -26.14
CA LYS D 294 -26.36 13.02 -27.40
C LYS D 294 -27.84 13.01 -27.66
N LEU D 295 -28.22 13.67 -28.76
CA LEU D 295 -29.64 13.89 -29.09
C LEU D 295 -30.01 13.07 -30.29
N ASN D 296 -31.17 12.43 -30.23
CA ASN D 296 -31.63 11.59 -31.33
C ASN D 296 -33.12 11.28 -31.20
N ASP D 297 -33.84 11.18 -32.32
CA ASP D 297 -35.31 11.05 -32.30
C ASP D 297 -35.83 9.69 -31.85
N LYS D 299 -34.47 8.80 -28.52
CA LYS D 299 -33.92 8.86 -27.17
C LYS D 299 -32.71 9.82 -26.98
N ASN D 300 -32.65 10.48 -25.85
CA ASN D 300 -31.53 11.36 -25.49
C ASN D 300 -30.62 10.86 -24.35
N PHE D 301 -29.32 11.13 -24.44
CA PHE D 301 -28.38 10.75 -23.41
C PHE D 301 -27.59 11.90 -22.82
N ALA D 302 -27.64 12.03 -21.50
CA ALA D 302 -26.66 12.83 -20.78
C ALA D 302 -25.54 11.90 -20.33
N ILE D 303 -24.35 12.12 -20.87
CA ILE D 303 -23.16 11.36 -20.53
C ILE D 303 -22.44 12.09 -19.44
N VAL D 304 -22.39 11.49 -18.26
CA VAL D 304 -21.82 12.12 -17.07
C VAL D 304 -20.52 11.42 -16.64
N ASP D 305 -19.79 12.00 -15.69
CA ASP D 305 -18.50 11.46 -15.33
C ASP D 305 -18.55 10.48 -14.17
N ALA D 306 -19.75 10.21 -13.65
CA ALA D 306 -19.95 9.10 -12.71
C ALA D 306 -20.54 7.91 -13.44
N ALA D 307 -20.31 6.70 -12.90
CA ALA D 307 -20.72 5.48 -13.55
C ALA D 307 -21.06 4.38 -12.56
N MET D 308 -21.36 3.20 -13.08
CA MET D 308 -21.74 2.06 -12.26
C MET D 308 -20.64 1.63 -11.28
N ASN D 309 -19.38 1.92 -11.59
CA ASN D 309 -18.34 1.65 -10.60
C ASN D 309 -18.40 2.59 -9.40
N ASP D 310 -19.02 3.76 -9.57
CA ASP D 310 -19.17 4.70 -8.48
C ASP D 310 -20.45 4.39 -7.73
N LEU D 311 -21.49 4.02 -8.47
CA LEU D 311 -22.79 3.72 -7.90
C LEU D 311 -23.46 2.65 -8.69
N ILE D 312 -23.57 1.49 -8.08
CA ILE D 312 -24.01 0.31 -8.83
C ILE D 312 -25.50 -0.01 -8.67
N ARG D 313 -26.17 0.71 -7.77
CA ARG D 313 -27.54 0.33 -7.38
C ARG D 313 -28.52 0.32 -8.58
N PRO D 314 -28.46 1.35 -9.43
CA PRO D 314 -29.33 1.31 -10.61
C PRO D 314 -29.07 0.11 -11.52
N ALA D 315 -27.82 -0.14 -11.84
CA ALA D 315 -27.49 -1.30 -12.72
C ALA D 315 -27.84 -2.61 -12.04
N LEU D 316 -27.56 -2.74 -10.75
CA LEU D 316 -27.64 -4.06 -10.11
C LEU D 316 -29.05 -4.40 -9.68
N TYR D 317 -29.80 -3.39 -9.27
CA TYR D 317 -31.13 -3.61 -8.74
C TYR D 317 -32.22 -2.88 -9.49
N SER D 318 -31.91 -2.20 -10.59
CA SER D 318 -32.85 -1.23 -11.19
C SER D 318 -33.36 -0.25 -10.13
N ALA D 319 -32.50 0.16 -9.22
CA ALA D 319 -32.93 1.13 -8.23
C ALA D 319 -33.20 2.44 -8.94
N TRP D 320 -34.20 3.14 -8.45
CA TRP D 320 -34.50 4.50 -8.91
C TRP D 320 -33.88 5.46 -7.92
N GLN D 321 -32.98 6.31 -8.38
CA GLN D 321 -32.37 7.33 -7.55
C GLN D 321 -32.72 8.66 -8.19
N ASN D 322 -33.25 9.58 -7.42
CA ASN D 322 -33.60 10.88 -7.95
C ASN D 322 -32.35 11.62 -8.40
N ILE D 323 -32.44 12.29 -9.54
CA ILE D 323 -31.34 13.05 -10.11
C ILE D 323 -31.83 14.46 -10.36
N ILE D 324 -31.19 15.43 -9.72
CA ILE D 324 -31.62 16.82 -9.73
C ILE D 324 -30.47 17.78 -10.08
N PRO D 325 -30.78 18.98 -10.63
CA PRO D 325 -29.76 19.92 -11.05
C PRO D 325 -29.16 20.65 -9.87
N LEU D 326 -27.98 21.20 -10.07
CA LEU D 326 -27.29 21.90 -9.02
C LEU D 326 -27.92 23.29 -8.78
N ASN D 327 -28.60 23.83 -9.79
CA ASN D 327 -29.31 25.12 -9.71
C ASN D 327 -30.67 25.12 -10.43
N THR D 328 -31.70 25.62 -9.75
CA THR D 328 -33.04 25.73 -10.34
C THR D 328 -33.22 26.97 -11.20
N ASP D 329 -32.45 28.00 -10.92
CA ASP D 329 -32.56 29.26 -11.64
C ASP D 329 -31.18 29.70 -12.17
N TYR D 330 -30.77 29.12 -13.28
CA TYR D 330 -29.45 29.43 -13.86
C TYR D 330 -29.49 30.82 -14.48
N GLN D 331 -28.50 31.63 -14.14
CA GLN D 331 -28.46 32.99 -14.63
C GLN D 331 -27.12 33.21 -15.32
N ASP D 332 -26.74 32.24 -16.14
CA ASP D 332 -25.59 32.38 -17.03
C ASP D 332 -26.07 32.48 -18.48
N GLY D 333 -27.39 32.51 -18.68
CA GLY D 333 -28.00 32.64 -19.99
C GLY D 333 -27.68 31.54 -21.02
N GLN D 334 -27.43 30.33 -20.56
CA GLN D 334 -27.14 29.22 -21.47
C GLN D 334 -28.46 28.60 -21.89
N ASP D 335 -28.54 28.05 -23.10
CA ASP D 335 -29.81 27.47 -23.58
C ASP D 335 -30.01 26.05 -23.00
N ARG D 336 -31.08 25.85 -22.23
CA ARG D 336 -31.34 24.58 -21.54
C ARG D 336 -32.73 24.05 -21.82
N PRO D 337 -32.94 23.55 -23.04
CA PRO D 337 -34.24 23.01 -23.36
C PRO D 337 -34.54 21.79 -22.48
N VAL D 338 -35.70 21.78 -21.83
CA VAL D 338 -36.13 20.63 -21.07
C VAL D 338 -36.29 19.45 -22.04
N ARG D 339 -35.68 18.31 -21.70
CA ARG D 339 -35.83 17.07 -22.47
C ARG D 339 -35.88 15.86 -21.55
N SER D 340 -36.14 14.71 -22.16
CA SER D 340 -36.10 13.43 -21.50
C SER D 340 -34.75 12.72 -21.78
N TYR D 341 -33.94 12.57 -20.72
CA TYR D 341 -32.62 11.96 -20.82
C TYR D 341 -32.48 10.67 -20.04
N ASP D 342 -31.73 9.73 -20.60
CA ASP D 342 -31.10 8.68 -19.81
C ASP D 342 -29.76 9.23 -19.35
N ILE D 343 -29.50 9.11 -18.06
CA ILE D 343 -28.25 9.59 -17.46
C ILE D 343 -27.31 8.42 -17.38
N VAL D 344 -26.22 8.49 -18.13
CA VAL D 344 -25.32 7.38 -18.27
C VAL D 344 -23.87 7.81 -18.12
N GLY D 345 -23.00 6.86 -17.76
CA GLY D 345 -21.61 7.18 -17.46
C GLY D 345 -20.70 6.80 -18.59
N PRO D 346 -19.39 6.95 -18.39
CA PRO D 346 -18.44 6.63 -19.40
C PRO D 346 -18.11 5.15 -19.58
N ILE D 347 -18.62 4.28 -18.73
CA ILE D 347 -18.25 2.88 -18.81
C ILE D 347 -18.83 2.20 -20.06
N CYS D 348 -18.08 1.24 -20.59
CA CYS D 348 -18.37 0.66 -21.89
C CYS D 348 -19.45 -0.45 -21.96
N GLU D 349 -20.47 -0.35 -21.11
CA GLU D 349 -21.57 -1.33 -21.08
C GLU D 349 -22.87 -0.61 -21.15
N THR D 350 -23.89 -1.22 -21.74
CA THR D 350 -25.23 -0.63 -21.70
C THR D 350 -25.78 -0.63 -20.28
N GLY D 351 -25.36 -1.60 -19.47
CA GLY D 351 -25.71 -1.61 -18.05
C GLY D 351 -25.18 -0.42 -17.25
N ASP D 352 -24.22 0.32 -17.79
CA ASP D 352 -23.73 1.49 -17.07
C ASP D 352 -24.66 2.68 -17.21
N PHE D 353 -25.62 2.78 -16.31
CA PHE D 353 -26.48 3.95 -16.25
C PHE D 353 -26.73 4.34 -14.80
N LEU D 354 -27.11 5.59 -14.61
CA LEU D 354 -27.49 6.07 -13.29
C LEU D 354 -28.98 6.32 -13.13
N GLY D 355 -29.66 6.61 -14.23
CA GLY D 355 -31.10 6.83 -14.20
C GLY D 355 -31.67 6.92 -15.58
N LYS D 356 -32.93 6.52 -15.72
CA LYS D 356 -33.61 6.51 -17.02
C LYS D 356 -34.79 7.49 -17.12
N GLU D 357 -35.03 7.96 -18.33
CA GLU D 357 -36.16 8.85 -18.65
C GLU D 357 -36.36 9.98 -17.66
N ARG D 358 -35.40 10.87 -17.54
CA ARG D 358 -35.55 11.99 -16.63
C ARG D 358 -35.74 13.30 -17.38
N GLN D 359 -36.73 14.06 -16.93
CA GLN D 359 -37.07 15.35 -17.49
C GLN D 359 -36.11 16.38 -16.93
N LEU D 360 -35.16 16.82 -17.74
CA LEU D 360 -34.11 17.70 -17.25
C LEU D 360 -33.73 18.77 -18.22
N ALA D 361 -33.35 19.90 -17.66
CA ALA D 361 -32.90 21.06 -18.43
C ALA D 361 -31.39 21.17 -18.26
N LEU D 362 -30.66 20.72 -19.28
CA LEU D 362 -29.23 20.53 -19.18
C LEU D 362 -28.42 21.22 -20.25
N ALA D 363 -27.31 21.80 -19.85
CA ALA D 363 -26.24 22.11 -20.77
C ALA D 363 -24.99 21.32 -20.40
N GLU D 364 -24.20 21.00 -21.41
CA GLU D 364 -22.92 20.36 -21.21
C GLU D 364 -22.14 21.22 -20.23
N GLY D 365 -21.43 20.55 -19.31
CA GLY D 365 -20.66 21.21 -18.28
C GLY D 365 -21.43 21.34 -16.97
N ASP D 366 -22.74 21.14 -17.00
CA ASP D 366 -23.54 21.23 -15.78
C ASP D 366 -23.26 20.10 -14.79
N TYR D 367 -23.45 20.40 -13.51
CA TYR D 367 -23.34 19.41 -12.46
C TYR D 367 -24.71 18.85 -12.08
N LEU D 368 -24.81 17.54 -11.89
CA LEU D 368 -26.02 16.92 -11.38
C LEU D 368 -25.74 16.25 -10.06
N VAL D 369 -26.80 16.09 -9.30
CA VAL D 369 -26.72 15.51 -7.99
C VAL D 369 -27.64 14.30 -8.00
N ILE D 370 -27.10 13.15 -7.58
CA ILE D 370 -27.85 11.92 -7.48
C ILE D 370 -28.11 11.76 -6.02
N ARG D 371 -29.38 11.69 -5.68
CA ARG D 371 -29.77 11.67 -4.29
C ARG D 371 -29.82 10.27 -3.73
N SER D 372 -29.74 10.17 -2.40
CA SER D 372 -30.01 8.95 -1.68
C SER D 372 -28.93 7.91 -1.94
N THR D 373 -27.69 8.37 -1.96
CA THR D 373 -26.55 7.50 -2.26
C THR D 373 -25.63 7.35 -1.08
N GLY D 374 -26.09 7.68 0.12
CA GLY D 374 -25.28 7.56 1.31
C GLY D 374 -25.18 6.15 1.82
N ALA D 375 -26.03 5.25 1.32
CA ALA D 375 -26.01 3.86 1.73
C ALA D 375 -25.85 2.97 0.52
N TYR D 376 -24.92 2.02 0.60
CA TYR D 376 -24.65 1.09 -0.49
C TYR D 376 -24.23 1.79 -1.79
N GLY D 377 -23.49 2.88 -1.57
CA GLY D 377 -23.00 3.69 -2.66
C GLY D 377 -21.53 3.39 -2.81
N SER D 378 -20.72 4.10 -2.04
CA SER D 378 -19.30 3.91 -2.11
C SER D 378 -18.91 2.54 -1.68
N THR D 379 -19.66 1.93 -0.77
CA THR D 379 -19.29 0.60 -0.28
C THR D 379 -19.36 -0.46 -1.37
N MET D 380 -20.15 -0.22 -2.40
CA MET D 380 -20.22 -1.14 -3.51
C MET D 380 -19.43 -0.69 -4.71
N SER D 381 -18.64 0.36 -4.57
CA SER D 381 -17.93 0.88 -5.70
C SER D 381 -16.72 0.02 -6.05
N SER D 382 -16.33 0.10 -7.31
CA SER D 382 -15.19 -0.66 -7.80
C SER D 382 -14.30 0.24 -8.70
N ASN D 383 -13.31 -0.37 -9.34
CA ASN D 383 -12.41 0.29 -10.26
C ASN D 383 -12.62 -0.16 -11.70
N TYR D 384 -13.76 -0.71 -12.03
CA TYR D 384 -14.02 -1.18 -13.38
C TYR D 384 -13.69 -0.11 -14.42
N ASN D 385 -13.10 -0.53 -15.53
CA ASN D 385 -12.54 0.38 -16.56
C ASN D 385 -11.36 1.18 -16.03
N SER D 386 -10.75 0.69 -14.97
CA SER D 386 -9.60 1.37 -14.35
C SER D 386 -9.90 2.84 -14.05
N ARG D 387 -11.07 3.06 -13.45
CA ARG D 387 -11.48 4.33 -12.97
C ARG D 387 -11.14 4.40 -11.51
N CYS D 388 -10.65 5.55 -11.07
CA CYS D 388 -10.29 5.76 -9.69
C CYS D 388 -11.52 5.99 -8.87
N ARG D 389 -11.55 5.44 -7.66
CA ARG D 389 -12.70 5.66 -6.79
C ARG D 389 -12.80 7.11 -6.37
N ALA D 390 -14.05 7.52 -6.26
CA ALA D 390 -14.42 8.92 -6.04
C ALA D 390 -13.92 9.41 -4.71
N ALA D 391 -13.78 10.73 -4.63
CA ALA D 391 -13.53 11.37 -3.36
C ALA D 391 -14.83 11.37 -2.57
N GLU D 392 -14.72 11.34 -1.27
CA GLU D 392 -15.86 11.45 -0.39
C GLU D 392 -15.62 12.61 0.55
N ILE D 393 -16.65 13.44 0.72
CA ILE D 393 -16.55 14.69 1.45
C ILE D 393 -17.64 14.76 2.51
N LEU D 394 -17.27 15.19 3.71
CA LEU D 394 -18.20 15.33 4.80
C LEU D 394 -18.36 16.80 5.14
N VAL D 395 -19.60 17.29 5.03
CA VAL D 395 -19.91 18.68 5.32
C VAL D 395 -20.43 18.86 6.74
N ASP D 396 -19.85 19.84 7.43
CA ASP D 396 -20.28 20.22 8.76
C ASP D 396 -20.51 21.74 8.83
N GLY D 397 -21.78 22.11 8.91
CA GLY D 397 -22.14 23.52 8.93
C GLY D 397 -21.61 24.23 7.72
N GLU D 398 -20.52 24.96 7.92
CA GLU D 398 -19.89 25.72 6.83
C GLU D 398 -18.51 25.20 6.48
N LYS D 399 -18.15 24.06 7.05
CA LYS D 399 -16.87 23.41 6.79
C LYS D 399 -17.04 22.07 6.06
N ALA D 400 -16.20 21.88 5.05
CA ALA D 400 -16.16 20.66 4.25
C ALA D 400 -14.86 19.92 4.50
N PHE D 401 -14.94 18.65 4.87
CA PHE D 401 -13.75 17.84 5.02
C PHE D 401 -13.70 16.70 4.01
N ILE D 402 -12.53 16.50 3.43
CA ILE D 402 -12.29 15.31 2.63
C ILE D 402 -12.08 14.12 3.54
N VAL D 403 -13.05 13.21 3.55
CA VAL D 403 -13.01 12.03 4.41
C VAL D 403 -12.60 10.78 3.66
N ARG D 404 -12.55 10.88 2.34
CA ARG D 404 -11.79 9.89 1.57
C ARG D 404 -11.23 10.50 0.30
N GLU D 405 -9.90 10.47 0.19
CA GLU D 405 -9.22 11.05 -0.98
C GLU D 405 -9.51 10.24 -2.22
N ARG D 406 -9.69 10.97 -3.32
CA ARG D 406 -9.81 10.32 -4.61
C ARG D 406 -8.60 9.39 -4.80
N GLU D 407 -8.80 8.19 -5.29
CA GLU D 407 -7.66 7.33 -5.59
C GLU D 407 -6.82 7.91 -6.72
N GLU D 408 -5.51 7.68 -6.61
CA GLU D 408 -4.57 8.07 -7.63
C GLU D 408 -4.42 6.89 -8.57
N LEU D 409 -4.04 7.17 -9.81
CA LEU D 409 -3.89 6.15 -10.81
C LEU D 409 -2.99 5.03 -10.32
N LYS D 410 -1.89 5.35 -9.66
CA LYS D 410 -0.96 4.31 -9.30
C LYS D 410 -1.49 3.34 -8.26
N ASP D 411 -2.56 3.71 -7.57
CA ASP D 411 -3.22 2.79 -6.63
C ASP D 411 -3.99 1.70 -7.40
N LEU D 412 -4.27 1.93 -8.69
CA LEU D 412 -5.01 0.97 -9.48
C LEU D 412 -4.29 -0.36 -9.56
N TRP D 413 -2.98 -0.34 -9.71
CA TRP D 413 -2.21 -1.56 -9.90
C TRP D 413 -1.38 -1.91 -8.68
N ARG D 414 -1.85 -1.46 -7.52
CA ARG D 414 -1.31 -1.86 -6.23
C ARG D 414 -1.12 -3.36 -6.12
N GLY D 415 0.09 -3.77 -5.82
CA GLY D 415 0.36 -5.19 -5.61
C GLY D 415 0.53 -6.01 -6.86
N GLU D 416 0.57 -5.35 -8.01
CA GLU D 416 0.71 -6.04 -9.29
C GLU D 416 2.14 -6.15 -9.75
N HIS D 417 2.42 -7.26 -10.43
CA HIS D 417 3.76 -7.60 -10.96
C HIS D 417 3.68 -8.26 -12.34
N ILE D 418 4.54 -7.86 -13.28
CA ILE D 418 4.66 -8.61 -14.53
C ILE D 418 5.51 -9.83 -14.26
N LEU D 419 5.36 -10.83 -15.15
CA LEU D 419 6.16 -12.03 -15.09
C LEU D 419 7.57 -11.67 -15.42
N PRO D 420 8.53 -12.17 -14.63
CA PRO D 420 9.93 -12.10 -15.03
C PRO D 420 10.32 -13.31 -15.90
N ILE D 421 10.03 -13.21 -17.20
CA ILE D 421 10.44 -14.22 -18.18
C ILE D 421 11.62 -13.69 -18.95
N HIS D 422 12.49 -14.61 -19.33
CA HIS D 422 13.71 -14.31 -20.09
C HIS D 422 13.67 -14.94 -21.52
N HIS D 423 12.81 -15.96 -21.66
CA HIS D 423 12.19 -16.45 -22.93
C HIS D 423 12.29 -17.97 -22.94
S SCN E . 15.54 -2.89 0.91
C SCN E . 14.21 -3.50 1.29
N SCN E . 13.21 -3.97 1.60
S SCN F . 17.59 -10.50 8.88
C SCN F . 18.83 -10.17 8.04
N SCN F . 19.76 -9.92 7.34
S SCN G . 12.85 21.21 7.19
C SCN G . 11.52 20.74 6.59
N SCN G . 10.50 20.36 6.15
S SCN H . -6.37 6.74 10.95
C SCN H . -5.90 6.09 9.67
N SCN H . -5.53 5.64 8.65
K K I . 4.92 41.74 9.15
K K J . 6.60 -5.62 -12.13
C1 TME K . 20.03 33.14 7.11
C2 TME K . 20.68 33.31 5.75
C3 TME K . 19.75 32.79 4.68
N1 LLP L . 12.84 20.71 18.83
C2 LLP L . 13.54 21.04 17.74
C2' LLP L . 13.21 22.26 16.96
C3 LLP L . 14.63 20.20 17.23
O3 LLP L . 15.40 20.48 16.12
C4 LLP L . 14.96 19.01 17.94
C4' LLP L . 16.13 18.32 17.32
C5 LLP L . 14.18 18.74 19.15
C6 LLP L . 13.14 19.58 19.54
C5' LLP L . 14.55 17.51 19.91
OP4 LLP L . 14.01 17.55 21.21
P LLP L . 14.62 16.56 22.31
OP1 LLP L . 16.09 16.82 22.24
OP2 LLP L . 13.87 17.11 23.50
OP3 LLP L . 14.00 15.21 22.08
N LLP L . 18.07 11.60 16.72
CA LLP L . 18.99 12.13 17.76
CB LLP L . 18.45 13.27 18.58
CG LLP L . 17.36 14.11 17.96
CD LLP L . 17.94 15.04 16.95
CE LLP L . 17.78 16.50 17.35
NZ LLP L . 16.42 16.95 17.60
C LLP L . 19.17 11.04 18.77
O LLP L . 19.83 11.29 19.78
OXT LLP L . 18.67 9.93 18.66
S SCN M . 32.50 -8.07 7.14
C SCN M . 32.03 -6.96 6.20
N SCN M . 31.73 -6.14 5.44
S SCN N . 23.58 22.82 -10.60
C SCN N . 24.21 23.99 -9.90
N SCN N . 24.74 24.88 -9.36
K K O . 27.05 -34.36 6.23
K K P . 14.02 -0.04 -0.23
C1 TME Q . 48.32 -5.09 -3.37
C2 TME Q . 47.49 -5.54 -4.57
C3 TME Q . 46.73 -4.38 -5.28
C1 TME R . 31.79 -0.41 6.47
C2 TME R . 33.14 0.14 6.01
C3 TME R . 32.99 1.30 5.04
C1 TME S . 24.60 -2.65 -21.85
C2 TME S . 25.92 -2.83 -21.06
C3 TME S . 26.96 -1.71 -21.23
N1 LLP T . 28.85 -10.94 1.16
C2 LLP T . 28.67 -10.79 2.47
C2' LLP T . 28.58 -12.03 3.34
C3 LLP T . 28.55 -9.43 3.01
O3 LLP T . 28.39 -9.23 4.34
C4 LLP T . 28.66 -8.29 2.10
C4' LLP T . 28.57 -6.86 2.54
C5 LLP T . 28.86 -8.58 0.66
C6 LLP T . 28.93 -9.90 0.27
C5' LLP T . 28.96 -7.50 -0.38
OP4 LLP T . 30.02 -6.64 -0.17
P LLP T . 30.41 -5.45 -1.17
OP1 LLP T . 29.08 -4.76 -1.44
OP2 LLP T . 31.54 -4.64 -0.50
OP3 LLP T . 31.13 -6.08 -2.38
N LLP T . 26.51 -0.30 4.51
CA LLP T . 28.00 -0.32 4.17
CB LLP T . 28.35 -1.55 3.36
CG LLP T . 28.90 -2.74 4.12
CD LLP T . 28.22 -4.03 3.74
CE LLP T . 28.95 -5.24 4.38
NZ LLP T . 28.55 -6.59 3.97
C LLP T . 28.32 0.88 3.32
O LLP T . 27.44 1.63 2.92
OXT LLP T . 29.45 1.15 2.97
S SCN U . -31.07 -8.17 3.15
C SCN U . -30.90 -9.62 2.92
N SCN U . -30.81 -10.75 2.76
S SCN V . -13.02 -9.19 -32.05
C SCN V . -13.76 -9.93 -30.91
N SCN V . -14.33 -10.49 -30.04
K K W . -10.06 16.75 -40.51
N1 LLP X . -14.45 -2.97 -27.71
C2 LLP X . -15.43 -2.26 -27.16
C2' LLP X . -15.69 -0.90 -27.67
C3 LLP X . -16.25 -2.80 -26.05
O3 LLP X . -17.25 -2.09 -25.45
C4 LLP X . -15.96 -4.14 -25.58
C4' LLP X . -16.75 -4.77 -24.47
C5 LLP X . -14.88 -4.86 -26.30
C6 LLP X . -14.19 -4.24 -27.33
C5' LLP X . -14.56 -6.24 -25.86
OP4 LLP X . -15.74 -7.04 -25.96
P LLP X . -15.59 -8.62 -25.66
OP1 LLP X . -16.99 -9.18 -25.62
OP2 LLP X . -14.67 -8.96 -26.81
OP3 LLP X . -14.87 -8.61 -24.33
N LLP X . -18.96 -6.69 -18.10
CA LLP X . -19.73 -7.46 -19.12
CB LLP X . -19.06 -7.26 -20.48
CG LLP X . -19.19 -5.85 -21.03
CD LLP X . -18.29 -5.65 -22.22
CE LLP X . -18.37 -4.20 -22.62
NZ LLP X . -17.72 -3.89 -23.89
C LLP X . -19.72 -8.94 -18.77
O LLP X . -19.27 -9.34 -17.68
OXT LLP X . -20.13 -9.81 -19.57
S SCN Y . -21.03 -4.41 -25.35
C SCN Y . -22.19 -3.64 -24.82
N SCN Y . -23.08 -3.06 -24.42
K K Z . -23.33 -22.79 26.63
C1 TME AA . -11.90 21.84 1.72
C2 TME AA . -12.87 20.90 0.98
C3 TME AA . -12.72 21.06 -0.51
N1 LLP BA . -28.23 -6.34 9.49
C2 LLP BA . -27.91 -7.35 8.65
C2' LLP BA . -27.59 -8.65 9.28
C3 LLP BA . -27.90 -7.15 7.16
O3 LLP BA . -27.54 -8.19 6.33
C4 LLP BA . -28.26 -5.79 6.66
C4' LLP BA . -28.33 -5.33 5.23
C5 LLP BA . -28.61 -4.79 7.69
C6 LLP BA . -28.59 -5.13 9.05
C5' LLP BA . -28.98 -3.36 7.28
OP4 LLP BA . -30.10 -3.23 6.43
P LLP BA . -30.65 -1.78 6.08
OP1 LLP BA . -31.30 -1.14 7.29
OP2 LLP BA . -29.39 -1.02 5.72
OP3 LLP BA . -31.60 -2.09 4.92
N LLP BA . -29.82 -2.17 -1.60
CA LLP BA . -28.87 -2.79 -0.63
CB LLP BA . -29.05 -4.24 -0.13
CG LLP BA . -28.47 -4.28 1.28
CD LLP BA . -28.10 -5.66 1.75
CE LLP BA . -28.88 -6.13 2.95
NZ LLP BA . -28.15 -6.33 4.20
C LLP BA . -27.70 -2.78 -1.47
O LLP BA . -27.75 -1.79 -2.29
OXT LLP BA . -26.84 -3.71 -1.33
#